data_1VKM
#
_entry.id   1VKM
#
_cell.length_a   91.958
_cell.length_b   130.799
_cell.length_c   138.750
_cell.angle_alpha   90.00
_cell.angle_beta   90.00
_cell.angle_gamma   90.00
#
_symmetry.space_group_name_H-M   'P 21 21 21'
#
loop_
_entity.id
_entity.type
_entity.pdbx_description
1 polymer 'conserved hypothetical protein TM1464'
2 non-polymer 'MANGANESE (II) ION'
3 non-polymer 'UNKNOWN LIGAND'
4 non-polymer 1,2-ETHANEDIOL
5 water water
#
_entity_poly.entity_id   1
_entity_poly.type   'polypeptide(L)'
_entity_poly.pdbx_seq_one_letter_code
;(MSE)GSDKIHHHHHHVIIESRIEKGKPVVG(MSE)ETTVFVHGLPRKEAIELFRRAKEISREKGFQLAVIGILKGKIVA
G(MSE)SEEELEA(MSE)(MSE)REGADKVGTREIPIVVAEGKNAATTVSATIFLSRRIGIEVVVTGGTGGVHPGRVDVS
QDLTE(MSE)SSSRAVLVSSGIKSILDVEATFE(MSE)LETLEIPLVGFRTNEFPLFFSRKSGRRVPRIENVEEVLKIYE
S(MSE)KE(MSE)ELEKTL(MSE)VLNPVPEEYEIPHDEIERLLEKIELEVEGKEVTPFLLKKLVE(MSE)TNGRTLKAN
LALLEENVKLAGEIAVKLKRS
;
_entity_poly.pdbx_strand_id   A,B,C,D,E,F
#
# COMPACT_ATOMS: atom_id res chain seq x y z
N LYS A 5 0.02 4.24 -6.48
CA LYS A 5 0.63 3.34 -7.50
C LYS A 5 -0.39 2.52 -8.35
N ILE A 6 0.04 1.42 -8.96
CA ILE A 6 -0.61 0.94 -10.17
C ILE A 6 -1.90 0.17 -9.86
N HIS A 7 -2.97 0.65 -10.43
CA HIS A 7 -4.25 0.11 -10.13
C HIS A 7 -4.75 -0.55 -11.36
N HIS A 8 -5.84 -1.30 -11.21
CA HIS A 8 -6.43 -2.03 -12.32
C HIS A 8 -7.19 -1.10 -13.25
N HIS A 9 -7.46 -1.60 -14.43
CA HIS A 9 -8.24 -0.92 -15.39
C HIS A 9 -9.64 -1.49 -15.38
N HIS A 10 -10.67 -0.65 -15.31
CA HIS A 10 -12.04 -1.13 -15.25
C HIS A 10 -12.59 -1.56 -16.63
N HIS A 11 -13.32 -2.68 -16.67
CA HIS A 11 -14.00 -3.17 -17.87
C HIS A 11 -15.51 -3.22 -17.70
N HIS A 12 -15.96 -3.80 -16.57
CA HIS A 12 -17.37 -4.05 -16.36
C HIS A 12 -18.08 -2.91 -15.69
N VAL A 13 -17.36 -2.20 -14.82
CA VAL A 13 -17.96 -1.17 -14.00
C VAL A 13 -17.56 0.15 -14.60
N ILE A 14 -18.43 0.67 -15.46
CA ILE A 14 -18.24 1.96 -16.14
C ILE A 14 -18.92 3.05 -15.36
N ILE A 15 -18.12 4.04 -14.96
CA ILE A 15 -18.65 5.14 -14.17
C ILE A 15 -18.58 6.32 -15.09
N GLU A 16 -19.74 6.92 -15.34
CA GLU A 16 -19.72 8.18 -16.08
C GLU A 16 -19.91 9.30 -15.09
N SER A 17 -18.83 10.04 -14.85
CA SER A 17 -18.85 11.21 -13.98
C SER A 17 -19.08 12.47 -14.78
N ARG A 18 -20.08 13.24 -14.39
CA ARG A 18 -20.29 14.52 -15.01
C ARG A 18 -19.88 15.64 -14.09
N ILE A 19 -18.96 15.34 -13.21
CA ILE A 19 -18.46 16.29 -12.23
CA ILE A 19 -18.48 16.31 -12.25
C ILE A 19 -17.22 16.96 -12.77
N GLU A 20 -17.14 18.28 -12.61
CA GLU A 20 -15.86 18.97 -12.79
C GLU A 20 -15.10 18.85 -11.45
N LYS A 21 -13.97 18.15 -11.46
CA LYS A 21 -13.20 17.84 -10.24
C LYS A 21 -12.78 19.10 -9.47
N GLY A 22 -12.57 20.20 -10.20
CA GLY A 22 -12.15 21.47 -9.63
C GLY A 22 -13.28 22.30 -9.04
N LYS A 23 -14.50 21.81 -9.10
CA LYS A 23 -15.61 22.52 -8.53
C LYS A 23 -16.18 21.71 -7.35
N PRO A 24 -16.74 22.38 -6.35
CA PRO A 24 -17.31 21.66 -5.22
C PRO A 24 -18.44 20.71 -5.64
N VAL A 25 -18.64 19.63 -4.90
CA VAL A 25 -19.63 18.67 -5.28
C VAL A 25 -20.31 18.02 -4.05
N VAL A 26 -21.62 17.80 -4.19
CA VAL A 26 -22.43 17.09 -3.22
C VAL A 26 -23.06 15.91 -3.95
N GLY A 27 -22.86 14.71 -3.43
CA GLY A 27 -23.51 13.50 -3.93
C GLY A 27 -24.90 13.31 -3.35
N GLU A 29 -28.47 10.45 -3.42
CA GLU A 29 -29.02 9.15 -3.82
C GLU A 29 -30.13 9.35 -4.85
N THR A 30 -30.53 8.26 -5.50
CA THR A 30 -31.69 8.30 -6.39
C THR A 30 -32.96 7.74 -5.77
N THR A 31 -32.85 6.89 -4.75
CA THR A 31 -34.06 6.19 -4.31
C THR A 31 -35.11 7.17 -3.78
N VAL A 32 -34.66 8.24 -3.12
CA VAL A 32 -35.59 9.32 -2.65
C VAL A 32 -36.46 9.86 -3.82
N PHE A 33 -35.85 10.06 -5.01
CA PHE A 33 -36.59 10.56 -6.16
C PHE A 33 -37.50 9.50 -6.79
N VAL A 34 -37.05 8.24 -6.83
CA VAL A 34 -37.74 7.19 -7.57
C VAL A 34 -38.72 6.39 -6.74
N HIS A 35 -38.33 6.05 -5.51
CA HIS A 35 -39.15 5.25 -4.60
C HIS A 35 -39.69 6.04 -3.40
N GLY A 36 -39.07 7.14 -3.01
CA GLY A 36 -39.46 7.82 -1.76
C GLY A 36 -40.35 9.04 -1.86
N LEU A 37 -40.69 9.48 -3.08
CA LEU A 37 -41.49 10.66 -3.29
C LEU A 37 -42.40 10.39 -4.50
N PRO A 38 -43.56 11.05 -4.60
CA PRO A 38 -44.35 11.00 -5.84
C PRO A 38 -43.65 11.75 -6.99
N ARG A 39 -43.92 11.37 -8.24
CA ARG A 39 -43.20 11.92 -9.38
C ARG A 39 -43.17 13.46 -9.46
N LYS A 40 -44.32 14.10 -9.30
CA LYS A 40 -44.41 15.56 -9.45
C LYS A 40 -43.49 16.25 -8.44
N GLU A 41 -43.57 15.83 -7.18
CA GLU A 41 -42.76 16.46 -6.12
C GLU A 41 -41.28 16.12 -6.28
N ALA A 42 -41.00 14.90 -6.76
CA ALA A 42 -39.63 14.44 -6.95
C ALA A 42 -38.90 15.35 -7.97
N ILE A 43 -39.58 15.62 -9.07
CA ILE A 43 -38.97 16.42 -10.13
C ILE A 43 -38.89 17.88 -9.70
N GLU A 44 -39.90 18.39 -8.98
CA GLU A 44 -39.76 19.75 -8.46
C GLU A 44 -38.65 19.86 -7.45
N LEU A 45 -38.49 18.84 -6.59
CA LEU A 45 -37.31 18.81 -5.67
C LEU A 45 -35.97 18.78 -6.42
N PHE A 46 -35.86 17.95 -7.45
CA PHE A 46 -34.65 17.92 -8.27
C PHE A 46 -34.32 19.29 -8.86
N ARG A 47 -35.30 19.91 -9.46
CA ARG A 47 -35.11 21.27 -10.01
C ARG A 47 -34.72 22.34 -8.98
N ARG A 48 -35.36 22.27 -7.81
CA ARG A 48 -35.03 23.23 -6.74
C ARG A 48 -33.59 23.04 -6.21
N ALA A 49 -33.18 21.78 -6.08
CA ALA A 49 -31.82 21.45 -5.65
C ALA A 49 -30.76 21.94 -6.63
N LYS A 50 -31.04 21.84 -7.91
CA LYS A 50 -30.13 22.33 -8.95
C LYS A 50 -30.02 23.82 -8.93
N GLU A 51 -31.15 24.47 -8.74
CA GLU A 51 -31.21 25.92 -8.56
C GLU A 51 -30.36 26.36 -7.38
N ILE A 52 -30.47 25.66 -6.26
CA ILE A 52 -29.66 25.95 -5.09
C ILE A 52 -28.19 25.75 -5.43
N SER A 53 -27.91 24.67 -6.17
CA SER A 53 -26.54 24.35 -6.53
C SER A 53 -25.95 25.49 -7.36
N ARG A 54 -26.72 26.04 -8.30
CA ARG A 54 -26.24 27.14 -9.16
C ARG A 54 -26.10 28.43 -8.38
N GLU A 55 -27.05 28.72 -7.50
CA GLU A 55 -26.99 29.91 -6.63
C GLU A 55 -25.77 29.86 -5.68
N LYS A 56 -25.51 28.71 -5.02
CA LYS A 56 -24.39 28.60 -4.04
C LYS A 56 -23.03 28.17 -4.62
N GLY A 57 -22.97 27.72 -5.88
CA GLY A 57 -21.67 27.41 -6.54
C GLY A 57 -21.10 26.04 -6.23
N PHE A 58 -21.95 25.03 -6.19
CA PHE A 58 -21.52 23.66 -6.11
C PHE A 58 -22.28 22.84 -7.16
N GLN A 59 -21.77 21.65 -7.45
CA GLN A 59 -22.39 20.72 -8.37
C GLN A 59 -23.18 19.69 -7.55
N LEU A 60 -24.41 19.46 -7.95
CA LEU A 60 -25.24 18.46 -7.34
C LEU A 60 -25.17 17.21 -8.18
N ALA A 61 -24.54 16.20 -7.65
CA ALA A 61 -24.34 14.97 -8.39
C ALA A 61 -25.28 13.91 -7.87
N VAL A 62 -26.45 13.83 -8.51
CA VAL A 62 -27.41 12.75 -8.24
C VAL A 62 -26.87 11.49 -8.87
N ILE A 63 -26.77 10.44 -8.05
CA ILE A 63 -26.10 9.19 -8.42
C ILE A 63 -27.11 8.11 -8.63
N GLY A 64 -27.01 7.45 -9.77
CA GLY A 64 -27.85 6.27 -10.04
C GLY A 64 -27.21 5.40 -11.08
N ILE A 65 -27.89 4.30 -11.41
CA ILE A 65 -27.44 3.31 -12.35
C ILE A 65 -28.49 3.19 -13.47
N LEU A 66 -28.03 3.46 -14.67
CA LEU A 66 -28.82 3.42 -15.86
C LEU A 66 -28.36 2.28 -16.76
N LYS A 67 -29.21 1.28 -16.90
CA LYS A 67 -28.90 0.12 -17.69
C LYS A 67 -27.48 -0.38 -17.39
N GLY A 68 -27.17 -0.48 -16.10
CA GLY A 68 -25.92 -1.09 -15.65
C GLY A 68 -24.76 -0.13 -15.54
N LYS A 69 -24.96 1.11 -16.00
CA LYS A 69 -23.93 2.12 -16.01
C LYS A 69 -24.10 3.08 -14.84
N ILE A 70 -23.03 3.27 -14.08
CA ILE A 70 -23.04 4.18 -12.93
C ILE A 70 -22.90 5.59 -13.41
N VAL A 71 -23.90 6.41 -13.13
CA VAL A 71 -23.88 7.81 -13.57
C VAL A 71 -23.82 8.72 -12.36
N ALA A 72 -22.78 9.54 -12.32
CA ALA A 72 -22.64 10.54 -11.27
C ALA A 72 -22.90 11.95 -11.83
N GLY A 73 -24.08 12.46 -11.52
CA GLY A 73 -24.58 13.69 -12.11
C GLY A 73 -25.65 13.41 -13.13
N SER A 75 -29.20 13.74 -15.08
CA SER A 75 -29.97 14.86 -15.58
C SER A 75 -31.42 14.59 -15.24
N GLU A 76 -32.21 15.64 -15.31
CA GLU A 76 -33.66 15.57 -15.12
C GLU A 76 -34.29 14.58 -16.10
N GLU A 77 -33.87 14.60 -17.37
CA GLU A 77 -34.38 13.63 -18.36
C GLU A 77 -34.08 12.18 -18.02
N GLU A 78 -32.87 11.93 -17.50
CA GLU A 78 -32.46 10.60 -17.10
C GLU A 78 -33.27 10.13 -15.89
N LEU A 79 -33.54 11.04 -14.97
CA LEU A 79 -34.35 10.71 -13.81
C LEU A 79 -35.80 10.37 -14.21
N GLU A 80 -36.33 11.12 -15.16
CA GLU A 80 -37.67 10.83 -15.67
C GLU A 80 -37.70 9.47 -16.37
N ALA A 81 -36.66 9.15 -17.14
CA ALA A 81 -36.59 7.83 -17.80
C ALA A 81 -36.57 6.74 -16.74
N ARG A 84 -39.99 6.22 -15.33
CA ARG A 84 -40.88 5.66 -16.28
C ARG A 84 -40.56 4.20 -16.52
N GLU A 85 -39.28 3.88 -16.64
CA GLU A 85 -38.87 2.52 -16.96
C GLU A 85 -38.88 1.58 -15.75
N GLY A 86 -38.73 2.14 -14.54
CA GLY A 86 -38.57 1.35 -13.33
C GLY A 86 -37.10 1.14 -13.01
N ALA A 87 -36.82 1.05 -11.72
CA ALA A 87 -35.48 0.80 -11.20
C ALA A 87 -35.52 0.01 -9.89
N ASP A 88 -34.64 -0.96 -9.75
CA ASP A 88 -34.46 -1.70 -8.50
C ASP A 88 -34.02 -0.71 -7.44
N LYS A 89 -34.42 -0.89 -6.18
CA LYS A 89 -33.78 -0.18 -5.09
C LYS A 89 -32.52 -0.95 -4.68
N VAL A 90 -31.38 -0.29 -4.67
CA VAL A 90 -30.11 -0.92 -4.39
C VAL A 90 -29.34 -0.29 -3.28
N GLY A 91 -28.97 -1.12 -2.30
CA GLY A 91 -27.88 -0.75 -1.42
C GLY A 91 -26.58 -1.23 -1.99
N THR A 92 -25.54 -1.14 -1.17
CA THR A 92 -24.19 -1.53 -1.62
C THR A 92 -24.11 -2.91 -2.22
N ARG A 93 -24.68 -3.89 -1.54
CA ARG A 93 -24.44 -5.26 -2.00
C ARG A 93 -25.08 -5.57 -3.36
N GLU A 94 -26.09 -4.81 -3.74
CA GLU A 94 -26.83 -5.04 -4.93
C GLU A 94 -26.16 -4.37 -6.13
N ILE A 95 -25.16 -3.49 -5.93
CA ILE A 95 -24.58 -2.77 -7.05
C ILE A 95 -24.04 -3.76 -8.09
N PRO A 96 -23.29 -4.78 -7.67
CA PRO A 96 -22.66 -5.66 -8.67
C PRO A 96 -23.65 -6.43 -9.53
N ILE A 97 -24.74 -6.86 -8.92
CA ILE A 97 -25.83 -7.59 -9.55
CA ILE A 97 -25.77 -7.63 -9.59
C ILE A 97 -26.43 -6.74 -10.65
N VAL A 98 -26.77 -5.49 -10.30
CA VAL A 98 -27.42 -4.64 -11.32
C VAL A 98 -26.49 -4.16 -12.44
N VAL A 99 -25.23 -3.91 -12.09
CA VAL A 99 -24.20 -3.62 -13.07
C VAL A 99 -24.05 -4.80 -14.02
N ALA A 100 -23.90 -6.02 -13.46
CA ALA A 100 -23.73 -7.20 -14.30
C ALA A 100 -24.90 -7.45 -15.25
N GLU A 101 -26.11 -7.25 -14.75
CA GLU A 101 -27.31 -7.52 -15.52
C GLU A 101 -27.79 -6.37 -16.36
N GLY A 102 -27.13 -5.21 -16.31
CA GLY A 102 -27.47 -4.08 -17.16
C GLY A 102 -28.85 -3.51 -16.82
N LYS A 103 -29.15 -3.41 -15.54
CA LYS A 103 -30.43 -2.85 -15.05
C LYS A 103 -30.35 -1.45 -14.56
N ASN A 104 -31.49 -0.75 -14.60
CA ASN A 104 -31.62 0.52 -13.85
C ASN A 104 -31.66 0.23 -12.36
N ALA A 105 -31.08 1.11 -11.54
CA ALA A 105 -31.15 0.98 -10.11
C ALA A 105 -31.07 2.34 -9.47
N ALA A 106 -31.90 2.58 -8.46
CA ALA A 106 -31.89 3.78 -7.69
C ALA A 106 -31.19 3.45 -6.36
N THR A 107 -30.18 4.24 -6.04
CA THR A 107 -29.31 3.99 -4.90
C THR A 107 -29.87 4.52 -3.62
N THR A 108 -29.62 3.79 -2.54
CA THR A 108 -29.89 4.25 -1.20
C THR A 108 -28.67 4.96 -0.65
N VAL A 109 -28.72 5.38 0.60
CA VAL A 109 -27.55 6.03 1.23
C VAL A 109 -26.29 5.11 1.22
N SER A 110 -26.44 3.81 1.51
CA SER A 110 -25.29 2.93 1.50
C SER A 110 -24.60 2.92 0.16
N ALA A 111 -25.38 2.70 -0.90
CA ALA A 111 -24.78 2.63 -2.23
C ALA A 111 -24.20 3.96 -2.68
N THR A 112 -24.83 5.06 -2.25
CA THR A 112 -24.42 6.35 -2.64
C THR A 112 -23.10 6.73 -1.95
N ILE A 113 -22.97 6.48 -0.65
CA ILE A 113 -21.68 6.71 0.04
C ILE A 113 -20.56 5.85 -0.56
N PHE A 114 -20.87 4.58 -0.74
CA PHE A 114 -19.91 3.62 -1.31
C PHE A 114 -19.35 4.09 -2.63
N LEU A 115 -20.23 4.48 -3.56
CA LEU A 115 -19.80 4.97 -4.86
C LEU A 115 -19.14 6.33 -4.77
N SER A 116 -19.68 7.22 -3.94
CA SER A 116 -19.07 8.52 -3.78
C SER A 116 -17.59 8.37 -3.38
N ARG A 117 -17.35 7.44 -2.47
CA ARG A 117 -16.02 7.18 -1.94
C ARG A 117 -15.05 6.70 -3.01
N ARG A 118 -15.59 6.08 -4.04
CA ARG A 118 -14.77 5.57 -5.16
C ARG A 118 -14.58 6.58 -6.29
N ILE A 119 -15.36 7.65 -6.28
CA ILE A 119 -15.21 8.67 -7.28
C ILE A 119 -14.81 10.06 -6.81
N GLY A 120 -14.37 10.19 -5.55
CA GLY A 120 -13.86 11.43 -5.04
C GLY A 120 -14.88 12.43 -4.55
N ILE A 121 -16.09 11.97 -4.24
CA ILE A 121 -17.10 12.84 -3.70
C ILE A 121 -17.08 12.65 -2.20
N GLU A 122 -16.93 13.76 -1.47
CA GLU A 122 -16.73 13.69 0.00
C GLU A 122 -17.91 14.13 0.82
N VAL A 123 -18.83 14.87 0.21
CA VAL A 123 -20.04 15.33 0.88
C VAL A 123 -21.26 14.69 0.16
N VAL A 124 -22.13 14.08 0.96
CA VAL A 124 -23.37 13.42 0.54
C VAL A 124 -24.54 14.00 1.33
N VAL A 125 -25.70 14.11 0.67
CA VAL A 125 -26.90 14.61 1.32
C VAL A 125 -28.05 13.58 1.22
N THR A 126 -28.82 13.46 2.30
CA THR A 126 -30.01 12.64 2.29
C THR A 126 -31.09 13.31 3.13
N GLY A 127 -32.27 12.71 3.21
CA GLY A 127 -33.28 13.21 4.13
C GLY A 127 -33.06 12.57 5.48
N GLY A 128 -33.20 11.26 5.52
CA GLY A 128 -32.97 10.49 6.75
C GLY A 128 -32.31 9.19 6.38
N THR A 129 -31.39 8.69 7.21
CA THR A 129 -30.80 7.40 6.94
C THR A 129 -31.70 6.26 7.38
N GLY A 130 -31.42 5.08 6.84
CA GLY A 130 -31.96 3.83 7.37
C GLY A 130 -31.36 3.48 8.73
N GLY A 131 -31.80 2.38 9.33
CA GLY A 131 -31.30 2.00 10.66
C GLY A 131 -31.81 0.62 11.02
N VAL A 132 -32.04 0.44 12.30
CA VAL A 132 -32.63 -0.77 12.88
C VAL A 132 -34.12 -0.59 12.88
N HIS A 133 -34.81 -1.52 12.24
CA HIS A 133 -36.26 -1.50 12.20
C HIS A 133 -36.84 -2.12 13.48
N PRO A 134 -38.09 -1.82 13.75
CA PRO A 134 -38.77 -2.48 14.84
C PRO A 134 -38.62 -3.99 14.74
N GLY A 135 -38.36 -4.64 15.87
CA GLY A 135 -38.06 -6.07 15.91
C GLY A 135 -36.56 -6.34 16.00
N ARG A 136 -35.76 -5.38 15.54
CA ARG A 136 -34.31 -5.41 15.63
C ARG A 136 -33.62 -6.52 14.81
N VAL A 137 -34.33 -7.19 13.91
CA VAL A 137 -33.67 -8.16 13.00
C VAL A 137 -33.33 -7.52 11.64
N ASP A 138 -34.22 -6.64 11.17
CA ASP A 138 -34.08 -5.90 9.91
C ASP A 138 -33.26 -4.63 10.17
N VAL A 139 -32.05 -4.59 9.59
CA VAL A 139 -31.09 -3.52 9.81
C VAL A 139 -30.48 -3.09 8.45
N SER A 140 -30.57 -1.80 8.17
CA SER A 140 -30.11 -1.21 6.93
C SER A 140 -28.59 -1.34 6.71
N GLN A 141 -28.27 -1.66 5.47
CA GLN A 141 -26.90 -1.54 4.95
C GLN A 141 -26.33 -0.16 5.16
N ASP A 142 -27.18 0.85 5.33
CA ASP A 142 -26.66 2.19 5.64
C ASP A 142 -25.75 2.23 6.86
N LEU A 143 -26.09 1.46 7.90
CA LEU A 143 -25.24 1.45 9.09
C LEU A 143 -23.91 0.83 8.84
N THR A 144 -23.90 -0.28 8.14
CA THR A 144 -22.68 -0.96 7.79
C THR A 144 -21.78 -0.08 6.94
N GLU A 145 -22.37 0.60 5.96
CA GLU A 145 -21.57 1.44 5.06
C GLU A 145 -20.95 2.62 5.82
N SER A 147 -20.18 2.69 8.83
CA SER A 147 -19.14 2.20 9.70
CA SER A 147 -19.16 2.14 9.69
C SER A 147 -17.88 1.76 8.92
N SER A 148 -17.92 1.86 7.58
CA SER A 148 -16.87 1.35 6.69
C SER A 148 -16.26 2.36 5.77
N SER A 149 -16.99 3.46 5.54
CA SER A 149 -16.63 4.40 4.48
C SER A 149 -16.67 5.83 5.00
N ARG A 150 -15.66 6.60 4.61
CA ARG A 150 -15.57 7.97 5.08
C ARG A 150 -16.21 8.93 4.08
N ALA A 151 -16.96 9.84 4.65
CA ALA A 151 -17.71 10.87 3.92
C ALA A 151 -18.27 11.79 4.98
N VAL A 152 -18.71 12.97 4.56
CA VAL A 152 -19.58 13.82 5.38
C VAL A 152 -21.00 13.68 4.85
N LEU A 153 -21.88 13.18 5.68
CA LEU A 153 -23.29 12.98 5.31
C LEU A 153 -24.13 13.98 6.08
N VAL A 154 -24.86 14.79 5.34
CA VAL A 154 -25.87 15.69 5.92
C VAL A 154 -27.24 14.99 5.86
N SER A 155 -27.89 14.93 7.01
CA SER A 155 -29.22 14.34 7.10
C SER A 155 -29.97 14.91 8.26
N SER A 156 -31.25 14.58 8.31
CA SER A 156 -32.12 14.97 9.41
C SER A 156 -32.31 13.79 10.36
N GLY A 157 -31.19 13.13 10.64
CA GLY A 157 -31.14 11.99 11.51
C GLY A 157 -31.53 10.75 10.74
N ILE A 158 -32.30 9.92 11.41
CA ILE A 158 -32.73 8.62 10.87
C ILE A 158 -34.22 8.65 10.60
N LYS A 159 -34.68 7.81 9.71
CA LYS A 159 -36.11 7.81 9.35
C LYS A 159 -37.01 7.44 10.53
N SER A 160 -38.14 8.16 10.63
CA SER A 160 -39.06 8.02 11.75
C SER A 160 -39.71 6.64 11.97
N ILE A 161 -39.55 5.73 11.00
CA ILE A 161 -40.21 4.42 11.01
C ILE A 161 -39.37 3.35 11.72
N LEU A 162 -38.22 3.77 12.21
CA LEU A 162 -37.20 2.87 12.76
C LEU A 162 -37.34 2.67 14.29
N ASP A 163 -36.61 1.70 14.82
CA ASP A 163 -36.44 1.53 16.26
C ASP A 163 -35.41 2.55 16.62
N VAL A 164 -35.88 3.65 17.21
CA VAL A 164 -35.00 4.82 17.41
C VAL A 164 -33.90 4.55 18.42
N GLU A 165 -34.27 4.00 19.56
CA GLU A 165 -33.30 3.62 20.58
C GLU A 165 -32.25 2.65 20.04
N ALA A 166 -32.69 1.57 19.38
CA ALA A 166 -31.70 0.61 18.84
C ALA A 166 -30.77 1.24 17.81
N THR A 167 -31.32 2.06 16.91
CA THR A 167 -30.50 2.68 15.85
C THR A 167 -29.48 3.64 16.49
N PHE A 168 -29.95 4.52 17.35
CA PHE A 168 -29.07 5.51 18.03
C PHE A 168 -27.92 4.83 18.80
N GLU A 169 -28.24 3.75 19.52
CA GLU A 169 -27.24 2.97 20.21
C GLU A 169 -26.26 2.33 19.21
N LEU A 171 -25.41 3.29 16.22
CA LEU A 171 -24.52 4.32 15.62
C LEU A 171 -23.28 4.56 16.51
N GLU A 172 -23.48 4.59 17.80
CA GLU A 172 -22.33 4.67 18.74
C GLU A 172 -21.51 3.39 18.67
N THR A 173 -22.13 2.23 18.79
CA THR A 173 -21.33 0.97 18.75
C THR A 173 -20.38 0.92 17.54
N LEU A 174 -20.93 1.29 16.39
CA LEU A 174 -20.24 1.18 15.11
C LEU A 174 -19.19 2.25 14.91
N GLU A 175 -19.06 3.15 15.91
CA GLU A 175 -18.08 4.28 15.92
C GLU A 175 -18.40 5.35 14.85
N ILE A 176 -19.69 5.58 14.64
CA ILE A 176 -20.12 6.53 13.65
C ILE A 176 -20.31 7.89 14.37
N PRO A 177 -19.44 8.87 14.15
CA PRO A 177 -19.59 10.15 14.82
C PRO A 177 -20.76 10.98 14.36
N LEU A 178 -21.44 11.57 15.34
CA LEU A 178 -22.62 12.39 15.08
C LEU A 178 -22.36 13.79 15.67
N VAL A 179 -22.72 14.82 14.90
CA VAL A 179 -22.70 16.18 15.38
C VAL A 179 -23.95 16.92 14.94
N GLY A 180 -24.50 17.69 15.86
CA GLY A 180 -25.66 18.54 15.54
C GLY A 180 -25.21 19.83 14.91
N PHE A 181 -25.83 20.19 13.79
CA PHE A 181 -25.55 21.51 13.23
C PHE A 181 -26.40 22.55 13.98
N ARG A 182 -25.72 23.27 14.87
CA ARG A 182 -26.32 24.25 15.80
C ARG A 182 -27.48 23.74 16.62
N THR A 183 -27.38 22.48 17.02
CA THR A 183 -28.30 21.86 17.95
C THR A 183 -27.61 20.69 18.70
N ASN A 184 -28.04 20.46 19.92
CA ASN A 184 -27.65 19.28 20.71
C ASN A 184 -28.72 18.19 20.68
N GLU A 185 -29.79 18.37 19.89
CA GLU A 185 -30.86 17.38 19.82
C GLU A 185 -30.67 16.48 18.60
N PHE A 186 -30.62 15.17 18.80
CA PHE A 186 -30.60 14.22 17.68
C PHE A 186 -31.93 14.36 16.92
N PRO A 187 -31.93 14.80 15.65
CA PRO A 187 -33.23 14.92 14.94
C PRO A 187 -33.77 13.58 14.45
N LEU A 188 -35.08 13.55 14.22
CA LEU A 188 -35.72 12.34 13.81
C LEU A 188 -36.64 12.62 12.62
N PHE A 189 -36.01 13.07 11.54
CA PHE A 189 -36.63 13.14 10.21
C PHE A 189 -37.85 14.09 10.23
N PHE A 190 -39.06 13.54 10.33
CA PHE A 190 -40.27 14.39 10.42
C PHE A 190 -40.25 15.26 11.71
N SER A 191 -39.58 14.80 12.76
CA SER A 191 -39.55 15.46 14.06
C SER A 191 -38.22 16.12 14.36
N ARG A 192 -38.26 17.28 15.00
CA ARG A 192 -37.01 17.96 15.32
C ARG A 192 -36.30 17.30 16.52
N LYS A 193 -37.08 16.74 17.44
CA LYS A 193 -36.50 16.10 18.63
C LYS A 193 -36.78 14.58 18.67
N SER A 194 -35.79 13.86 19.20
CA SER A 194 -35.86 12.42 19.43
C SER A 194 -35.86 12.12 20.93
N GLY A 195 -35.54 13.12 21.75
CA GLY A 195 -35.20 12.91 23.13
C GLY A 195 -33.75 12.52 23.40
N ARG A 196 -32.91 12.42 22.37
CA ARG A 196 -31.51 12.03 22.58
C ARG A 196 -30.60 13.19 22.22
N ARG A 197 -29.43 13.26 22.83
CA ARG A 197 -28.55 14.43 22.73
C ARG A 197 -27.33 14.04 21.90
N VAL A 198 -26.79 15.00 21.15
CA VAL A 198 -25.54 14.85 20.44
C VAL A 198 -24.68 16.07 20.73
N PRO A 199 -23.40 15.98 20.43
CA PRO A 199 -22.54 17.15 20.49
C PRO A 199 -22.92 18.14 19.39
N ARG A 200 -22.80 19.39 19.73
CA ARG A 200 -23.15 20.46 18.83
C ARG A 200 -21.93 21.15 18.25
N ILE A 201 -22.04 21.55 16.98
CA ILE A 201 -21.10 22.46 16.36
C ILE A 201 -21.85 23.65 15.79
N GLU A 202 -21.12 24.72 15.49
CA GLU A 202 -21.69 26.03 15.23
C GLU A 202 -21.68 26.44 13.76
N ASN A 203 -20.78 25.84 12.99
CA ASN A 203 -20.59 26.25 11.61
C ASN A 203 -19.87 25.21 10.75
N VAL A 204 -19.82 25.48 9.45
CA VAL A 204 -19.23 24.56 8.48
CA VAL A 204 -19.25 24.49 8.54
C VAL A 204 -17.74 24.35 8.72
N GLU A 205 -17.08 25.39 9.23
CA GLU A 205 -15.67 25.32 9.48
C GLU A 205 -15.37 24.26 10.53
N GLU A 206 -16.20 24.16 11.56
CA GLU A 206 -16.06 23.16 12.61
C GLU A 206 -16.34 21.72 12.14
N VAL A 207 -17.30 21.56 11.22
CA VAL A 207 -17.52 20.29 10.55
C VAL A 207 -16.25 19.85 9.87
N LEU A 208 -15.64 20.75 9.10
CA LEU A 208 -14.48 20.37 8.32
C LEU A 208 -13.25 20.08 9.19
N LYS A 209 -13.11 20.74 10.35
CA LYS A 209 -12.04 20.43 11.28
C LYS A 209 -12.18 18.99 11.81
N ILE A 210 -13.40 18.58 12.15
CA ILE A 210 -13.62 17.19 12.58
C ILE A 210 -13.27 16.21 11.45
N TYR A 211 -13.75 16.51 10.25
CA TYR A 211 -13.57 15.66 9.11
C TYR A 211 -12.10 15.48 8.77
N GLU A 212 -11.39 16.59 8.72
CA GLU A 212 -9.94 16.57 8.48
C GLU A 212 -9.17 15.80 9.56
N SER A 213 -9.59 15.94 10.81
CA SER A 213 -8.98 15.19 11.89
C SER A 213 -9.19 13.70 11.66
N LYS A 215 -9.53 12.11 8.81
CA LYS A 215 -8.60 11.70 7.79
C LYS A 215 -7.21 11.51 8.31
N GLU A 216 -6.74 12.44 9.11
CA GLU A 216 -5.40 12.36 9.66
C GLU A 216 -5.21 11.16 10.55
N GLU A 218 -6.95 8.35 10.27
CA GLU A 218 -7.34 7.15 9.58
C GLU A 218 -8.57 6.54 10.26
N LEU A 219 -9.55 7.37 10.60
CA LEU A 219 -10.83 6.88 11.05
C LEU A 219 -11.75 6.85 9.83
N GLU A 220 -11.99 5.66 9.28
CA GLU A 220 -12.81 5.47 8.06
C GLU A 220 -14.27 5.20 8.46
N LYS A 221 -14.95 6.29 8.73
CA LYS A 221 -16.32 6.30 9.16
C LYS A 221 -16.99 7.51 8.57
N THR A 222 -18.29 7.42 8.42
CA THR A 222 -19.07 8.59 7.99
C THR A 222 -19.33 9.58 9.12
N LEU A 223 -19.06 10.84 8.87
CA LEU A 223 -19.45 11.87 9.82
C LEU A 223 -20.89 12.29 9.49
N VAL A 225 -23.64 14.86 9.92
CA VAL A 225 -23.96 16.24 10.30
C VAL A 225 -25.49 16.38 10.31
N LEU A 226 -26.03 16.62 11.50
CA LEU A 226 -27.47 16.51 11.72
C LEU A 226 -28.15 17.85 11.59
N ASN A 227 -29.18 17.90 10.76
CA ASN A 227 -29.87 19.13 10.46
C ASN A 227 -31.38 18.89 10.63
N PRO A 228 -32.00 19.46 11.66
CA PRO A 228 -33.45 19.24 11.88
C PRO A 228 -34.36 19.86 10.84
N VAL A 229 -35.50 19.21 10.63
CA VAL A 229 -36.55 19.75 9.77
C VAL A 229 -36.96 21.15 10.26
N PRO A 230 -37.27 22.10 9.38
CA PRO A 230 -37.80 23.40 9.87
C PRO A 230 -39.03 23.30 10.77
N GLU A 231 -39.09 24.13 11.79
CA GLU A 231 -40.12 23.97 12.80
C GLU A 231 -41.55 24.07 12.27
N GLU A 232 -41.79 24.89 11.23
CA GLU A 232 -43.11 25.07 10.68
C GLU A 232 -43.67 23.85 9.90
N TYR A 233 -42.84 22.84 9.66
CA TYR A 233 -43.28 21.60 9.04
C TYR A 233 -43.22 20.40 9.95
N GLU A 234 -42.62 20.51 11.11
CA GLU A 234 -42.33 19.31 11.88
C GLU A 234 -43.61 18.64 12.41
N ILE A 235 -43.50 17.31 12.62
CA ILE A 235 -44.59 16.54 13.16
C ILE A 235 -44.10 15.90 14.44
N PRO A 236 -44.81 16.01 15.55
CA PRO A 236 -44.32 15.37 16.77
C PRO A 236 -44.21 13.86 16.62
N HIS A 237 -43.13 13.27 17.13
CA HIS A 237 -42.91 11.83 16.92
C HIS A 237 -44.02 10.90 17.44
N ASP A 238 -44.64 11.26 18.56
CA ASP A 238 -45.67 10.44 19.14
C ASP A 238 -46.84 10.29 18.16
N GLU A 239 -47.13 11.34 17.39
CA GLU A 239 -48.18 11.25 16.37
C GLU A 239 -47.87 10.23 15.30
N ILE A 240 -46.62 10.27 14.81
CA ILE A 240 -46.13 9.34 13.78
C ILE A 240 -46.16 7.91 14.37
N GLU A 241 -45.74 7.79 15.61
CA GLU A 241 -45.75 6.46 16.28
C GLU A 241 -47.12 5.83 16.35
N ARG A 242 -48.13 6.63 16.70
CA ARG A 242 -49.48 6.12 16.84
C ARG A 242 -50.04 5.64 15.49
N LEU A 243 -49.71 6.38 14.43
CA LEU A 243 -50.09 5.98 13.06
C LEU A 243 -49.43 4.69 12.65
N LEU A 244 -48.12 4.63 12.86
CA LEU A 244 -47.37 3.44 12.52
C LEU A 244 -47.92 2.19 13.21
N GLU A 245 -48.43 2.34 14.44
CA GLU A 245 -48.98 1.18 15.19
C GLU A 245 -50.27 0.61 14.56
N LYS A 246 -50.95 1.41 13.74
CA LYS A 246 -52.17 1.01 13.00
C LYS A 246 -51.90 0.41 11.60
N ILE A 247 -50.64 0.36 11.17
CA ILE A 247 -50.29 -0.19 9.87
C ILE A 247 -49.84 -1.65 10.01
N GLU A 248 -50.46 -2.55 9.27
CA GLU A 248 -49.97 -3.91 9.16
C GLU A 248 -48.88 -3.91 8.11
N LEU A 249 -47.74 -4.47 8.46
CA LEU A 249 -46.61 -4.48 7.56
C LEU A 249 -46.76 -5.68 6.66
N GLU A 250 -47.12 -5.41 5.40
CA GLU A 250 -47.46 -6.46 4.44
C GLU A 250 -46.30 -6.79 3.50
N VAL A 251 -45.12 -6.20 3.76
CA VAL A 251 -43.98 -6.39 2.91
C VAL A 251 -42.74 -6.67 3.74
N GLU A 252 -41.68 -7.10 3.05
CA GLU A 252 -40.41 -7.38 3.71
C GLU A 252 -39.28 -6.89 2.84
N GLY A 253 -38.09 -6.90 3.41
CA GLY A 253 -36.90 -6.41 2.73
C GLY A 253 -36.94 -4.94 2.32
N LYS A 254 -36.52 -4.65 1.10
CA LYS A 254 -36.39 -3.26 0.63
C LYS A 254 -37.69 -2.48 0.48
N GLU A 255 -38.78 -3.20 0.28
CA GLU A 255 -40.08 -2.59 0.17
C GLU A 255 -40.56 -1.96 1.49
N VAL A 256 -40.01 -2.38 2.63
CA VAL A 256 -40.54 -1.91 3.95
C VAL A 256 -40.59 -0.37 4.02
N THR A 257 -39.48 0.26 3.70
CA THR A 257 -39.37 1.71 3.92
C THR A 257 -40.34 2.50 3.02
N PRO A 258 -40.32 2.30 1.70
CA PRO A 258 -41.26 3.04 0.83
C PRO A 258 -42.72 2.71 1.07
N PHE A 259 -43.00 1.46 1.47
CA PHE A 259 -44.34 1.09 1.89
C PHE A 259 -44.85 1.92 3.07
N LEU A 260 -44.05 1.98 4.13
CA LEU A 260 -44.45 2.73 5.31
C LEU A 260 -44.50 4.22 5.04
N LEU A 261 -43.58 4.74 4.25
CA LEU A 261 -43.60 6.16 3.96
C LEU A 261 -44.82 6.54 3.15
N LYS A 262 -45.18 5.69 2.19
CA LYS A 262 -46.40 5.94 1.39
C LYS A 262 -47.65 5.85 2.25
N LYS A 263 -47.76 4.83 3.09
CA LYS A 263 -48.86 4.78 4.02
C LYS A 263 -48.99 6.04 4.88
N LEU A 264 -47.88 6.58 5.36
CA LEU A 264 -47.93 7.77 6.21
C LEU A 264 -48.37 9.01 5.43
N VAL A 265 -47.97 9.12 4.17
CA VAL A 265 -48.46 10.22 3.33
C VAL A 265 -49.99 10.18 3.21
N GLU A 266 -50.52 8.97 3.00
CA GLU A 266 -51.97 8.80 2.89
C GLU A 266 -52.67 9.08 4.22
N THR A 268 -51.72 10.94 6.73
CA THR A 268 -51.64 12.33 7.15
C THR A 268 -52.00 13.33 6.03
N ASN A 269 -52.59 12.83 4.94
CA ASN A 269 -53.05 13.67 3.84
C ASN A 269 -51.94 14.61 3.35
N GLY A 270 -50.72 14.08 3.27
CA GLY A 270 -49.58 14.83 2.72
C GLY A 270 -48.73 15.60 3.71
N ARG A 271 -49.11 15.59 5.00
CA ARG A 271 -48.34 16.33 6.01
C ARG A 271 -46.87 15.87 6.05
N THR A 272 -46.68 14.54 6.02
CA THR A 272 -45.35 13.95 6.13
C THR A 272 -44.55 14.26 4.85
N LEU A 273 -45.22 14.24 3.71
CA LEU A 273 -44.59 14.57 2.43
C LEU A 273 -44.04 15.98 2.43
N LYS A 274 -44.82 16.94 2.93
CA LYS A 274 -44.37 18.32 2.99
C LYS A 274 -43.19 18.50 3.94
N ALA A 275 -43.23 17.86 5.10
CA ALA A 275 -42.06 17.79 5.98
C ALA A 275 -40.81 17.23 5.26
N ASN A 276 -40.95 16.07 4.61
CA ASN A 276 -39.88 15.38 3.90
C ASN A 276 -39.29 16.29 2.84
N LEU A 277 -40.11 17.01 2.10
CA LEU A 277 -39.57 17.88 1.03
C LEU A 277 -38.82 19.09 1.60
N ALA A 278 -39.35 19.64 2.69
CA ALA A 278 -38.75 20.76 3.39
C ALA A 278 -37.36 20.41 3.92
N LEU A 279 -37.25 19.27 4.60
CA LEU A 279 -35.96 18.87 5.18
C LEU A 279 -34.94 18.49 4.07
N LEU A 280 -35.42 17.85 3.00
CA LEU A 280 -34.54 17.55 1.85
C LEU A 280 -33.93 18.82 1.27
N GLU A 281 -34.72 19.86 1.14
CA GLU A 281 -34.25 21.12 0.53
C GLU A 281 -33.27 21.85 1.44
N GLU A 282 -33.60 21.91 2.72
CA GLU A 282 -32.66 22.55 3.70
C GLU A 282 -31.34 21.77 3.83
N ASN A 283 -31.44 20.45 3.74
CA ASN A 283 -30.27 19.58 3.84
C ASN A 283 -29.33 19.79 2.65
N VAL A 284 -29.91 19.92 1.46
CA VAL A 284 -29.15 20.30 0.24
C VAL A 284 -28.39 21.61 0.45
N LYS A 285 -29.05 22.61 1.06
CA LYS A 285 -28.40 23.90 1.31
C LYS A 285 -27.19 23.74 2.20
N LEU A 286 -27.34 23.00 3.28
CA LEU A 286 -26.23 22.83 4.25
C LEU A 286 -25.10 22.00 3.65
N ALA A 287 -25.47 20.93 2.95
CA ALA A 287 -24.46 20.11 2.25
C ALA A 287 -23.65 20.93 1.26
N GLY A 288 -24.30 21.80 0.51
CA GLY A 288 -23.61 22.66 -0.42
C GLY A 288 -22.66 23.66 0.24
N GLU A 289 -23.05 24.19 1.39
CA GLU A 289 -22.14 25.08 2.14
C GLU A 289 -20.90 24.35 2.61
N ILE A 290 -21.04 23.12 3.07
CA ILE A 290 -19.90 22.30 3.46
C ILE A 290 -19.00 21.98 2.25
N ALA A 291 -19.62 21.58 1.15
CA ALA A 291 -18.88 21.23 -0.06
C ALA A 291 -18.05 22.39 -0.63
N VAL A 292 -18.63 23.59 -0.61
CA VAL A 292 -17.96 24.78 -1.06
C VAL A 292 -16.73 25.09 -0.17
N LYS A 293 -16.88 25.02 1.15
CA LYS A 293 -15.75 25.30 2.01
C LYS A 293 -14.71 24.20 2.01
N LEU A 294 -15.14 22.96 1.82
CA LEU A 294 -14.21 21.83 1.78
C LEU A 294 -13.25 22.01 0.62
N LYS A 295 -13.81 22.41 -0.52
CA LYS A 295 -13.04 22.59 -1.73
C LYS A 295 -11.76 23.47 -1.50
N ARG A 296 -11.71 24.23 -0.39
CA ARG A 296 -10.43 24.74 0.17
C ARG A 296 -10.17 24.30 1.61
N LYS B 5 6.01 3.71 2.03
CA LYS B 5 5.45 4.77 1.12
C LYS B 5 5.11 6.08 1.87
N ILE B 6 4.90 7.10 1.03
CA ILE B 6 4.80 8.44 1.49
C ILE B 6 3.40 8.70 2.04
N HIS B 7 3.37 9.01 3.30
CA HIS B 7 2.13 9.29 3.99
C HIS B 7 1.96 10.78 4.12
N HIS B 8 0.72 11.19 4.44
CA HIS B 8 0.40 12.56 4.70
C HIS B 8 1.16 13.10 5.91
N HIS B 9 1.29 14.43 5.93
CA HIS B 9 1.85 15.16 7.05
C HIS B 9 0.72 15.77 7.84
N HIS B 10 0.70 15.53 9.16
CA HIS B 10 -0.39 15.95 10.03
C HIS B 10 -0.39 17.47 10.30
N HIS B 11 -1.59 18.09 10.34
CA HIS B 11 -1.80 19.50 10.75
C HIS B 11 -2.68 19.61 11.98
N HIS B 12 -3.86 19.00 11.92
CA HIS B 12 -4.89 19.20 12.93
C HIS B 12 -4.67 18.32 14.11
N VAL B 13 -4.18 17.12 13.86
CA VAL B 13 -4.04 16.15 14.91
C VAL B 13 -2.58 16.20 15.33
N ILE B 14 -2.34 16.91 16.44
CA ILE B 14 -1.05 16.93 17.11
C ILE B 14 -1.01 15.77 18.09
N ILE B 15 -0.05 14.88 17.89
CA ILE B 15 0.22 13.79 18.83
C ILE B 15 1.58 14.04 19.47
N GLU B 16 1.56 14.20 20.79
CA GLU B 16 2.77 14.34 21.54
C GLU B 16 3.06 13.01 22.25
N SER B 17 4.06 12.29 21.74
CA SER B 17 4.46 11.04 22.35
C SER B 17 5.66 11.27 23.26
N ARG B 18 5.52 10.83 24.51
CA ARG B 18 6.58 10.91 25.47
C ARG B 18 7.32 9.58 25.53
N ILE B 19 7.06 8.70 24.57
CA ILE B 19 7.68 7.39 24.59
C ILE B 19 9.11 7.56 24.09
N GLU B 20 10.06 6.95 24.79
CA GLU B 20 11.44 7.07 24.38
C GLU B 20 11.85 5.85 23.56
N LYS B 21 12.95 6.01 22.84
CA LYS B 21 13.51 4.96 22.03
C LYS B 21 14.17 3.92 22.94
N GLY B 22 14.16 2.67 22.49
CA GLY B 22 14.90 1.59 23.15
C GLY B 22 14.29 1.18 24.47
N LYS B 23 12.96 1.18 24.53
CA LYS B 23 12.27 0.74 25.72
C LYS B 23 10.86 0.18 25.41
N PRO B 24 10.55 -0.97 26.01
CA PRO B 24 9.19 -1.52 25.95
C PRO B 24 8.17 -0.47 26.38
N VAL B 25 6.93 -0.58 25.90
CA VAL B 25 5.89 0.37 26.28
C VAL B 25 4.51 -0.30 26.44
N VAL B 26 3.79 0.15 27.48
CA VAL B 26 2.41 -0.27 27.70
C VAL B 26 1.52 0.97 27.63
N GLY B 27 0.46 0.91 26.81
CA GLY B 27 -0.52 1.95 26.73
C GLY B 27 -1.60 1.72 27.76
N GLU B 29 -5.48 3.63 29.31
CA GLU B 29 -6.56 4.60 29.17
C GLU B 29 -6.52 5.66 30.26
N THR B 30 -7.24 6.76 30.04
CA THR B 30 -7.40 7.75 31.09
C THR B 30 -8.73 7.69 31.81
N THR B 31 -9.80 7.17 31.20
CA THR B 31 -11.08 7.29 31.86
C THR B 31 -11.12 6.56 33.22
N VAL B 32 -10.39 5.47 33.36
CA VAL B 32 -10.29 4.81 34.68
C VAL B 32 -9.84 5.78 35.78
N PHE B 33 -8.83 6.60 35.48
CA PHE B 33 -8.29 7.55 36.45
C PHE B 33 -9.22 8.72 36.64
N VAL B 34 -9.91 9.12 35.58
CA VAL B 34 -10.71 10.33 35.59
C VAL B 34 -12.18 10.08 35.96
N HIS B 35 -12.78 9.04 35.44
CA HIS B 35 -14.20 8.77 35.67
C HIS B 35 -14.44 7.49 36.49
N GLY B 36 -13.42 6.63 36.58
CA GLY B 36 -13.58 5.30 37.17
C GLY B 36 -13.12 5.11 38.60
N LEU B 37 -12.45 6.10 39.18
CA LEU B 37 -11.88 5.96 40.51
C LEU B 37 -11.97 7.28 41.21
N PRO B 38 -11.98 7.28 42.54
CA PRO B 38 -11.88 8.53 43.26
C PRO B 38 -10.48 9.11 43.07
N ARG B 39 -10.43 10.44 43.17
CA ARG B 39 -9.24 11.24 42.96
C ARG B 39 -8.03 10.66 43.67
N LYS B 40 -8.15 10.45 44.97
CA LYS B 40 -7.03 9.98 45.78
C LYS B 40 -6.52 8.62 45.32
N GLU B 41 -7.45 7.68 45.18
CA GLU B 41 -7.11 6.34 44.71
C GLU B 41 -6.52 6.36 43.27
N ALA B 42 -7.03 7.24 42.41
CA ALA B 42 -6.53 7.33 41.04
C ALA B 42 -5.10 7.84 40.97
N ILE B 43 -4.79 8.88 41.73
CA ILE B 43 -3.43 9.43 41.79
C ILE B 43 -2.46 8.45 42.46
N GLU B 44 -2.90 7.83 43.55
CA GLU B 44 -2.21 6.70 44.17
C GLU B 44 -1.87 5.59 43.15
N LEU B 45 -2.85 5.09 42.42
CA LEU B 45 -2.63 4.05 41.40
C LEU B 45 -1.64 4.44 40.29
N PHE B 46 -1.84 5.63 39.71
CA PHE B 46 -0.88 6.21 38.75
C PHE B 46 0.58 6.14 39.24
N ARG B 47 0.83 6.60 40.46
CA ARG B 47 2.16 6.53 41.06
C ARG B 47 2.66 5.09 41.22
N ARG B 48 1.78 4.18 41.65
CA ARG B 48 2.14 2.77 41.82
C ARG B 48 2.51 2.16 40.49
N ALA B 49 1.72 2.44 39.48
CA ALA B 49 1.93 1.87 38.17
C ALA B 49 3.26 2.37 37.59
N LYS B 50 3.59 3.64 37.85
CA LYS B 50 4.89 4.19 37.43
C LYS B 50 6.02 3.48 38.13
N GLU B 51 5.87 3.23 39.42
CA GLU B 51 6.88 2.49 40.18
C GLU B 51 7.13 1.11 39.58
N ILE B 52 6.06 0.37 39.32
CA ILE B 52 6.19 -0.93 38.70
C ILE B 52 6.92 -0.81 37.35
N SER B 53 6.59 0.21 36.58
CA SER B 53 7.24 0.39 35.28
C SER B 53 8.75 0.62 35.39
N ARG B 54 9.19 1.46 36.33
CA ARG B 54 10.64 1.75 36.48
C ARG B 54 11.39 0.51 36.94
N GLU B 55 10.80 -0.20 37.87
CA GLU B 55 11.40 -1.38 38.45
C GLU B 55 11.51 -2.54 37.46
N LYS B 56 10.48 -2.72 36.62
CA LYS B 56 10.40 -3.83 35.65
C LYS B 56 11.01 -3.51 34.27
N GLY B 57 11.20 -2.24 33.96
CA GLY B 57 11.92 -1.81 32.76
C GLY B 57 11.05 -1.51 31.52
N PHE B 58 9.84 -1.01 31.75
CA PHE B 58 9.02 -0.58 30.64
C PHE B 58 8.52 0.83 30.91
N GLN B 59 8.00 1.44 29.85
CA GLN B 59 7.39 2.75 29.88
C GLN B 59 5.89 2.55 29.98
N LEU B 60 5.24 3.17 30.95
CA LEU B 60 3.82 3.19 31.06
C LEU B 60 3.32 4.48 30.43
N ALA B 61 2.61 4.35 29.32
CA ALA B 61 2.14 5.49 28.55
C ALA B 61 0.64 5.65 28.77
N VAL B 62 0.29 6.48 29.74
CA VAL B 62 -1.12 6.83 29.97
C VAL B 62 -1.52 7.81 28.87
N ILE B 63 -2.59 7.46 28.14
CA ILE B 63 -2.97 8.19 26.94
C ILE B 63 -4.18 9.01 27.27
N GLY B 64 -4.15 10.30 26.95
CA GLY B 64 -5.35 11.15 27.03
C GLY B 64 -5.28 12.30 26.07
N ILE B 65 -6.33 13.13 26.11
CA ILE B 65 -6.41 14.30 25.27
C ILE B 65 -6.46 15.56 26.16
N LEU B 66 -5.46 16.42 25.98
CA LEU B 66 -5.32 17.66 26.73
C LEU B 66 -5.58 18.86 25.83
N LYS B 67 -6.73 19.52 26.03
CA LYS B 67 -7.18 20.65 25.20
C LYS B 67 -6.95 20.39 23.71
N GLY B 68 -7.39 19.22 23.27
CA GLY B 68 -7.35 18.85 21.86
C GLY B 68 -6.12 18.10 21.41
N LYS B 69 -5.10 18.06 22.26
CA LYS B 69 -3.86 17.42 21.91
C LYS B 69 -3.83 16.01 22.44
N ILE B 70 -3.48 15.04 21.60
CA ILE B 70 -3.34 13.67 22.06
C ILE B 70 -1.97 13.54 22.69
N VAL B 71 -1.94 13.09 23.93
CA VAL B 71 -0.71 12.88 24.68
C VAL B 71 -0.55 11.42 25.06
N ALA B 72 0.54 10.81 24.63
CA ALA B 72 0.91 9.45 25.04
C ALA B 72 2.05 9.49 26.03
N GLY B 73 1.71 9.24 27.29
CA GLY B 73 2.63 9.34 28.39
C GLY B 73 2.39 10.60 29.21
N SER B 75 1.76 12.98 32.47
CA SER B 75 2.37 13.10 33.79
C SER B 75 1.28 13.11 34.85
N GLU B 76 1.70 12.91 36.11
CA GLU B 76 0.78 13.04 37.23
C GLU B 76 0.12 14.41 37.22
N GLU B 77 0.92 15.45 36.99
CA GLU B 77 0.44 16.82 37.05
C GLU B 77 -0.61 17.10 36.00
N GLU B 78 -0.43 16.55 34.80
CA GLU B 78 -1.45 16.62 33.72
C GLU B 78 -2.74 15.89 34.09
N LEU B 79 -2.61 14.69 34.64
CA LEU B 79 -3.77 13.93 35.06
C LEU B 79 -4.59 14.73 36.07
N GLU B 80 -3.88 15.32 37.04
CA GLU B 80 -4.49 16.13 38.10
C GLU B 80 -5.25 17.33 37.54
N ALA B 81 -4.64 18.03 36.59
CA ALA B 81 -5.31 19.11 35.87
C ALA B 81 -6.60 18.63 35.21
N ARG B 84 -9.41 18.09 37.69
CA ARG B 84 -9.85 19.37 38.23
C ARG B 84 -10.67 20.15 37.20
N GLU B 85 -10.20 20.16 35.97
CA GLU B 85 -10.83 20.92 34.90
C GLU B 85 -12.05 20.19 34.31
N GLY B 86 -12.05 18.85 34.39
CA GLY B 86 -13.06 18.05 33.70
C GLY B 86 -12.53 17.51 32.37
N ALA B 87 -13.06 16.36 31.96
CA ALA B 87 -12.74 15.77 30.68
C ALA B 87 -13.93 14.90 30.26
N ASP B 88 -14.35 15.02 29.00
CA ASP B 88 -15.36 14.12 28.41
C ASP B 88 -14.84 12.69 28.39
N LYS B 89 -15.68 11.71 28.65
CA LYS B 89 -15.32 10.34 28.41
C LYS B 89 -15.46 10.12 26.89
N VAL B 90 -14.40 9.66 26.22
CA VAL B 90 -14.46 9.44 24.75
C VAL B 90 -14.05 8.03 24.32
N GLY B 91 -14.89 7.40 23.51
CA GLY B 91 -14.46 6.28 22.73
C GLY B 91 -13.91 6.76 21.39
N THR B 92 -13.65 5.83 20.49
CA THR B 92 -12.98 6.15 19.22
C THR B 92 -13.67 7.25 18.39
N ARG B 93 -14.98 7.13 18.23
CA ARG B 93 -15.74 8.05 17.39
C ARG B 93 -15.71 9.47 17.92
N GLU B 94 -15.56 9.65 19.23
CA GLU B 94 -15.51 10.99 19.80
C GLU B 94 -14.14 11.66 19.68
N ILE B 95 -13.06 10.93 19.41
CA ILE B 95 -11.70 11.52 19.30
C ILE B 95 -11.67 12.74 18.37
N PRO B 96 -12.16 12.63 17.14
CA PRO B 96 -12.06 13.78 16.22
C PRO B 96 -12.83 15.01 16.67
N ILE B 97 -13.94 14.77 17.36
CA ILE B 97 -14.79 15.82 17.81
C ILE B 97 -14.04 16.65 18.85
N VAL B 98 -13.44 15.96 19.83
CA VAL B 98 -12.72 16.65 20.95
C VAL B 98 -11.40 17.21 20.51
N VAL B 99 -10.75 16.55 19.55
CA VAL B 99 -9.55 17.13 18.94
C VAL B 99 -9.89 18.45 18.25
N ALA B 100 -10.91 18.46 17.40
CA ALA B 100 -11.33 19.68 16.70
C ALA B 100 -11.74 20.83 17.63
N GLU B 101 -12.41 20.49 18.72
CA GLU B 101 -12.94 21.49 19.64
C GLU B 101 -11.91 21.93 20.69
N GLY B 102 -10.77 21.26 20.77
CA GLY B 102 -9.75 21.60 21.75
C GLY B 102 -10.16 21.29 23.17
N LYS B 103 -10.85 20.19 23.38
CA LYS B 103 -11.32 19.82 24.71
C LYS B 103 -10.45 18.75 25.36
N ASN B 104 -10.46 18.74 26.70
CA ASN B 104 -9.92 17.60 27.46
C ASN B 104 -10.80 16.37 27.24
N ALA B 105 -10.19 15.21 27.16
CA ALA B 105 -10.94 13.97 27.07
C ALA B 105 -10.16 12.83 27.67
N ALA B 106 -10.89 11.97 28.36
CA ALA B 106 -10.35 10.73 28.91
C ALA B 106 -10.80 9.58 28.03
N THR B 107 -9.82 8.78 27.62
CA THR B 107 -10.05 7.67 26.66
C THR B 107 -10.55 6.40 27.34
N THR B 108 -11.48 5.74 26.69
CA THR B 108 -11.87 4.39 27.02
C THR B 108 -10.93 3.41 26.35
N VAL B 109 -11.18 2.12 26.54
CA VAL B 109 -10.40 1.10 25.86
C VAL B 109 -10.40 1.27 24.32
N SER B 110 -11.55 1.59 23.75
CA SER B 110 -11.68 1.70 22.31
C SER B 110 -10.74 2.75 21.78
N ALA B 111 -10.84 3.94 22.33
CA ALA B 111 -10.00 5.04 21.92
C ALA B 111 -8.51 4.77 22.20
N THR B 112 -8.22 4.12 23.32
CA THR B 112 -6.84 3.84 23.68
C THR B 112 -6.19 2.84 22.69
N ILE B 113 -6.90 1.77 22.32
CA ILE B 113 -6.37 0.79 21.34
C ILE B 113 -6.20 1.48 19.98
N PHE B 114 -7.21 2.22 19.57
CA PHE B 114 -7.18 2.95 18.28
C PHE B 114 -5.93 3.85 18.20
N LEU B 115 -5.73 4.66 19.23
CA LEU B 115 -4.60 5.58 19.25
C LEU B 115 -3.26 4.82 19.35
N SER B 116 -3.22 3.79 20.20
CA SER B 116 -2.01 2.99 20.41
C SER B 116 -1.54 2.42 19.07
N ARG B 117 -2.50 1.95 18.27
CA ARG B 117 -2.22 1.36 16.95
C ARG B 117 -1.61 2.37 15.99
N ARG B 118 -1.93 3.65 16.18
CA ARG B 118 -1.38 4.71 15.32
C ARG B 118 -0.08 5.28 15.79
N ILE B 119 0.35 4.92 16.97
CA ILE B 119 1.62 5.41 17.45
C ILE B 119 2.58 4.33 17.83
N GLY B 120 2.30 3.09 17.45
CA GLY B 120 3.28 2.00 17.61
C GLY B 120 3.33 1.37 18.98
N ILE B 121 2.25 1.51 19.74
CA ILE B 121 2.12 0.80 20.97
C ILE B 121 1.32 -0.47 20.70
N GLU B 122 1.88 -1.61 21.08
CA GLU B 122 1.30 -2.93 20.84
C GLU B 122 0.63 -3.59 22.04
N VAL B 123 1.01 -3.19 23.26
CA VAL B 123 0.46 -3.75 24.48
C VAL B 123 -0.33 -2.67 25.21
N VAL B 124 -1.58 -2.96 25.50
CA VAL B 124 -2.47 -2.05 26.20
C VAL B 124 -2.98 -2.77 27.44
N VAL B 125 -3.16 -2.02 28.54
CA VAL B 125 -3.70 -2.56 29.79
C VAL B 125 -4.98 -1.81 30.26
N THR B 126 -5.97 -2.57 30.71
CA THR B 126 -7.15 -2.02 31.33
C THR B 126 -7.59 -2.86 32.53
N GLY B 127 -8.70 -2.49 33.17
CA GLY B 127 -9.24 -3.32 34.22
C GLY B 127 -10.22 -4.31 33.65
N GLY B 128 -11.28 -3.78 33.06
CA GLY B 128 -12.30 -4.62 32.37
C GLY B 128 -12.80 -3.87 31.14
N THR B 129 -13.09 -4.58 30.05
CA THR B 129 -13.64 -3.90 28.87
C THR B 129 -15.12 -3.72 28.99
N GLY B 130 -15.62 -2.84 28.13
CA GLY B 130 -17.02 -2.75 27.85
C GLY B 130 -17.51 -3.95 27.06
N GLY B 131 -18.80 -3.94 26.79
CA GLY B 131 -19.41 -5.04 26.08
C GLY B 131 -20.88 -4.77 25.77
N VAL B 132 -21.67 -5.83 25.74
CA VAL B 132 -23.10 -5.75 25.53
C VAL B 132 -23.76 -5.57 26.91
N HIS B 133 -24.51 -4.49 27.04
CA HIS B 133 -25.24 -4.25 28.26
C HIS B 133 -26.54 -5.03 28.29
N PRO B 134 -27.09 -5.22 29.49
CA PRO B 134 -28.40 -5.82 29.61
C PRO B 134 -29.42 -5.12 28.73
N GLY B 135 -30.29 -5.89 28.08
CA GLY B 135 -31.21 -5.39 27.05
C GLY B 135 -30.66 -5.58 25.64
N ARG B 136 -29.34 -5.71 25.52
CA ARG B 136 -28.64 -6.01 24.28
C ARG B 136 -28.75 -4.97 23.17
N VAL B 137 -29.20 -3.73 23.46
CA VAL B 137 -29.12 -2.66 22.43
C VAL B 137 -27.93 -1.72 22.65
N ASP B 138 -27.53 -1.53 23.90
CA ASP B 138 -26.32 -0.73 24.28
C ASP B 138 -25.10 -1.61 24.17
N VAL B 139 -24.20 -1.33 23.22
CA VAL B 139 -23.01 -2.13 23.02
C VAL B 139 -21.79 -1.23 22.91
N SER B 140 -20.78 -1.50 23.74
CA SER B 140 -19.56 -0.68 23.72
C SER B 140 -18.81 -0.65 22.38
N GLN B 141 -18.33 0.55 22.01
CA GLN B 141 -17.29 0.66 20.97
C GLN B 141 -16.09 -0.23 21.18
N ASP B 142 -15.86 -0.63 22.42
CA ASP B 142 -14.74 -1.47 22.72
C ASP B 142 -14.73 -2.73 21.87
N LEU B 143 -15.91 -3.34 21.67
CA LEU B 143 -16.03 -4.55 20.88
C LEU B 143 -15.73 -4.32 19.42
N THR B 144 -16.24 -3.23 18.86
CA THR B 144 -15.98 -2.90 17.50
C THR B 144 -14.47 -2.68 17.31
N GLU B 145 -13.87 -1.91 18.24
CA GLU B 145 -12.44 -1.61 18.12
C GLU B 145 -11.58 -2.86 18.13
N SER B 147 -12.43 -5.73 17.25
CA SER B 147 -12.66 -6.50 16.02
CA SER B 147 -12.72 -6.45 16.00
C SER B 147 -12.03 -5.82 14.77
N SER B 148 -11.43 -4.66 14.97
CA SER B 148 -10.86 -3.78 13.92
C SER B 148 -9.38 -3.49 14.04
N SER B 149 -8.80 -3.64 15.23
CA SER B 149 -7.47 -3.14 15.50
C SER B 149 -6.66 -4.14 16.23
N ARG B 150 -5.41 -4.32 15.82
CA ARG B 150 -4.58 -5.33 16.45
C ARG B 150 -3.77 -4.76 17.59
N ALA B 151 -3.80 -5.47 18.71
CA ALA B 151 -3.04 -5.11 19.92
C ALA B 151 -3.13 -6.28 20.87
N VAL B 152 -2.25 -6.31 21.87
CA VAL B 152 -2.39 -7.25 22.98
C VAL B 152 -3.01 -6.48 24.12
N LEU B 153 -4.20 -6.89 24.52
CA LEU B 153 -4.88 -6.19 25.62
C LEU B 153 -4.92 -7.06 26.88
N VAL B 154 -4.32 -6.56 27.96
CA VAL B 154 -4.44 -7.23 29.23
C VAL B 154 -5.65 -6.64 29.95
N SER B 155 -6.60 -7.50 30.29
CA SER B 155 -7.73 -7.11 31.13
C SER B 155 -8.18 -8.24 32.05
N SER B 156 -9.04 -7.91 33.00
CA SER B 156 -9.72 -8.92 33.85
C SER B 156 -11.09 -9.26 33.25
N GLY B 157 -11.10 -9.49 31.95
CA GLY B 157 -12.30 -9.82 31.26
C GLY B 157 -13.15 -8.62 30.98
N ILE B 158 -14.46 -8.77 31.19
CA ILE B 158 -15.41 -7.72 30.87
C ILE B 158 -16.01 -7.22 32.17
N LYS B 159 -16.43 -5.97 32.18
CA LYS B 159 -17.01 -5.39 33.37
C LYS B 159 -18.25 -6.14 33.84
N SER B 160 -18.37 -6.29 35.14
CA SER B 160 -19.38 -7.08 35.81
C SER B 160 -20.84 -6.63 35.58
N ILE B 161 -21.01 -5.39 35.09
CA ILE B 161 -22.34 -4.79 34.85
C ILE B 161 -23.02 -5.19 33.51
N LEU B 162 -22.35 -6.07 32.77
CA LEU B 162 -22.69 -6.34 31.38
C LEU B 162 -23.58 -7.57 31.24
N ASP B 163 -24.17 -7.77 30.06
CA ASP B 163 -24.82 -9.03 29.71
C ASP B 163 -23.70 -10.00 29.36
N VAL B 164 -23.36 -10.89 30.29
CA VAL B 164 -22.15 -11.68 30.15
C VAL B 164 -22.27 -12.67 29.00
N GLU B 165 -23.39 -13.37 28.91
CA GLU B 165 -23.62 -14.32 27.80
C GLU B 165 -23.53 -13.65 26.43
N ALA B 166 -24.24 -12.54 26.29
CA ALA B 166 -24.28 -11.80 25.03
C ALA B 166 -22.89 -11.33 24.66
N THR B 167 -22.17 -10.81 25.65
CA THR B 167 -20.86 -10.28 25.38
C THR B 167 -19.89 -11.38 24.97
N PHE B 168 -19.91 -12.46 25.75
CA PHE B 168 -19.06 -13.61 25.48
C PHE B 168 -19.31 -14.20 24.10
N GLU B 169 -20.58 -14.32 23.72
CA GLU B 169 -20.89 -14.78 22.37
C GLU B 169 -20.41 -13.80 21.30
N LEU B 171 -17.91 -11.72 21.37
CA LEU B 171 -16.45 -11.79 21.22
C LEU B 171 -16.07 -12.85 20.21
N GLU B 172 -16.76 -14.00 20.25
CA GLU B 172 -16.56 -15.06 19.24
C GLU B 172 -16.98 -14.58 17.86
N THR B 173 -18.20 -14.07 17.76
CA THR B 173 -18.74 -13.63 16.44
C THR B 173 -17.78 -12.65 15.75
N LEU B 174 -17.26 -11.70 16.51
CA LEU B 174 -16.40 -10.67 15.95
C LEU B 174 -14.97 -11.14 15.65
N GLU B 175 -14.70 -12.41 15.95
CA GLU B 175 -13.38 -13.02 15.79
C GLU B 175 -12.30 -12.42 16.72
N ILE B 176 -12.66 -12.13 17.96
CA ILE B 176 -11.71 -11.64 18.95
C ILE B 176 -11.11 -12.80 19.75
N PRO B 177 -9.82 -13.10 19.53
CA PRO B 177 -9.21 -14.22 20.24
C PRO B 177 -8.98 -13.93 21.71
N LEU B 178 -9.18 -14.95 22.51
CA LEU B 178 -9.09 -14.88 23.95
C LEU B 178 -8.12 -15.95 24.45
N VAL B 179 -7.33 -15.59 25.44
CA VAL B 179 -6.54 -16.57 26.19
C VAL B 179 -6.55 -16.22 27.67
N GLY B 180 -6.67 -17.23 28.51
CA GLY B 180 -6.56 -17.06 29.95
C GLY B 180 -5.13 -17.18 30.42
N PHE B 181 -4.65 -16.16 31.13
CA PHE B 181 -3.33 -16.22 31.71
C PHE B 181 -3.34 -17.10 32.95
N ARG B 182 -2.84 -18.32 32.77
CA ARG B 182 -2.79 -19.32 33.85
C ARG B 182 -4.19 -19.61 34.41
N THR B 183 -5.18 -19.61 33.51
CA THR B 183 -6.53 -20.01 33.85
C THR B 183 -7.32 -20.38 32.60
N ASN B 184 -8.27 -21.29 32.75
CA ASN B 184 -9.19 -21.66 31.70
C ASN B 184 -10.55 -21.03 31.90
N GLU B 185 -10.67 -20.12 32.87
CA GLU B 185 -11.97 -19.49 33.12
C GLU B 185 -12.00 -18.02 32.73
N PHE B 186 -13.01 -17.65 31.95
CA PHE B 186 -13.18 -16.28 31.50
C PHE B 186 -13.50 -15.41 32.72
N PRO B 187 -12.62 -14.47 33.09
CA PRO B 187 -12.83 -13.64 34.27
C PRO B 187 -13.93 -12.57 34.08
N LEU B 188 -14.50 -12.16 35.20
CA LEU B 188 -15.54 -11.14 35.23
C LEU B 188 -15.19 -10.00 36.18
N PHE B 189 -14.04 -9.37 35.92
CA PHE B 189 -13.71 -8.10 36.55
C PHE B 189 -13.56 -8.28 38.10
N PHE B 190 -14.60 -8.01 38.90
CA PHE B 190 -14.57 -8.29 40.35
C PHE B 190 -14.54 -9.78 40.72
N SER B 191 -14.97 -10.60 39.78
CA SER B 191 -15.09 -12.05 39.97
C SER B 191 -14.14 -12.85 39.09
N ARG B 192 -13.64 -13.96 39.65
CA ARG B 192 -12.80 -14.89 38.90
C ARG B 192 -13.66 -15.83 38.05
N LYS B 193 -14.85 -16.18 38.55
CA LYS B 193 -15.69 -17.28 38.03
C LYS B 193 -16.80 -16.79 37.09
N SER B 194 -16.79 -17.30 35.87
CA SER B 194 -17.87 -17.09 34.89
C SER B 194 -18.61 -18.40 34.55
N GLY B 195 -17.97 -19.54 34.77
CA GLY B 195 -18.40 -20.81 34.20
C GLY B 195 -18.21 -20.90 32.70
N ARG B 196 -17.47 -19.95 32.12
CA ARG B 196 -17.21 -19.88 30.67
C ARG B 196 -15.74 -20.12 30.44
N ARG B 197 -15.44 -21.00 29.48
CA ARG B 197 -14.08 -21.53 29.29
C ARG B 197 -13.34 -20.76 28.22
N VAL B 198 -12.06 -20.58 28.45
CA VAL B 198 -11.14 -20.05 27.47
C VAL B 198 -9.88 -20.95 27.47
N PRO B 199 -9.09 -20.92 26.39
CA PRO B 199 -7.83 -21.63 26.37
C PRO B 199 -6.85 -21.02 27.35
N ARG B 200 -6.09 -21.88 28.02
CA ARG B 200 -5.19 -21.46 29.08
C ARG B 200 -3.79 -21.42 28.51
N ILE B 201 -3.09 -20.33 28.80
CA ILE B 201 -1.70 -20.23 28.45
C ILE B 201 -0.92 -20.08 29.76
N GLU B 202 0.36 -20.45 29.70
CA GLU B 202 1.12 -20.59 30.91
C GLU B 202 2.11 -19.44 31.14
N ASN B 203 2.51 -18.75 30.08
CA ASN B 203 3.53 -17.70 30.20
C ASN B 203 3.45 -16.66 29.09
N VAL B 204 4.24 -15.61 29.24
CA VAL B 204 4.30 -14.53 28.27
C VAL B 204 4.84 -14.96 26.91
N GLU B 205 5.72 -15.95 26.89
CA GLU B 205 6.24 -16.48 25.64
C GLU B 205 5.10 -17.03 24.76
N GLU B 206 4.16 -17.76 25.38
CA GLU B 206 2.97 -18.26 24.66
C GLU B 206 2.09 -17.11 24.08
N VAL B 207 1.93 -16.04 24.86
CA VAL B 207 1.22 -14.85 24.35
C VAL B 207 1.89 -14.32 23.08
N LEU B 208 3.20 -14.17 23.13
CA LEU B 208 3.95 -13.61 22.01
C LEU B 208 3.86 -14.48 20.77
N LYS B 209 3.88 -15.79 20.95
CA LYS B 209 3.70 -16.73 19.84
C LYS B 209 2.36 -16.58 19.15
N ILE B 210 1.30 -16.51 19.94
CA ILE B 210 -0.02 -16.29 19.37
C ILE B 210 -0.10 -14.96 18.61
N TYR B 211 0.37 -13.88 19.23
CA TYR B 211 0.36 -12.54 18.64
C TYR B 211 1.16 -12.46 17.36
N GLU B 212 2.39 -13.01 17.37
CA GLU B 212 3.21 -13.02 16.15
C GLU B 212 2.56 -13.84 15.05
N SER B 213 1.93 -14.94 15.38
CA SER B 213 1.12 -15.67 14.38
C SER B 213 -0.03 -14.83 13.75
N LYS B 215 -0.03 -11.54 13.38
CA LYS B 215 0.59 -10.61 12.43
C LYS B 215 0.89 -11.30 11.12
N GLU B 216 1.50 -12.48 11.20
CA GLU B 216 1.92 -13.16 10.01
C GLU B 216 0.71 -13.51 9.14
N GLU B 218 -2.16 -11.83 8.98
CA GLU B 218 -2.94 -10.63 8.71
C GLU B 218 -4.32 -10.71 9.42
N LEU B 219 -4.29 -11.12 10.69
CA LEU B 219 -5.54 -11.09 11.50
C LEU B 219 -5.52 -9.82 12.31
N GLU B 220 -6.34 -8.86 11.92
CA GLU B 220 -6.33 -7.52 12.56
C GLU B 220 -7.43 -7.48 13.60
N LYS B 221 -7.10 -8.03 14.77
CA LYS B 221 -7.99 -8.18 15.89
C LYS B 221 -7.17 -8.01 17.14
N THR B 222 -7.81 -7.58 18.21
CA THR B 222 -7.16 -7.51 19.48
C THR B 222 -7.13 -8.92 20.14
N LEU B 223 -5.95 -9.27 20.69
CA LEU B 223 -5.80 -10.48 21.50
C LEU B 223 -6.05 -10.11 22.94
N VAL B 225 -5.71 -11.00 26.61
CA VAL B 225 -5.02 -11.78 27.62
C VAL B 225 -5.75 -11.51 28.92
N LEU B 226 -6.39 -12.57 29.41
CA LEU B 226 -7.36 -12.50 30.52
C LEU B 226 -6.70 -12.83 31.85
N ASN B 227 -6.66 -11.83 32.72
CA ASN B 227 -5.98 -11.95 34.00
C ASN B 227 -7.01 -11.71 35.11
N PRO B 228 -7.38 -12.76 35.86
CA PRO B 228 -8.38 -12.60 36.89
C PRO B 228 -7.90 -11.74 38.05
N VAL B 229 -8.84 -11.09 38.70
CA VAL B 229 -8.59 -10.41 39.98
C VAL B 229 -7.90 -11.38 40.96
N PRO B 230 -6.97 -10.91 41.81
CA PRO B 230 -6.46 -11.76 42.88
C PRO B 230 -7.59 -12.31 43.77
N GLU B 231 -7.43 -13.56 44.17
CA GLU B 231 -8.40 -14.22 45.02
C GLU B 231 -8.73 -13.43 46.31
N GLU B 232 -7.76 -12.78 46.96
CA GLU B 232 -8.05 -12.08 48.23
C GLU B 232 -9.00 -10.88 48.07
N TYR B 233 -9.10 -10.35 46.85
CA TYR B 233 -9.98 -9.23 46.53
C TYR B 233 -11.27 -9.66 45.81
N GLU B 234 -11.41 -10.95 45.55
CA GLU B 234 -12.48 -11.40 44.69
C GLU B 234 -13.83 -11.24 45.37
N ILE B 235 -14.83 -10.86 44.58
CA ILE B 235 -16.22 -10.95 44.99
C ILE B 235 -16.91 -11.93 44.02
N PRO B 236 -17.64 -12.91 44.55
CA PRO B 236 -18.51 -13.76 43.71
C PRO B 236 -19.48 -12.99 42.77
N HIS B 237 -19.59 -13.38 41.51
CA HIS B 237 -20.45 -12.64 40.57
C HIS B 237 -21.92 -12.59 41.02
N ASP B 238 -22.43 -13.69 41.56
CA ASP B 238 -23.85 -13.73 41.97
C ASP B 238 -24.16 -12.65 43.01
N GLU B 239 -23.16 -12.37 43.85
CA GLU B 239 -23.28 -11.33 44.84
C GLU B 239 -23.35 -9.96 44.16
N ILE B 240 -22.54 -9.77 43.12
CA ILE B 240 -22.58 -8.53 42.33
C ILE B 240 -23.93 -8.39 41.62
N GLU B 241 -24.38 -9.49 41.02
CA GLU B 241 -25.64 -9.49 40.29
C GLU B 241 -26.78 -9.12 41.24
N ARG B 242 -26.82 -9.76 42.40
CA ARG B 242 -27.89 -9.49 43.34
C ARG B 242 -27.98 -7.98 43.61
N LEU B 243 -26.83 -7.30 43.65
CA LEU B 243 -26.81 -5.88 44.01
C LEU B 243 -27.26 -5.02 42.83
N LEU B 244 -26.80 -5.39 41.63
CA LEU B 244 -27.20 -4.70 40.40
C LEU B 244 -28.72 -4.73 40.19
N GLU B 245 -29.36 -5.81 40.62
CA GLU B 245 -30.83 -5.95 40.52
C GLU B 245 -31.59 -4.96 41.37
N LYS B 246 -30.94 -4.42 42.40
CA LYS B 246 -31.55 -3.40 43.26
C LYS B 246 -31.37 -1.96 42.71
N ILE B 247 -30.67 -1.82 41.57
CA ILE B 247 -30.44 -0.50 40.99
C ILE B 247 -31.42 -0.17 39.86
N GLU B 248 -32.09 0.97 40.01
CA GLU B 248 -32.81 1.59 38.89
C GLU B 248 -31.74 2.28 38.05
N LEU B 249 -31.68 1.94 36.77
CA LEU B 249 -30.69 2.57 35.89
C LEU B 249 -31.29 3.90 35.49
N GLU B 250 -30.74 4.99 36.01
CA GLU B 250 -31.37 6.29 35.87
C GLU B 250 -30.79 7.12 34.73
N VAL B 251 -29.85 6.53 33.97
CA VAL B 251 -29.02 7.26 33.02
C VAL B 251 -28.85 6.42 31.73
N GLU B 252 -28.37 7.07 30.67
CA GLU B 252 -28.17 6.40 29.39
C GLU B 252 -26.86 6.82 28.76
N GLY B 253 -26.42 6.08 27.75
CA GLY B 253 -25.20 6.44 27.04
C GLY B 253 -23.97 6.22 27.88
N LYS B 254 -22.97 7.11 27.75
CA LYS B 254 -21.67 6.91 28.37
C LYS B 254 -21.71 6.89 29.90
N GLU B 255 -22.72 7.55 30.45
CA GLU B 255 -22.88 7.66 31.88
C GLU B 255 -23.24 6.35 32.58
N VAL B 256 -23.75 5.38 31.82
CA VAL B 256 -24.19 4.10 32.41
C VAL B 256 -23.08 3.43 33.24
N THR B 257 -21.90 3.28 32.67
CA THR B 257 -20.87 2.47 33.31
C THR B 257 -20.41 3.08 34.64
N PRO B 258 -19.95 4.34 34.66
CA PRO B 258 -19.56 4.97 35.91
C PRO B 258 -20.68 5.07 36.96
N PHE B 259 -21.90 5.36 36.50
CA PHE B 259 -23.06 5.43 37.37
C PHE B 259 -23.23 4.14 38.17
N LEU B 260 -23.10 3.01 37.48
CA LEU B 260 -23.27 1.71 38.11
C LEU B 260 -22.05 1.32 38.94
N LEU B 261 -20.83 1.62 38.50
CA LEU B 261 -19.68 1.26 39.34
C LEU B 261 -19.67 2.05 40.65
N LYS B 262 -20.05 3.33 40.59
CA LYS B 262 -20.15 4.16 41.81
C LYS B 262 -21.13 3.58 42.77
N LYS B 263 -22.31 3.22 42.26
CA LYS B 263 -23.36 2.67 43.11
C LYS B 263 -22.83 1.41 43.79
N LEU B 264 -22.04 0.62 43.05
CA LEU B 264 -21.51 -0.61 43.62
C LEU B 264 -20.48 -0.29 44.72
N VAL B 265 -19.61 0.71 44.52
CA VAL B 265 -18.72 1.19 45.60
C VAL B 265 -19.51 1.52 46.89
N GLU B 266 -20.58 2.28 46.69
CA GLU B 266 -21.45 2.72 47.79
C GLU B 266 -22.12 1.54 48.51
N THR B 268 -21.35 -1.53 48.53
CA THR B 268 -20.42 -2.57 48.91
C THR B 268 -19.42 -2.09 49.97
N ASN B 269 -19.54 -0.82 50.38
CA ASN B 269 -18.66 -0.17 51.36
C ASN B 269 -17.18 -0.13 50.98
N GLY B 270 -16.90 0.29 49.75
CA GLY B 270 -15.53 0.37 49.23
C GLY B 270 -14.96 -0.92 48.66
N ARG B 271 -15.66 -2.04 48.83
CA ARG B 271 -15.17 -3.37 48.46
C ARG B 271 -14.81 -3.53 46.98
N THR B 272 -15.71 -3.08 46.10
CA THR B 272 -15.44 -3.08 44.67
C THR B 272 -14.29 -2.13 44.31
N LEU B 273 -14.19 -0.97 44.97
CA LEU B 273 -13.08 -0.04 44.74
C LEU B 273 -11.75 -0.72 45.02
N LYS B 274 -11.67 -1.44 46.13
CA LYS B 274 -10.45 -2.19 46.49
C LYS B 274 -10.13 -3.32 45.51
N ALA B 275 -11.14 -4.07 45.07
CA ALA B 275 -10.93 -5.10 44.02
C ALA B 275 -10.44 -4.51 42.71
N ASN B 276 -11.14 -3.47 42.26
CA ASN B 276 -10.78 -2.73 41.08
C ASN B 276 -9.32 -2.27 41.07
N LEU B 277 -8.87 -1.70 42.17
CA LEU B 277 -7.50 -1.21 42.32
C LEU B 277 -6.44 -2.34 42.28
N ALA B 278 -6.77 -3.48 42.88
CA ALA B 278 -5.91 -4.66 42.91
C ALA B 278 -5.77 -5.27 41.52
N LEU B 279 -6.87 -5.40 40.78
CA LEU B 279 -6.76 -6.01 39.45
C LEU B 279 -6.03 -5.09 38.44
N LEU B 280 -6.24 -3.78 38.58
CA LEU B 280 -5.57 -2.80 37.73
C LEU B 280 -4.08 -2.88 37.95
N GLU B 281 -3.67 -3.01 39.22
CA GLU B 281 -2.23 -3.12 39.53
C GLU B 281 -1.63 -4.43 38.99
N GLU B 282 -2.32 -5.56 39.18
CA GLU B 282 -1.83 -6.85 38.67
C GLU B 282 -1.80 -6.89 37.14
N ASN B 283 -2.79 -6.26 36.53
CA ASN B 283 -2.83 -6.20 35.09
C ASN B 283 -1.66 -5.39 34.53
N VAL B 284 -1.32 -4.28 35.20
CA VAL B 284 -0.13 -3.49 34.83
C VAL B 284 1.15 -4.32 34.85
N LYS B 285 1.34 -5.13 35.88
CA LYS B 285 2.51 -6.01 35.98
C LYS B 285 2.59 -6.97 34.79
N LEU B 286 1.47 -7.62 34.47
CA LEU B 286 1.42 -8.61 33.41
C LEU B 286 1.67 -7.98 32.05
N ALA B 287 1.00 -6.87 31.78
CA ALA B 287 1.20 -6.10 30.57
C ALA B 287 2.68 -5.68 30.45
N GLY B 288 3.30 -5.25 31.54
CA GLY B 288 4.73 -4.92 31.51
C GLY B 288 5.64 -6.09 31.14
N GLU B 289 5.35 -7.27 31.67
CA GLU B 289 6.13 -8.48 31.31
C GLU B 289 5.99 -8.77 29.83
N ILE B 290 4.77 -8.63 29.31
CA ILE B 290 4.52 -8.87 27.89
C ILE B 290 5.30 -7.86 27.04
N ALA B 291 5.20 -6.58 27.43
CA ALA B 291 5.84 -5.51 26.69
C ALA B 291 7.34 -5.74 26.62
N VAL B 292 7.93 -6.15 27.73
CA VAL B 292 9.38 -6.30 27.78
C VAL B 292 9.82 -7.43 26.86
N LYS B 293 9.11 -8.55 26.89
CA LYS B 293 9.50 -9.71 26.07
C LYS B 293 9.15 -9.54 24.57
N LEU B 294 8.12 -8.76 24.29
CA LEU B 294 7.76 -8.49 22.92
C LEU B 294 8.91 -7.79 22.22
N LYS B 295 9.48 -6.80 22.92
CA LYS B 295 10.51 -5.92 22.38
C LYS B 295 11.73 -6.72 21.93
N ARG B 296 12.02 -7.82 22.62
CA ARG B 296 13.04 -8.77 22.19
C ARG B 296 12.52 -9.61 21.02
N LYS C 5 5.25 -3.35 -1.82
CA LYS C 5 5.31 -4.72 -2.42
C LYS C 5 6.13 -5.70 -1.57
N ILE C 6 7.16 -5.24 -0.85
CA ILE C 6 7.97 -6.12 -0.01
C ILE C 6 7.26 -6.48 1.29
N HIS C 7 6.88 -7.73 1.39
CA HIS C 7 6.09 -8.22 2.49
C HIS C 7 7.00 -8.93 3.48
N HIS C 8 6.44 -9.28 4.64
CA HIS C 8 7.19 -10.01 5.67
C HIS C 8 7.50 -11.44 5.27
N HIS C 9 8.52 -11.99 5.90
CA HIS C 9 8.89 -13.40 5.71
C HIS C 9 8.32 -14.15 6.91
N HIS C 10 7.49 -15.16 6.65
CA HIS C 10 6.89 -15.94 7.72
C HIS C 10 7.89 -16.80 8.47
N HIS C 11 7.63 -16.99 9.75
CA HIS C 11 8.37 -17.94 10.57
C HIS C 11 7.42 -18.90 11.31
N HIS C 12 6.41 -18.37 11.99
CA HIS C 12 5.49 -19.20 12.80
C HIS C 12 4.36 -19.84 12.01
N VAL C 13 3.88 -19.14 11.00
CA VAL C 13 2.74 -19.62 10.24
C VAL C 13 3.27 -20.26 8.96
N ILE C 14 3.40 -21.58 8.99
CA ILE C 14 3.84 -22.35 7.84
C ILE C 14 2.65 -22.87 7.03
N ILE C 15 2.58 -22.45 5.78
CA ILE C 15 1.52 -22.89 4.89
CA ILE C 15 1.52 -22.87 4.87
C ILE C 15 2.12 -23.84 3.89
N GLU C 16 1.55 -25.03 3.82
CA GLU C 16 1.93 -25.95 2.83
C GLU C 16 0.80 -26.04 1.84
N SER C 17 1.02 -25.40 0.68
CA SER C 17 0.04 -25.38 -0.40
C SER C 17 0.45 -26.34 -1.47
N ARG C 18 -0.43 -27.27 -1.75
CA ARG C 18 -0.21 -28.22 -2.79
C ARG C 18 -0.92 -27.81 -4.07
N ILE C 19 -1.24 -26.52 -4.20
CA ILE C 19 -2.03 -26.01 -5.32
C ILE C 19 -1.14 -25.39 -6.40
N GLU C 20 -1.23 -25.95 -7.60
CA GLU C 20 -0.69 -25.28 -8.80
C GLU C 20 -1.42 -23.94 -9.12
N LYS C 21 -0.66 -22.85 -9.12
CA LYS C 21 -1.15 -21.49 -9.36
C LYS C 21 -1.82 -21.36 -10.72
N GLY C 22 -1.31 -22.07 -11.71
CA GLY C 22 -1.86 -21.97 -13.05
C GLY C 22 -3.08 -22.81 -13.38
N LYS C 23 -3.74 -23.40 -12.37
CA LYS C 23 -4.79 -24.42 -12.58
C LYS C 23 -5.98 -24.12 -11.67
N PRO C 24 -7.19 -24.46 -12.11
CA PRO C 24 -8.41 -24.10 -11.33
C PRO C 24 -8.32 -24.77 -9.98
N VAL C 25 -8.85 -24.12 -8.94
CA VAL C 25 -8.88 -24.66 -7.59
C VAL C 25 -10.17 -24.28 -6.85
N VAL C 26 -10.66 -25.24 -6.07
CA VAL C 26 -11.76 -25.04 -5.16
C VAL C 26 -11.26 -25.43 -3.76
N GLY C 27 -11.40 -24.50 -2.84
CA GLY C 27 -11.12 -24.73 -1.45
C GLY C 27 -12.29 -25.33 -0.71
N GLU C 29 -13.59 -26.82 3.40
CA GLU C 29 -13.39 -26.88 4.84
C GLU C 29 -13.08 -28.30 5.27
N THR C 30 -12.50 -28.47 6.46
CA THR C 30 -12.31 -29.82 7.05
C THR C 30 -13.35 -30.25 8.08
N THR C 31 -14.06 -29.32 8.70
CA THR C 31 -14.95 -29.68 9.77
C THR C 31 -16.10 -30.54 9.27
N VAL C 32 -16.57 -30.33 8.04
CA VAL C 32 -17.60 -31.22 7.49
C VAL C 32 -17.17 -32.70 7.53
N PHE C 33 -15.92 -32.98 7.21
CA PHE C 33 -15.40 -34.35 7.21
C PHE C 33 -15.11 -34.85 8.61
N VAL C 34 -14.59 -33.99 9.48
CA VAL C 34 -14.13 -34.42 10.79
C VAL C 34 -15.24 -34.40 11.85
N HIS C 35 -16.07 -33.36 11.85
CA HIS C 35 -17.13 -33.20 12.84
C HIS C 35 -18.56 -33.30 12.30
N GLY C 36 -18.76 -33.15 10.99
CA GLY C 36 -20.12 -33.03 10.43
C GLY C 36 -20.74 -34.29 9.78
N LEU C 37 -19.95 -35.35 9.65
CA LEU C 37 -20.36 -36.56 8.98
C LEU C 37 -19.76 -37.74 9.70
N PRO C 38 -20.38 -38.92 9.62
CA PRO C 38 -19.74 -40.12 10.13
C PRO C 38 -18.53 -40.49 9.27
N ARG C 39 -17.54 -41.08 9.92
CA ARG C 39 -16.26 -41.41 9.27
C ARG C 39 -16.38 -42.04 7.86
N LYS C 40 -17.13 -43.13 7.74
CA LYS C 40 -17.22 -43.87 6.47
C LYS C 40 -17.71 -42.94 5.37
N GLU C 41 -18.85 -42.28 5.60
CA GLU C 41 -19.40 -41.35 4.60
C GLU C 41 -18.51 -40.15 4.38
N ALA C 42 -17.82 -39.69 5.42
CA ALA C 42 -16.84 -38.62 5.26
C ALA C 42 -15.70 -38.96 4.28
N ILE C 43 -15.17 -40.19 4.33
CA ILE C 43 -14.09 -40.58 3.44
C ILE C 43 -14.61 -40.89 2.04
N GLU C 44 -15.82 -41.48 1.96
CA GLU C 44 -16.48 -41.71 0.67
C GLU C 44 -16.71 -40.40 -0.08
N LEU C 45 -17.16 -39.36 0.65
CA LEU C 45 -17.36 -38.02 0.04
C LEU C 45 -16.05 -37.41 -0.45
N PHE C 46 -14.98 -37.62 0.30
CA PHE C 46 -13.71 -37.02 -0.04
C PHE C 46 -13.29 -37.64 -1.37
N ARG C 47 -13.41 -38.96 -1.44
CA ARG C 47 -13.01 -39.69 -2.61
C ARG C 47 -13.86 -39.26 -3.81
N ARG C 48 -15.16 -39.15 -3.61
CA ARG C 48 -16.06 -38.71 -4.69
C ARG C 48 -15.72 -37.28 -5.16
N ALA C 49 -15.44 -36.38 -4.22
CA ALA C 49 -15.06 -35.00 -4.59
C ALA C 49 -13.79 -35.00 -5.41
N LYS C 50 -12.83 -35.82 -5.02
CA LYS C 50 -11.58 -35.93 -5.79
C LYS C 50 -11.89 -36.47 -7.20
N GLU C 51 -12.75 -37.47 -7.27
CA GLU C 51 -13.17 -37.99 -8.57
C GLU C 51 -13.75 -36.87 -9.43
N ILE C 52 -14.67 -36.09 -8.87
CA ILE C 52 -15.29 -34.99 -9.63
C ILE C 52 -14.19 -34.00 -10.07
N SER C 53 -13.21 -33.77 -9.21
CA SER C 53 -12.13 -32.83 -9.55
C SER C 53 -11.33 -33.29 -10.82
N ARG C 54 -11.04 -34.58 -10.89
CA ARG C 54 -10.39 -35.19 -12.06
C ARG C 54 -11.31 -35.09 -13.29
N GLU C 55 -12.58 -35.45 -13.12
CA GLU C 55 -13.55 -35.40 -14.20
C GLU C 55 -13.65 -34.02 -14.81
N LYS C 56 -13.66 -32.98 -13.97
CA LYS C 56 -13.91 -31.61 -14.41
C LYS C 56 -12.65 -30.80 -14.64
N GLY C 57 -11.50 -31.27 -14.15
CA GLY C 57 -10.23 -30.58 -14.38
C GLY C 57 -9.98 -29.43 -13.42
N PHE C 58 -10.28 -29.63 -12.12
CA PHE C 58 -9.87 -28.65 -11.12
C PHE C 58 -9.21 -29.36 -9.98
N GLN C 59 -8.48 -28.60 -9.16
CA GLN C 59 -7.83 -29.15 -7.96
C GLN C 59 -8.74 -28.92 -6.77
N LEU C 60 -9.03 -29.98 -6.03
CA LEU C 60 -9.81 -29.85 -4.81
C LEU C 60 -8.83 -29.63 -3.67
N ALA C 61 -8.92 -28.48 -3.02
CA ALA C 61 -8.00 -28.12 -1.95
C ALA C 61 -8.72 -28.17 -0.62
N VAL C 62 -8.79 -29.35 -0.02
CA VAL C 62 -9.25 -29.46 1.34
C VAL C 62 -8.21 -28.84 2.28
N ILE C 63 -8.70 -27.91 3.11
CA ILE C 63 -7.88 -27.11 4.02
C ILE C 63 -8.07 -27.56 5.46
N GLY C 64 -6.93 -27.80 6.10
CA GLY C 64 -6.93 -28.10 7.52
C GLY C 64 -5.62 -27.72 8.17
N ILE C 65 -5.56 -27.90 9.49
CA ILE C 65 -4.31 -27.63 10.23
C ILE C 65 -3.83 -28.92 10.87
N LEU C 66 -2.61 -29.33 10.51
CA LEU C 66 -1.98 -30.57 10.98
C LEU C 66 -0.81 -30.21 11.87
N LYS C 67 -0.98 -30.49 13.14
CA LYS C 67 0.02 -30.17 14.17
C LYS C 67 0.56 -28.74 13.99
N GLY C 68 -0.35 -27.80 13.77
CA GLY C 68 -0.05 -26.36 13.65
C GLY C 68 0.31 -25.86 12.26
N LYS C 69 0.46 -26.78 11.32
CA LYS C 69 0.78 -26.43 9.96
C LYS C 69 -0.49 -26.34 9.12
N ILE C 70 -0.66 -25.25 8.41
CA ILE C 70 -1.84 -25.12 7.55
C ILE C 70 -1.53 -25.84 6.25
N VAL C 71 -2.41 -26.75 5.89
CA VAL C 71 -2.27 -27.55 4.69
C VAL C 71 -3.44 -27.22 3.75
N ALA C 72 -3.11 -26.75 2.54
CA ALA C 72 -4.14 -26.59 1.48
C ALA C 72 -3.95 -27.68 0.44
N GLY C 73 -4.91 -28.60 0.39
CA GLY C 73 -4.77 -29.81 -0.46
C GLY C 73 -4.39 -31.04 0.34
N SER C 75 -4.44 -34.77 1.86
CA SER C 75 -4.68 -36.09 1.31
C SER C 75 -5.68 -36.87 2.17
N GLU C 76 -6.19 -37.98 1.64
CA GLU C 76 -7.07 -38.87 2.40
C GLU C 76 -6.39 -39.34 3.67
N GLU C 77 -5.11 -39.67 3.56
CA GLU C 77 -4.42 -40.27 4.72
C GLU C 77 -4.28 -39.23 5.83
N GLU C 78 -4.02 -37.98 5.43
CA GLU C 78 -3.94 -36.87 6.37
C GLU C 78 -5.28 -36.61 7.07
N LEU C 79 -6.35 -36.64 6.30
CA LEU C 79 -7.68 -36.48 6.84
C LEU C 79 -8.04 -37.60 7.83
N GLU C 80 -7.77 -38.84 7.43
CA GLU C 80 -7.94 -39.98 8.36
C GLU C 80 -7.12 -39.82 9.63
N ALA C 81 -5.88 -39.37 9.50
CA ALA C 81 -5.02 -39.18 10.67
C ALA C 81 -5.62 -38.14 11.60
N ARG C 84 -8.62 -39.60 13.40
CA ARG C 84 -8.14 -40.53 14.39
C ARG C 84 -7.46 -39.84 15.60
N GLU C 85 -6.65 -38.81 15.34
CA GLU C 85 -5.89 -38.10 16.40
C GLU C 85 -6.77 -37.08 17.13
N GLY C 86 -7.81 -36.62 16.48
CA GLY C 86 -8.66 -35.56 17.02
C GLY C 86 -8.21 -34.21 16.56
N ALA C 87 -9.18 -33.34 16.36
CA ALA C 87 -8.91 -31.98 15.90
C ALA C 87 -9.99 -31.06 16.41
N ASP C 88 -9.59 -29.94 17.00
CA ASP C 88 -10.52 -28.90 17.40
C ASP C 88 -11.23 -28.40 16.17
N LYS C 89 -12.45 -27.91 16.38
CA LYS C 89 -13.15 -27.15 15.36
C LYS C 89 -12.74 -25.70 15.46
N VAL C 90 -12.27 -25.12 14.37
CA VAL C 90 -11.77 -23.76 14.41
C VAL C 90 -12.44 -22.87 13.40
N GLY C 91 -12.88 -21.71 13.89
CA GLY C 91 -13.13 -20.61 13.02
C GLY C 91 -11.93 -19.67 13.02
N THR C 92 -12.13 -18.52 12.42
CA THR C 92 -11.02 -17.59 12.14
C THR C 92 -10.20 -17.22 13.37
N ARG C 93 -10.87 -16.89 14.47
CA ARG C 93 -10.16 -16.42 15.63
C ARG C 93 -9.36 -17.51 16.33
N GLU C 94 -9.67 -18.78 16.03
CA GLU C 94 -8.99 -19.91 16.65
C GLU C 94 -7.76 -20.36 15.90
N ILE C 95 -7.58 -19.88 14.68
CA ILE C 95 -6.42 -20.23 13.89
C ILE C 95 -5.09 -19.90 14.62
N PRO C 96 -4.92 -18.69 15.16
CA PRO C 96 -3.65 -18.39 15.84
C PRO C 96 -3.29 -19.34 17.01
N ILE C 97 -4.24 -19.67 17.92
CA ILE C 97 -3.83 -20.49 19.05
C ILE C 97 -3.48 -21.90 18.59
N VAL C 98 -4.21 -22.46 17.63
CA VAL C 98 -3.88 -23.81 17.20
C VAL C 98 -2.52 -23.86 16.48
N VAL C 99 -2.24 -22.86 15.65
CA VAL C 99 -0.93 -22.73 15.02
C VAL C 99 0.17 -22.60 16.11
N ALA C 100 0.00 -21.66 17.03
CA ALA C 100 0.97 -21.48 18.12
C ALA C 100 1.15 -22.74 18.97
N GLU C 101 0.07 -23.48 19.22
CA GLU C 101 0.17 -24.69 20.06
C GLU C 101 0.49 -25.96 19.33
N GLY C 102 0.59 -25.89 18.01
CA GLY C 102 0.95 -27.07 17.22
C GLY C 102 -0.12 -28.12 17.23
N LYS C 103 -1.39 -27.71 17.21
CA LYS C 103 -2.50 -28.63 17.26
C LYS C 103 -3.07 -28.95 15.88
N ASN C 104 -3.76 -30.08 15.80
CA ASN C 104 -4.62 -30.37 14.65
C ASN C 104 -5.89 -29.54 14.74
N ALA C 105 -6.43 -29.07 13.63
CA ALA C 105 -7.70 -28.34 13.64
C ALA C 105 -8.45 -28.50 12.33
N ALA C 106 -9.76 -28.62 12.47
CA ALA C 106 -10.66 -28.71 11.33
C ALA C 106 -11.34 -27.38 11.18
N THR C 107 -11.22 -26.79 10.00
CA THR C 107 -11.74 -25.44 9.73
C THR C 107 -13.19 -25.41 9.38
N THR C 108 -13.87 -24.36 9.84
CA THR C 108 -15.21 -24.02 9.38
C THR C 108 -15.09 -23.13 8.16
N VAL C 109 -16.24 -22.70 7.63
CA VAL C 109 -16.29 -21.75 6.55
C VAL C 109 -15.49 -20.46 6.84
N SER C 110 -15.66 -19.85 8.00
CA SER C 110 -14.92 -18.62 8.30
C SER C 110 -13.43 -18.87 8.17
N ALA C 111 -12.90 -19.90 8.78
CA ALA C 111 -11.42 -20.10 8.69
C ALA C 111 -10.98 -20.46 7.25
N THR C 112 -11.82 -21.22 6.55
CA THR C 112 -11.53 -21.65 5.23
C THR C 112 -11.49 -20.50 4.25
N ILE C 113 -12.46 -19.60 4.34
CA ILE C 113 -12.43 -18.40 3.50
C ILE C 113 -11.25 -17.49 3.90
N PHE C 114 -11.02 -17.31 5.18
CA PHE C 114 -9.91 -16.49 5.63
C PHE C 114 -8.60 -16.98 5.04
N LEU C 115 -8.35 -18.29 5.17
CA LEU C 115 -7.09 -18.87 4.70
C LEU C 115 -7.01 -18.90 3.19
N SER C 116 -8.10 -19.28 2.52
CA SER C 116 -8.15 -19.24 1.06
C SER C 116 -7.73 -17.87 0.49
N ARG C 117 -8.20 -16.81 1.11
CA ARG C 117 -7.92 -15.44 0.68
C ARG C 117 -6.46 -15.07 0.74
N ARG C 118 -5.73 -15.71 1.66
CA ARG C 118 -4.27 -15.54 1.82
C ARG C 118 -3.41 -16.48 0.99
N ILE C 119 -4.01 -17.48 0.34
CA ILE C 119 -3.22 -18.34 -0.53
C ILE C 119 -3.69 -18.43 -1.96
N GLY C 120 -4.51 -17.50 -2.38
CA GLY C 120 -4.86 -17.36 -3.79
C GLY C 120 -6.01 -18.25 -4.21
N ILE C 121 -6.80 -18.77 -3.27
CA ILE C 121 -7.97 -19.59 -3.64
C ILE C 121 -9.20 -18.67 -3.59
N GLU C 122 -9.93 -18.61 -4.69
CA GLU C 122 -11.07 -17.71 -4.85
C GLU C 122 -12.43 -18.36 -4.75
N VAL C 123 -12.52 -19.65 -5.04
CA VAL C 123 -13.79 -20.38 -5.02
C VAL C 123 -13.72 -21.37 -3.84
N VAL C 124 -14.73 -21.33 -2.98
CA VAL C 124 -14.80 -22.21 -1.80
C VAL C 124 -16.18 -22.91 -1.86
N VAL C 125 -16.22 -24.15 -1.38
CA VAL C 125 -17.47 -24.90 -1.39
C VAL C 125 -17.77 -25.36 0.02
N THR C 126 -19.05 -25.32 0.39
CA THR C 126 -19.54 -25.90 1.60
C THR C 126 -20.93 -26.51 1.40
N GLY C 127 -21.46 -27.08 2.45
CA GLY C 127 -22.83 -27.60 2.47
C GLY C 127 -23.77 -26.44 2.80
N GLY C 128 -23.66 -25.95 4.02
CA GLY C 128 -24.42 -24.76 4.44
C GLY C 128 -23.60 -23.96 5.40
N THR C 129 -23.75 -22.63 5.38
CA THR C 129 -23.02 -21.79 6.30
C THR C 129 -23.66 -21.75 7.66
N GLY C 130 -22.87 -21.29 8.63
CA GLY C 130 -23.40 -20.89 9.93
C GLY C 130 -24.16 -19.56 9.81
N GLY C 131 -24.68 -19.10 10.92
CA GLY C 131 -25.45 -17.88 10.92
C GLY C 131 -25.88 -17.51 12.31
N VAL C 132 -27.05 -16.89 12.40
CA VAL C 132 -27.61 -16.51 13.67
C VAL C 132 -28.43 -17.69 14.19
N HIS C 133 -28.07 -18.20 15.38
CA HIS C 133 -28.79 -19.30 16.01
C HIS C 133 -30.06 -18.79 16.71
N PRO C 134 -31.04 -19.67 16.95
CA PRO C 134 -32.21 -19.27 17.73
C PRO C 134 -31.77 -18.58 19.01
N GLY C 135 -32.45 -17.50 19.36
CA GLY C 135 -32.09 -16.70 20.54
C GLY C 135 -31.35 -15.44 20.12
N ARG C 136 -30.69 -15.52 18.98
CA ARG C 136 -30.03 -14.35 18.34
C ARG C 136 -28.87 -13.74 19.09
N VAL C 137 -28.33 -14.45 20.08
CA VAL C 137 -27.07 -14.06 20.70
C VAL C 137 -25.89 -14.85 20.13
N ASP C 138 -26.09 -16.12 19.82
CA ASP C 138 -25.05 -16.99 19.24
C ASP C 138 -25.05 -16.75 17.74
N VAL C 139 -23.93 -16.20 17.24
CA VAL C 139 -23.82 -15.83 15.82
C VAL C 139 -22.45 -16.29 15.29
N SER C 140 -22.50 -17.04 14.18
CA SER C 140 -21.30 -17.61 13.56
C SER C 140 -20.29 -16.57 13.06
N GLN C 141 -19.00 -16.85 13.32
CA GLN C 141 -17.88 -16.16 12.64
C GLN C 141 -18.05 -16.18 11.10
N ASP C 142 -18.78 -17.16 10.55
CA ASP C 142 -19.01 -17.22 9.09
C ASP C 142 -19.56 -15.91 8.50
N LEU C 143 -20.50 -15.30 9.21
CA LEU C 143 -21.09 -14.07 8.77
C LEU C 143 -20.07 -12.93 8.80
N THR C 144 -19.31 -12.85 9.88
CA THR C 144 -18.26 -11.87 10.00
C THR C 144 -17.26 -12.04 8.85
N GLU C 145 -16.83 -13.27 8.61
CA GLU C 145 -15.84 -13.51 7.57
C GLU C 145 -16.36 -13.16 6.19
N SER C 147 -18.46 -10.94 5.45
CA SER C 147 -18.58 -9.50 5.42
CA SER C 147 -18.58 -9.49 5.47
C SER C 147 -17.21 -8.84 5.31
N SER C 148 -16.14 -9.64 5.44
CA SER C 148 -14.78 -9.10 5.52
C SER C 148 -13.87 -9.53 4.40
N SER C 149 -14.19 -10.66 3.75
CA SER C 149 -13.26 -11.34 2.87
C SER C 149 -13.93 -11.65 1.56
N ARG C 150 -13.21 -11.45 0.45
CA ARG C 150 -13.80 -11.72 -0.88
C ARG C 150 -13.46 -13.12 -1.38
N ALA C 151 -14.51 -13.78 -1.83
CA ALA C 151 -14.50 -15.13 -2.38
C ALA C 151 -15.83 -15.36 -3.05
N VAL C 152 -15.88 -16.44 -3.82
CA VAL C 152 -17.10 -17.01 -4.31
C VAL C 152 -17.35 -18.28 -3.50
N LEU C 153 -18.42 -18.28 -2.74
CA LEU C 153 -18.76 -19.44 -1.92
C LEU C 153 -19.96 -20.11 -2.52
N VAL C 154 -19.81 -21.38 -2.88
CA VAL C 154 -20.94 -22.23 -3.24
C VAL C 154 -21.49 -22.98 -2.00
N SER C 155 -22.78 -22.83 -1.77
CA SER C 155 -23.45 -23.45 -0.62
C SER C 155 -24.92 -23.68 -0.93
N SER C 156 -25.57 -24.46 -0.07
CA SER C 156 -27.00 -24.72 -0.16
C SER C 156 -27.66 -23.80 0.90
N GLY C 157 -27.22 -22.56 0.92
CA GLY C 157 -27.76 -21.58 1.85
C GLY C 157 -27.16 -21.72 3.22
N ILE C 158 -28.02 -21.63 4.21
CA ILE C 158 -27.59 -21.68 5.58
C ILE C 158 -28.11 -22.92 6.21
N LYS C 159 -27.40 -23.40 7.24
CA LYS C 159 -27.83 -24.61 7.90
C LYS C 159 -29.25 -24.46 8.49
N SER C 160 -29.99 -25.58 8.45
CA SER C 160 -31.38 -25.68 8.83
C SER C 160 -31.68 -25.42 10.31
N ILE C 161 -30.65 -25.47 11.16
CA ILE C 161 -30.79 -25.36 12.62
C ILE C 161 -30.83 -23.89 13.12
N LEU C 162 -30.71 -22.98 12.17
CA LEU C 162 -30.50 -21.55 12.45
C LEU C 162 -31.82 -20.77 12.52
N ASP C 163 -31.75 -19.56 13.06
CA ASP C 163 -32.83 -18.60 13.00
C ASP C 163 -32.81 -18.05 11.58
N VAL C 164 -33.72 -18.56 10.74
CA VAL C 164 -33.65 -18.27 9.28
C VAL C 164 -33.86 -16.77 8.95
N GLU C 165 -34.92 -16.20 9.51
CA GLU C 165 -35.20 -14.78 9.30
C GLU C 165 -34.04 -13.92 9.77
N ALA C 166 -33.54 -14.17 10.98
CA ALA C 166 -32.47 -13.32 11.52
C ALA C 166 -31.21 -13.46 10.66
N THR C 167 -30.86 -14.67 10.22
CA THR C 167 -29.72 -14.85 9.39
C THR C 167 -29.87 -14.17 8.01
N PHE C 168 -31.00 -14.37 7.38
CA PHE C 168 -31.26 -13.81 6.06
C PHE C 168 -31.23 -12.30 6.07
N GLU C 169 -31.82 -11.73 7.11
CA GLU C 169 -31.74 -10.30 7.29
C GLU C 169 -30.32 -9.84 7.55
N LEU C 171 -27.47 -11.18 6.52
CA LEU C 171 -26.72 -11.25 5.25
C LEU C 171 -26.88 -9.95 4.46
N GLU C 172 -28.11 -9.42 4.41
CA GLU C 172 -28.36 -8.11 3.77
C GLU C 172 -27.57 -6.99 4.53
N THR C 173 -27.76 -6.92 5.83
CA THR C 173 -27.14 -5.89 6.63
C THR C 173 -25.61 -5.78 6.40
N LEU C 174 -24.96 -6.94 6.41
CA LEU C 174 -23.53 -7.05 6.28
C LEU C 174 -23.00 -6.88 4.83
N GLU C 175 -23.93 -6.67 3.90
CA GLU C 175 -23.64 -6.39 2.51
C GLU C 175 -23.08 -7.61 1.81
N ILE C 176 -23.61 -8.78 2.16
CA ILE C 176 -23.18 -10.05 1.55
C ILE C 176 -24.09 -10.37 0.35
N PRO C 177 -23.58 -10.20 -0.87
CA PRO C 177 -24.44 -10.45 -2.01
C PRO C 177 -24.77 -11.93 -2.20
N LEU C 178 -26.01 -12.16 -2.63
CA LEU C 178 -26.56 -13.48 -2.83
C LEU C 178 -27.12 -13.60 -4.21
N VAL C 179 -26.86 -14.75 -4.81
CA VAL C 179 -27.50 -15.09 -6.09
C VAL C 179 -27.92 -16.56 -6.10
N GLY C 180 -29.09 -16.83 -6.59
CA GLY C 180 -29.60 -18.21 -6.72
C GLY C 180 -29.13 -18.83 -8.04
N PHE C 181 -28.52 -19.99 -7.97
CA PHE C 181 -28.12 -20.65 -9.20
C PHE C 181 -29.35 -21.34 -9.75
N ARG C 182 -29.98 -20.68 -10.76
CA ARG C 182 -31.16 -21.17 -11.45
C ARG C 182 -32.36 -21.38 -10.52
N THR C 183 -32.45 -20.54 -9.53
CA THR C 183 -33.59 -20.49 -8.61
C THR C 183 -33.65 -19.07 -8.01
N ASN C 184 -34.86 -18.60 -7.71
CA ASN C 184 -35.07 -17.32 -7.00
C ASN C 184 -35.39 -17.57 -5.54
N GLU C 185 -35.24 -18.81 -5.10
CA GLU C 185 -35.60 -19.23 -3.77
C GLU C 185 -34.34 -19.43 -2.92
N PHE C 186 -34.24 -18.70 -1.84
CA PHE C 186 -33.12 -18.88 -0.93
C PHE C 186 -33.21 -20.32 -0.35
N PRO C 187 -32.22 -21.15 -0.62
CA PRO C 187 -32.27 -22.53 -0.11
C PRO C 187 -31.93 -22.66 1.37
N LEU C 188 -32.40 -23.73 1.99
CA LEU C 188 -32.18 -23.94 3.39
CA LEU C 188 -32.17 -23.96 3.41
C LEU C 188 -31.61 -25.36 3.68
N PHE C 189 -30.44 -25.62 3.10
CA PHE C 189 -29.64 -26.78 3.44
C PHE C 189 -30.39 -28.08 3.10
N PHE C 190 -30.97 -28.78 4.08
CA PHE C 190 -31.82 -29.96 3.77
C PHE C 190 -33.03 -29.65 2.84
N SER C 191 -33.48 -28.40 2.85
CA SER C 191 -34.74 -27.97 2.23
C SER C 191 -34.51 -27.01 1.05
N ARG C 192 -35.26 -27.16 -0.03
CA ARG C 192 -35.15 -26.25 -1.17
C ARG C 192 -35.82 -24.90 -0.89
N LYS C 193 -36.89 -24.90 -0.12
CA LYS C 193 -37.72 -23.71 0.00
C LYS C 193 -37.68 -23.08 1.37
N SER C 194 -37.68 -21.74 1.32
CA SER C 194 -37.61 -20.85 2.46
C SER C 194 -38.71 -19.82 2.40
N GLY C 195 -39.28 -19.61 1.23
CA GLY C 195 -40.20 -18.50 0.99
C GLY C 195 -39.50 -17.16 1.10
N ARG C 196 -38.20 -17.14 0.79
CA ARG C 196 -37.43 -15.90 0.73
C ARG C 196 -36.79 -15.91 -0.63
N ARG C 197 -36.81 -14.77 -1.27
CA ARG C 197 -36.41 -14.65 -2.63
C ARG C 197 -35.00 -14.06 -2.71
N VAL C 198 -34.29 -14.53 -3.73
CA VAL C 198 -32.98 -13.96 -4.11
C VAL C 198 -33.01 -13.77 -5.61
N PRO C 199 -32.09 -12.95 -6.12
CA PRO C 199 -31.93 -12.87 -7.57
C PRO C 199 -31.44 -14.18 -8.19
N ARG C 200 -31.93 -14.52 -9.37
CA ARG C 200 -31.66 -15.75 -10.04
C ARG C 200 -30.67 -15.47 -11.13
N ILE C 201 -29.68 -16.33 -11.28
CA ILE C 201 -28.82 -16.29 -12.45
C ILE C 201 -28.92 -17.62 -13.11
N GLU C 202 -28.50 -17.70 -14.37
CA GLU C 202 -28.73 -18.89 -15.17
C GLU C 202 -27.50 -19.71 -15.45
N ASN C 203 -26.31 -19.12 -15.32
CA ASN C 203 -25.09 -19.83 -15.66
C ASN C 203 -23.87 -19.26 -14.95
N VAL C 204 -22.77 -20.01 -15.04
CA VAL C 204 -21.56 -19.69 -14.32
C VAL C 204 -20.92 -18.35 -14.81
N GLU C 205 -21.12 -18.06 -16.09
CA GLU C 205 -20.61 -16.82 -16.69
C GLU C 205 -21.20 -15.60 -15.98
N GLU C 206 -22.47 -15.68 -15.61
CA GLU C 206 -23.13 -14.59 -14.84
C GLU C 206 -22.54 -14.43 -13.45
N VAL C 207 -22.24 -15.54 -12.78
CA VAL C 207 -21.51 -15.49 -11.53
C VAL C 207 -20.20 -14.72 -11.69
N LEU C 208 -19.45 -15.05 -12.74
CA LEU C 208 -18.15 -14.45 -12.92
C LEU C 208 -18.24 -12.97 -13.21
N LYS C 209 -19.27 -12.55 -13.92
CA LYS C 209 -19.41 -11.13 -14.24
C LYS C 209 -19.72 -10.32 -12.95
N ILE C 210 -20.56 -10.88 -12.08
CA ILE C 210 -20.82 -10.26 -10.77
C ILE C 210 -19.56 -10.19 -9.95
N TYR C 211 -18.82 -11.29 -9.90
CA TYR C 211 -17.63 -11.33 -9.08
C TYR C 211 -16.55 -10.38 -9.59
N GLU C 212 -16.33 -10.34 -10.90
CA GLU C 212 -15.36 -9.40 -11.48
C GLU C 212 -15.73 -7.94 -11.23
N SER C 213 -17.04 -7.67 -11.28
CA SER C 213 -17.58 -6.34 -10.96
C SER C 213 -17.31 -5.96 -9.49
N LYS C 215 -14.76 -7.04 -7.69
CA LYS C 215 -13.35 -6.72 -7.67
C LYS C 215 -13.09 -5.29 -8.16
N GLU C 216 -13.63 -4.94 -9.32
CA GLU C 216 -13.40 -3.64 -9.88
C GLU C 216 -13.85 -2.55 -8.94
N GLU C 218 -13.93 -2.70 -5.67
CA GLU C 218 -13.38 -2.88 -4.33
C GLU C 218 -14.43 -3.20 -3.26
N LEU C 219 -15.32 -4.16 -3.58
CA LEU C 219 -16.31 -4.65 -2.61
C LEU C 219 -15.74 -5.93 -2.04
N GLU C 220 -15.24 -5.84 -0.83
CA GLU C 220 -14.56 -6.99 -0.16
C GLU C 220 -15.57 -7.75 0.68
N LYS C 221 -16.35 -8.57 -0.01
CA LYS C 221 -17.42 -9.39 0.51
C LYS C 221 -17.43 -10.73 -0.20
N THR C 222 -17.96 -11.76 0.48
CA THR C 222 -18.17 -13.05 -0.15
C THR C 222 -19.42 -13.06 -1.03
N LEU C 223 -19.28 -13.55 -2.26
CA LEU C 223 -20.45 -13.80 -3.11
C LEU C 223 -20.99 -15.20 -2.85
N VAL C 225 -23.18 -18.07 -3.87
CA VAL C 225 -23.86 -18.71 -4.98
C VAL C 225 -24.66 -19.88 -4.39
N LEU C 226 -25.98 -19.75 -4.45
CA LEU C 226 -26.88 -20.63 -3.72
C LEU C 226 -27.36 -21.74 -4.61
N ASN C 227 -27.10 -22.97 -4.16
CA ASN C 227 -27.37 -24.16 -4.93
C ASN C 227 -28.24 -25.11 -4.10
N PRO C 228 -29.52 -25.24 -4.43
CA PRO C 228 -30.43 -26.08 -3.62
C PRO C 228 -30.10 -27.55 -3.70
N VAL C 229 -30.38 -28.25 -2.62
CA VAL C 229 -30.36 -29.68 -2.62
C VAL C 229 -31.24 -30.22 -3.77
N PRO C 230 -30.81 -31.28 -4.46
CA PRO C 230 -31.64 -31.89 -5.48
C PRO C 230 -32.96 -32.32 -4.88
N GLU C 231 -34.05 -32.06 -5.61
CA GLU C 231 -35.41 -32.39 -5.15
C GLU C 231 -35.58 -33.78 -4.60
N GLU C 232 -35.01 -34.77 -5.29
CA GLU C 232 -35.10 -36.19 -4.87
C GLU C 232 -34.70 -36.45 -3.41
N TYR C 233 -33.78 -35.64 -2.90
CA TYR C 233 -33.22 -35.82 -1.55
C TYR C 233 -33.74 -34.83 -0.53
N GLU C 234 -34.56 -33.89 -0.96
CA GLU C 234 -34.83 -32.77 -0.06
C GLU C 234 -35.76 -33.26 1.04
N ILE C 235 -35.63 -32.61 2.19
CA ILE C 235 -36.55 -32.73 3.30
C ILE C 235 -37.20 -31.36 3.49
N PRO C 236 -38.52 -31.25 3.31
CA PRO C 236 -39.15 -29.94 3.45
C PRO C 236 -38.90 -29.29 4.84
N HIS C 237 -38.68 -27.98 4.87
CA HIS C 237 -38.26 -27.34 6.13
C HIS C 237 -39.33 -27.47 7.23
N ASP C 238 -40.60 -27.43 6.84
CA ASP C 238 -41.68 -27.55 7.80
C ASP C 238 -41.51 -28.83 8.61
N GLU C 239 -41.00 -29.88 7.98
CA GLU C 239 -40.72 -31.13 8.62
C GLU C 239 -39.47 -31.11 9.53
N ILE C 240 -38.38 -30.47 9.08
CA ILE C 240 -37.17 -30.28 9.92
C ILE C 240 -37.46 -29.44 11.19
N GLU C 241 -38.22 -28.37 10.99
CA GLU C 241 -38.60 -27.49 12.07
C GLU C 241 -39.16 -28.24 13.25
N ARG C 242 -40.13 -29.12 12.96
CA ARG C 242 -40.83 -29.81 14.01
C ARG C 242 -39.94 -30.78 14.81
N LEU C 243 -38.93 -31.37 14.16
CA LEU C 243 -37.99 -32.26 14.85
C LEU C 243 -37.12 -31.45 15.81
N LEU C 244 -36.59 -30.35 15.29
CA LEU C 244 -35.86 -29.35 16.09
C LEU C 244 -36.59 -28.86 17.36
N GLU C 245 -37.91 -28.81 17.30
CA GLU C 245 -38.73 -28.48 18.47
C GLU C 245 -38.74 -29.52 19.62
N LYS C 246 -38.36 -30.76 19.33
CA LYS C 246 -38.30 -31.83 20.31
C LYS C 246 -36.93 -31.96 20.99
N ILE C 247 -35.90 -31.36 20.38
CA ILE C 247 -34.52 -31.49 20.81
C ILE C 247 -34.14 -30.43 21.83
N GLU C 248 -33.88 -30.86 23.06
CA GLU C 248 -33.30 -29.97 24.06
C GLU C 248 -31.84 -29.79 23.71
N LEU C 249 -31.42 -28.54 23.57
CA LEU C 249 -30.02 -28.22 23.29
C LEU C 249 -29.25 -28.31 24.61
N GLU C 250 -28.38 -29.32 24.70
CA GLU C 250 -27.63 -29.62 25.92
C GLU C 250 -26.20 -29.03 25.92
N VAL C 251 -25.83 -28.29 24.87
CA VAL C 251 -24.47 -27.82 24.71
C VAL C 251 -24.45 -26.37 24.19
N GLU C 252 -23.25 -25.82 24.04
CA GLU C 252 -23.10 -24.46 23.59
C GLU C 252 -21.80 -24.32 22.83
N GLY C 253 -21.56 -23.10 22.34
CA GLY C 253 -20.37 -22.81 21.56
C GLY C 253 -20.34 -23.67 20.30
N LYS C 254 -19.15 -24.18 19.97
CA LYS C 254 -18.92 -24.92 18.72
C LYS C 254 -19.56 -26.30 18.63
N GLU C 255 -19.96 -26.84 19.78
CA GLU C 255 -20.63 -28.14 19.77
C GLU C 255 -22.07 -28.07 19.31
N VAL C 256 -22.65 -26.87 19.29
CA VAL C 256 -24.09 -26.70 19.00
C VAL C 256 -24.41 -27.34 17.65
N THR C 257 -23.63 -26.98 16.63
CA THR C 257 -23.98 -27.39 15.29
C THR C 257 -23.87 -28.90 15.07
N PRO C 258 -22.70 -29.50 15.34
CA PRO C 258 -22.56 -30.94 15.28
C PRO C 258 -23.62 -31.66 16.11
N PHE C 259 -23.90 -31.17 17.32
CA PHE C 259 -24.87 -31.77 18.23
C PHE C 259 -26.25 -31.90 17.62
N LEU C 260 -26.75 -30.81 17.04
CA LEU C 260 -28.08 -30.85 16.44
C LEU C 260 -28.10 -31.67 15.15
N LEU C 261 -27.05 -31.55 14.34
CA LEU C 261 -27.03 -32.33 13.11
C LEU C 261 -27.02 -33.85 13.38
N LYS C 262 -26.21 -34.29 14.33
CA LYS C 262 -26.13 -35.69 14.69
C LYS C 262 -27.50 -36.16 15.23
N LYS C 263 -28.18 -35.30 15.99
CA LYS C 263 -29.52 -35.62 16.52
C LYS C 263 -30.52 -35.81 15.39
N LEU C 264 -30.42 -34.97 14.35
CA LEU C 264 -31.35 -35.07 13.21
C LEU C 264 -31.11 -36.32 12.38
N VAL C 265 -29.86 -36.76 12.28
CA VAL C 265 -29.58 -38.02 11.59
C VAL C 265 -30.24 -39.18 12.32
N GLU C 266 -30.10 -39.18 13.66
CA GLU C 266 -30.73 -40.18 14.52
C GLU C 266 -32.25 -40.17 14.34
N THR C 268 -34.24 -38.84 11.87
CA THR C 268 -34.78 -39.16 10.54
C THR C 268 -34.22 -40.47 9.95
N ASN C 269 -33.65 -41.32 10.78
CA ASN C 269 -33.08 -42.60 10.37
C ASN C 269 -32.18 -42.47 9.13
N GLY C 270 -31.32 -41.46 9.13
CA GLY C 270 -30.35 -41.26 8.07
C GLY C 270 -30.79 -40.35 6.92
N ARG C 271 -32.05 -39.89 6.91
CA ARG C 271 -32.54 -39.11 5.76
C ARG C 271 -31.75 -37.81 5.59
N THR C 272 -31.47 -37.12 6.69
CA THR C 272 -30.69 -35.89 6.62
C THR C 272 -29.27 -36.13 6.19
N LEU C 273 -28.66 -37.24 6.60
CA LEU C 273 -27.33 -37.59 6.10
C LEU C 273 -27.32 -37.73 4.57
N LYS C 274 -28.28 -38.48 4.02
CA LYS C 274 -28.42 -38.62 2.55
C LYS C 274 -28.58 -37.30 1.85
N ALA C 275 -29.49 -36.47 2.36
CA ALA C 275 -29.62 -35.13 1.85
C ALA C 275 -28.31 -34.34 1.91
N ASN C 276 -27.67 -34.29 3.08
CA ASN C 276 -26.41 -33.56 3.29
C ASN C 276 -25.33 -34.04 2.31
N LEU C 277 -25.23 -35.35 2.12
CA LEU C 277 -24.22 -35.87 1.20
C LEU C 277 -24.53 -35.49 -0.25
N ALA C 278 -25.82 -35.49 -0.61
CA ALA C 278 -26.23 -35.15 -1.97
C ALA C 278 -25.94 -33.70 -2.28
N LEU C 279 -26.27 -32.81 -1.38
CA LEU C 279 -26.00 -31.40 -1.63
C LEU C 279 -24.52 -31.06 -1.63
N LEU C 280 -23.73 -31.72 -0.77
CA LEU C 280 -22.29 -31.51 -0.75
C LEU C 280 -21.71 -31.87 -2.10
N GLU C 281 -22.11 -33.03 -2.63
CA GLU C 281 -21.61 -33.50 -3.92
C GLU C 281 -22.03 -32.57 -5.08
N GLU C 282 -23.29 -32.17 -5.13
CA GLU C 282 -23.76 -31.19 -6.15
C GLU C 282 -23.03 -29.84 -6.05
N ASN C 283 -22.81 -29.39 -4.82
CA ASN C 283 -22.11 -28.14 -4.62
C ASN C 283 -20.68 -28.23 -5.12
N VAL C 284 -20.02 -29.35 -4.90
CA VAL C 284 -18.66 -29.51 -5.39
C VAL C 284 -18.62 -29.39 -6.94
N LYS C 285 -19.61 -29.97 -7.62
CA LYS C 285 -19.69 -29.90 -9.06
C LYS C 285 -19.81 -28.46 -9.56
N LEU C 286 -20.72 -27.70 -8.93
CA LEU C 286 -20.94 -26.30 -9.31
C LEU C 286 -19.72 -25.45 -8.98
N ALA C 287 -19.11 -25.65 -7.81
CA ALA C 287 -17.92 -24.94 -7.44
C ALA C 287 -16.81 -25.21 -8.47
N GLY C 288 -16.67 -26.47 -8.87
CA GLY C 288 -15.69 -26.84 -9.91
C GLY C 288 -15.89 -26.14 -11.24
N GLU C 289 -17.14 -26.13 -11.73
CA GLU C 289 -17.47 -25.39 -12.95
C GLU C 289 -17.06 -23.91 -12.84
N ILE C 290 -17.34 -23.28 -11.70
CA ILE C 290 -17.01 -21.88 -11.53
C ILE C 290 -15.50 -21.72 -11.53
N ALA C 291 -14.81 -22.57 -10.77
CA ALA C 291 -13.33 -22.44 -10.64
C ALA C 291 -12.64 -22.60 -12.03
N VAL C 292 -13.14 -23.53 -12.82
CA VAL C 292 -12.59 -23.81 -14.14
C VAL C 292 -12.76 -22.58 -15.06
N LYS C 293 -13.96 -21.99 -15.07
CA LYS C 293 -14.18 -20.81 -15.92
C LYS C 293 -13.54 -19.54 -15.36
N LEU C 294 -13.36 -19.43 -14.05
CA LEU C 294 -12.71 -18.24 -13.49
C LEU C 294 -11.29 -18.14 -14.01
N LYS C 295 -10.66 -19.29 -14.09
CA LYS C 295 -9.26 -19.42 -14.40
C LYS C 295 -9.00 -18.99 -15.86
N ARG C 296 -10.07 -18.92 -16.65
CA ARG C 296 -10.12 -18.06 -17.85
C ARG C 296 -10.81 -16.73 -17.47
N LYS D 5 -1.13 -5.87 4.97
CA LYS D 5 -2.16 -6.41 4.03
C LYS D 5 -1.62 -7.60 3.16
N ILE D 6 -2.51 -8.19 2.38
CA ILE D 6 -2.34 -9.57 1.95
C ILE D 6 -1.30 -9.69 0.84
N HIS D 7 -0.34 -10.56 1.03
CA HIS D 7 0.71 -10.75 0.03
C HIS D 7 0.59 -12.14 -0.58
N HIS D 8 1.35 -12.34 -1.64
CA HIS D 8 1.34 -13.58 -2.34
C HIS D 8 2.00 -14.70 -1.56
N HIS D 9 1.65 -15.92 -1.92
CA HIS D 9 2.27 -17.09 -1.34
C HIS D 9 3.33 -17.56 -2.32
N HIS D 10 4.56 -17.76 -1.86
CA HIS D 10 5.65 -18.17 -2.75
C HIS D 10 5.55 -19.65 -3.17
N HIS D 11 5.88 -19.95 -4.44
CA HIS D 11 6.06 -21.35 -4.91
C HIS D 11 7.47 -21.64 -5.39
N HIS D 12 8.02 -20.77 -6.24
CA HIS D 12 9.34 -21.00 -6.87
C HIS D 12 10.53 -20.55 -6.04
N VAL D 13 10.33 -19.51 -5.27
CA VAL D 13 11.44 -18.88 -4.56
C VAL D 13 11.28 -19.27 -3.09
N ILE D 14 12.01 -20.33 -2.73
CA ILE D 14 11.95 -20.78 -1.35
CA ILE D 14 12.01 -20.90 -1.38
C ILE D 14 13.14 -20.26 -0.58
N ILE D 15 12.81 -19.58 0.51
CA ILE D 15 13.84 -18.99 1.34
C ILE D 15 13.85 -19.77 2.63
N GLU D 16 15.01 -20.32 2.95
CA GLU D 16 15.19 -21.05 4.18
C GLU D 16 15.99 -20.15 5.09
N SER D 17 15.33 -19.56 6.09
CA SER D 17 16.00 -18.69 7.07
C SER D 17 16.27 -19.43 8.36
N ARG D 18 17.53 -19.43 8.79
CA ARG D 18 17.90 -20.03 10.06
C ARG D 18 18.03 -18.95 11.14
N ILE D 19 17.38 -17.81 10.91
CA ILE D 19 17.48 -16.70 11.85
C ILE D 19 16.29 -16.78 12.81
N GLU D 20 16.57 -16.58 14.10
CA GLU D 20 15.53 -16.18 15.06
C GLU D 20 15.26 -14.65 14.98
N LYS D 21 14.04 -14.30 14.53
CA LYS D 21 13.58 -12.90 14.31
C LYS D 21 13.71 -11.93 15.50
N GLY D 22 13.64 -12.45 16.72
CA GLY D 22 13.82 -11.65 17.92
C GLY D 22 15.26 -11.44 18.44
N LYS D 23 16.27 -11.89 17.68
CA LYS D 23 17.68 -11.73 18.06
C LYS D 23 18.45 -11.01 16.97
N PRO D 24 19.45 -10.22 17.34
CA PRO D 24 20.15 -9.41 16.32
C PRO D 24 20.73 -10.29 15.22
N VAL D 25 20.78 -9.75 14.02
CA VAL D 25 21.30 -10.44 12.84
C VAL D 25 22.10 -9.55 11.91
N VAL D 26 23.17 -10.11 11.39
CA VAL D 26 24.04 -9.45 10.42
C VAL D 26 24.07 -10.38 9.24
N GLY D 27 23.68 -9.86 8.08
CA GLY D 27 23.82 -10.56 6.83
C GLY D 27 25.17 -10.41 6.19
N GLU D 29 27.60 -11.79 2.60
CA GLU D 29 27.70 -12.41 1.27
C GLU D 29 28.46 -13.74 1.27
N THR D 30 28.28 -14.51 0.22
CA THR D 30 29.02 -15.77 -0.01
C THR D 30 30.21 -15.65 -0.97
N THR D 31 30.25 -14.65 -1.86
CA THR D 31 31.33 -14.65 -2.87
C THR D 31 32.72 -14.44 -2.22
N VAL D 32 32.77 -13.66 -1.14
CA VAL D 32 34.01 -13.47 -0.44
C VAL D 32 34.60 -14.82 -0.01
N PHE D 33 33.74 -15.70 0.47
CA PHE D 33 34.17 -17.00 0.90
C PHE D 33 34.54 -17.94 -0.26
N VAL D 34 33.78 -17.87 -1.33
CA VAL D 34 33.88 -18.84 -2.43
C VAL D 34 34.84 -18.36 -3.53
N HIS D 35 34.77 -17.08 -3.87
CA HIS D 35 35.57 -16.55 -4.98
C HIS D 35 36.66 -15.58 -4.57
N GLY D 36 36.55 -15.03 -3.36
CA GLY D 36 37.44 -13.95 -2.92
C GLY D 36 38.60 -14.30 -2.01
N LEU D 37 38.62 -15.53 -1.49
CA LEU D 37 39.63 -15.98 -0.55
C LEU D 37 39.97 -17.41 -0.89
N PRO D 38 41.17 -17.86 -0.52
CA PRO D 38 41.50 -19.28 -0.60
C PRO D 38 40.72 -20.05 0.44
N ARG D 39 40.48 -21.33 0.16
CA ARG D 39 39.64 -22.19 0.98
C ARG D 39 39.96 -22.18 2.47
N LYS D 40 41.22 -22.36 2.82
CA LYS D 40 41.63 -22.48 4.23
C LYS D 40 41.36 -21.21 5.01
N GLU D 41 41.79 -20.09 4.44
CA GLU D 41 41.50 -18.77 5.03
C GLU D 41 40.01 -18.43 5.08
N ALA D 42 39.24 -18.80 4.04
CA ALA D 42 37.81 -18.62 4.03
C ALA D 42 37.10 -19.34 5.17
N ILE D 43 37.38 -20.64 5.35
CA ILE D 43 36.75 -21.39 6.46
C ILE D 43 37.18 -20.85 7.83
N GLU D 44 38.47 -20.53 7.99
CA GLU D 44 38.89 -19.95 9.27
C GLU D 44 38.17 -18.63 9.57
N LEU D 45 37.97 -17.78 8.55
CA LEU D 45 37.23 -16.53 8.72
C LEU D 45 35.78 -16.78 9.13
N PHE D 46 35.15 -17.78 8.51
CA PHE D 46 33.80 -18.15 8.85
C PHE D 46 33.72 -18.49 10.32
N ARG D 47 34.63 -19.35 10.77
CA ARG D 47 34.67 -19.78 12.16
C ARG D 47 34.92 -18.59 13.08
N ARG D 48 35.86 -17.72 12.70
CA ARG D 48 36.19 -16.55 13.49
C ARG D 48 34.98 -15.59 13.57
N ALA D 49 34.31 -15.39 12.43
CA ALA D 49 33.07 -14.60 12.36
C ALA D 49 31.97 -15.17 13.23
N LYS D 50 31.77 -16.48 13.19
CA LYS D 50 30.83 -17.12 14.10
C LYS D 50 31.23 -16.93 15.58
N GLU D 51 32.53 -17.04 15.90
CA GLU D 51 33.06 -16.76 17.25
C GLU D 51 32.63 -15.36 17.71
N ILE D 52 32.87 -14.37 16.85
CA ILE D 52 32.53 -13.01 17.17
C ILE D 52 31.03 -12.83 17.38
N SER D 53 30.21 -13.56 16.62
CA SER D 53 28.75 -13.51 16.76
C SER D 53 28.34 -14.04 18.13
N ARG D 54 29.02 -15.10 18.58
CA ARG D 54 28.87 -15.59 19.93
C ARG D 54 29.30 -14.59 21.03
N GLU D 55 30.51 -13.99 20.94
CA GLU D 55 30.94 -13.00 21.96
C GLU D 55 29.97 -11.82 22.08
N LYS D 56 29.50 -11.31 20.95
CA LYS D 56 28.71 -10.07 20.91
C LYS D 56 27.19 -10.29 20.99
N GLY D 57 26.74 -11.52 20.77
CA GLY D 57 25.31 -11.82 20.90
C GLY D 57 24.47 -11.49 19.68
N PHE D 58 24.98 -11.76 18.48
CA PHE D 58 24.15 -11.62 17.30
C PHE D 58 24.26 -12.88 16.50
N GLN D 59 23.41 -13.00 15.48
CA GLN D 59 23.41 -14.13 14.57
C GLN D 59 24.09 -13.70 13.29
N LEU D 60 25.13 -14.44 12.88
CA LEU D 60 25.77 -14.21 11.59
C LEU D 60 24.99 -15.01 10.54
N ALA D 61 24.35 -14.32 9.62
CA ALA D 61 23.60 -14.97 8.55
C ALA D 61 24.34 -14.86 7.23
N VAL D 62 25.19 -15.85 6.96
CA VAL D 62 25.84 -15.92 5.67
C VAL D 62 24.76 -16.38 4.65
N ILE D 63 24.62 -15.60 3.59
CA ILE D 63 23.55 -15.81 2.61
C ILE D 63 24.11 -16.39 1.32
N GLY D 64 23.50 -17.47 0.85
CA GLY D 64 23.86 -18.09 -0.41
C GLY D 64 22.68 -18.80 -1.04
N ILE D 65 22.94 -19.32 -2.23
CA ILE D 65 21.96 -20.16 -2.92
C ILE D 65 22.51 -21.55 -3.10
N LEU D 66 21.76 -22.54 -2.59
CA LEU D 66 22.17 -23.95 -2.64
C LEU D 66 21.21 -24.73 -3.52
N LYS D 67 21.68 -25.18 -4.68
CA LYS D 67 20.82 -25.80 -5.67
C LYS D 67 19.47 -25.10 -5.80
N GLY D 68 19.53 -23.77 -5.97
CA GLY D 68 18.34 -22.95 -6.23
C GLY D 68 17.57 -22.48 -5.03
N LYS D 69 17.92 -22.97 -3.84
CA LYS D 69 17.28 -22.54 -2.59
C LYS D 69 18.08 -21.44 -1.93
N ILE D 70 17.40 -20.36 -1.56
CA ILE D 70 18.04 -19.24 -0.89
C ILE D 70 18.12 -19.59 0.57
N VAL D 71 19.34 -19.57 1.13
CA VAL D 71 19.61 -19.93 2.50
C VAL D 71 20.25 -18.74 3.20
N ALA D 72 19.59 -18.29 4.27
CA ALA D 72 20.12 -17.24 5.11
C ALA D 72 20.59 -17.89 6.39
N GLY D 73 21.90 -17.90 6.59
CA GLY D 73 22.44 -18.63 7.73
C GLY D 73 23.00 -19.99 7.33
N SER D 75 25.64 -23.04 6.98
CA SER D 75 26.59 -23.69 7.86
C SER D 75 27.94 -23.81 7.21
N GLU D 76 28.93 -24.16 8.04
CA GLU D 76 30.27 -24.43 7.54
C GLU D 76 30.28 -25.58 6.53
N GLU D 77 29.53 -26.64 6.83
CA GLU D 77 29.39 -27.80 5.94
C GLU D 77 28.84 -27.41 4.57
N GLU D 78 27.79 -26.59 4.57
CA GLU D 78 27.20 -26.10 3.32
C GLU D 78 28.21 -25.23 2.52
N LEU D 79 28.91 -24.38 3.22
CA LEU D 79 29.91 -23.54 2.58
C LEU D 79 31.01 -24.39 1.94
N GLU D 80 31.48 -25.39 2.69
CA GLU D 80 32.42 -26.37 2.16
C GLU D 80 31.90 -27.08 0.91
N ALA D 81 30.62 -27.49 0.92
CA ALA D 81 30.03 -28.15 -0.25
C ALA D 81 29.94 -27.22 -1.45
N ARG D 84 33.33 -27.01 -3.16
CA ARG D 84 33.80 -28.16 -3.89
C ARG D 84 32.92 -28.37 -5.13
N GLU D 85 31.63 -28.10 -5.00
CA GLU D 85 30.73 -28.29 -6.13
C GLU D 85 30.83 -27.13 -7.11
N GLY D 86 31.28 -25.97 -6.63
CA GLY D 86 31.36 -24.77 -7.43
C GLY D 86 30.09 -23.95 -7.33
N ALA D 87 30.19 -22.65 -7.57
CA ALA D 87 29.03 -21.80 -7.59
C ALA D 87 29.28 -20.59 -8.45
N ASP D 88 28.23 -20.20 -9.18
CA ASP D 88 28.24 -18.96 -9.99
C ASP D 88 28.34 -17.76 -9.02
N LYS D 89 29.01 -16.72 -9.42
CA LYS D 89 28.99 -15.44 -8.74
C LYS D 89 27.72 -14.69 -9.22
N VAL D 90 26.89 -14.21 -8.31
CA VAL D 90 25.60 -13.61 -8.72
C VAL D 90 25.37 -12.32 -8.02
N GLY D 91 25.09 -11.28 -8.79
CA GLY D 91 24.43 -10.12 -8.24
C GLY D 91 22.93 -10.26 -8.38
N THR D 92 22.24 -9.16 -8.15
CA THR D 92 20.79 -9.14 -8.10
C THR D 92 20.14 -9.77 -9.33
N ARG D 93 20.58 -9.37 -10.52
CA ARG D 93 19.83 -9.73 -11.70
C ARG D 93 20.00 -11.22 -12.02
N GLU D 94 21.02 -11.87 -11.45
CA GLU D 94 21.28 -13.30 -11.69
C GLU D 94 20.52 -14.24 -10.72
N ILE D 95 19.96 -13.70 -9.65
CA ILE D 95 19.19 -14.54 -8.70
C ILE D 95 18.10 -15.32 -9.38
N PRO D 96 17.26 -14.71 -10.23
CA PRO D 96 16.18 -15.49 -10.85
C PRO D 96 16.64 -16.69 -11.63
N ILE D 97 17.69 -16.57 -12.47
CA ILE D 97 18.09 -17.70 -13.30
C ILE D 97 18.67 -18.82 -12.46
N VAL D 98 19.48 -18.48 -11.45
CA VAL D 98 20.02 -19.55 -10.61
C VAL D 98 18.92 -20.25 -9.77
N VAL D 99 17.93 -19.51 -9.31
CA VAL D 99 16.80 -20.11 -8.61
C VAL D 99 16.03 -21.00 -9.54
N ALA D 100 15.68 -20.50 -10.72
CA ALA D 100 14.86 -21.27 -11.66
C ALA D 100 15.57 -22.54 -12.10
N GLU D 101 16.88 -22.43 -12.29
CA GLU D 101 17.71 -23.55 -12.74
C GLU D 101 18.27 -24.49 -11.66
N GLY D 102 18.08 -24.15 -10.39
CA GLY D 102 18.52 -24.99 -9.31
C GLY D 102 20.03 -25.10 -9.19
N LYS D 103 20.70 -23.98 -9.39
CA LYS D 103 22.15 -23.88 -9.28
C LYS D 103 22.58 -23.39 -7.91
N ASN D 104 23.81 -23.78 -7.52
CA ASN D 104 24.56 -23.10 -6.47
C ASN D 104 24.93 -21.69 -6.95
N ALA D 105 24.89 -20.71 -6.06
CA ALA D 105 25.41 -19.42 -6.37
C ALA D 105 25.90 -18.68 -5.12
N ALA D 106 27.02 -17.99 -5.27
CA ALA D 106 27.55 -17.18 -4.23
C ALA D 106 27.19 -15.70 -4.50
N THR D 107 26.59 -15.04 -3.53
CA THR D 107 26.10 -13.70 -3.68
C THR D 107 27.19 -12.63 -3.48
N THR D 108 27.08 -11.56 -4.24
CA THR D 108 27.86 -10.35 -4.05
C THR D 108 27.08 -9.43 -3.11
N VAL D 109 27.59 -8.20 -2.93
CA VAL D 109 26.90 -7.24 -2.08
C VAL D 109 25.48 -6.91 -2.62
N SER D 110 25.32 -6.68 -3.92
CA SER D 110 23.98 -6.33 -4.47
C SER D 110 22.94 -7.42 -4.11
N ALA D 111 23.27 -8.67 -4.41
CA ALA D 111 22.34 -9.77 -4.15
C ALA D 111 22.06 -9.96 -2.66
N THR D 112 23.10 -9.78 -1.82
CA THR D 112 22.97 -9.91 -0.39
C THR D 112 22.08 -8.83 0.20
N ILE D 113 22.26 -7.57 -0.20
CA ILE D 113 21.37 -6.48 0.26
C ILE D 113 19.93 -6.73 -0.23
N PHE D 114 19.80 -7.08 -1.50
CA PHE D 114 18.50 -7.35 -2.11
C PHE D 114 17.73 -8.38 -1.32
N LEU D 115 18.40 -9.52 -1.10
CA LEU D 115 17.78 -10.60 -0.34
C LEU D 115 17.56 -10.26 1.15
N SER D 116 18.53 -9.62 1.78
CA SER D 116 18.39 -9.19 3.18
C SER D 116 17.13 -8.35 3.41
N ARG D 117 16.89 -7.42 2.50
CA ARG D 117 15.74 -6.54 2.53
C ARG D 117 14.41 -7.32 2.45
N ARG D 118 14.42 -8.47 1.80
CA ARG D 118 13.22 -9.30 1.71
C ARG D 118 13.04 -10.29 2.85
N ILE D 119 14.03 -10.43 3.72
CA ILE D 119 13.86 -11.31 4.82
C ILE D 119 14.05 -10.68 6.17
N GLY D 120 14.09 -9.37 6.22
CA GLY D 120 14.06 -8.66 7.49
C GLY D 120 15.43 -8.45 8.12
N ILE D 121 16.48 -8.62 7.35
CA ILE D 121 17.83 -8.34 7.80
C ILE D 121 18.20 -6.89 7.43
N GLU D 122 18.56 -6.09 8.43
CA GLU D 122 18.86 -4.65 8.19
C GLU D 122 20.34 -4.32 8.15
N VAL D 123 21.17 -5.11 8.83
CA VAL D 123 22.61 -4.87 8.86
C VAL D 123 23.29 -5.93 8.01
N VAL D 124 24.16 -5.45 7.11
CA VAL D 124 24.94 -6.31 6.22
C VAL D 124 26.42 -5.92 6.32
N VAL D 125 27.29 -6.89 6.23
CA VAL D 125 28.72 -6.65 6.29
C VAL D 125 29.41 -7.15 5.04
N THR D 126 30.44 -6.42 4.61
CA THR D 126 31.33 -6.87 3.57
C THR D 126 32.75 -6.38 3.82
N GLY D 127 33.64 -6.67 2.88
CA GLY D 127 35.02 -6.20 2.97
C GLY D 127 35.05 -4.84 2.29
N GLY D 128 34.82 -4.85 0.97
CA GLY D 128 34.65 -3.60 0.22
C GLY D 128 33.64 -3.77 -0.92
N THR D 129 32.92 -2.74 -1.26
CA THR D 129 31.93 -2.84 -2.33
C THR D 129 32.56 -2.77 -3.69
N GLY D 130 31.78 -3.18 -4.68
CA GLY D 130 32.10 -2.91 -6.07
C GLY D 130 31.80 -1.44 -6.39
N GLY D 131 32.04 -1.08 -7.64
CA GLY D 131 31.91 0.27 -8.05
C GLY D 131 32.07 0.46 -9.54
N VAL D 132 32.56 1.63 -9.92
CA VAL D 132 32.90 1.92 -11.31
C VAL D 132 34.34 1.50 -11.50
N HIS D 133 34.55 0.68 -12.54
CA HIS D 133 35.88 0.18 -12.90
C HIS D 133 36.63 1.18 -13.79
N PRO D 134 37.96 1.10 -13.85
CA PRO D 134 38.69 1.92 -14.82
C PRO D 134 38.06 1.82 -16.18
N GLY D 135 37.98 2.95 -16.88
CA GLY D 135 37.31 2.98 -18.18
C GLY D 135 35.88 3.47 -18.07
N ARG D 136 35.29 3.37 -16.88
CA ARG D 136 33.95 3.95 -16.58
C ARG D 136 32.72 3.31 -17.23
N VAL D 137 32.90 2.26 -17.98
CA VAL D 137 31.77 1.61 -18.61
CA VAL D 137 31.83 1.56 -18.67
C VAL D 137 31.28 0.41 -17.80
N ASP D 138 32.20 -0.26 -17.09
CA ASP D 138 31.91 -1.43 -16.24
C ASP D 138 31.59 -0.93 -14.84
N VAL D 139 30.32 -1.07 -14.46
CA VAL D 139 29.84 -0.52 -13.19
C VAL D 139 29.06 -1.60 -12.40
N SER D 140 29.46 -1.83 -11.17
CA SER D 140 28.83 -2.85 -10.35
C SER D 140 27.32 -2.63 -10.08
N GLN D 141 26.59 -3.74 -10.08
CA GLN D 141 25.22 -3.79 -9.55
C GLN D 141 25.15 -3.30 -8.11
N ASP D 142 26.26 -3.37 -7.38
CA ASP D 142 26.28 -2.90 -6.00
C ASP D 142 25.83 -1.46 -5.88
N LEU D 143 26.23 -0.61 -6.82
CA LEU D 143 25.79 0.79 -6.76
C LEU D 143 24.30 0.94 -7.01
N THR D 144 23.78 0.24 -8.01
CA THR D 144 22.33 0.25 -8.28
C THR D 144 21.56 -0.23 -7.06
N GLU D 145 22.08 -1.28 -6.42
CA GLU D 145 21.36 -1.85 -5.29
C GLU D 145 21.30 -0.90 -4.09
N SER D 147 21.41 2.21 -4.16
CA SER D 147 20.55 3.33 -4.56
CA SER D 147 20.55 3.32 -4.59
C SER D 147 19.06 2.96 -4.53
N SER D 148 18.78 1.69 -4.32
CA SER D 148 17.45 1.10 -4.45
C SER D 148 16.91 0.51 -3.17
N SER D 149 17.77 0.12 -2.25
CA SER D 149 17.37 -0.75 -1.15
C SER D 149 17.95 -0.22 0.17
N ARG D 150 17.15 -0.24 1.22
CA ARG D 150 17.63 0.26 2.53
C ARG D 150 18.19 -0.81 3.40
N ALA D 151 19.36 -0.50 3.95
CA ALA D 151 20.08 -1.35 4.87
C ALA D 151 21.21 -0.52 5.45
N VAL D 152 21.82 -1.05 6.51
CA VAL D 152 23.06 -0.52 7.02
C VAL D 152 24.15 -1.47 6.54
N LEU D 153 25.09 -0.96 5.75
CA LEU D 153 26.19 -1.74 5.26
C LEU D 153 27.50 -1.31 5.89
N VAL D 154 28.16 -2.26 6.57
CA VAL D 154 29.51 -2.02 7.12
C VAL D 154 30.50 -2.51 6.08
N SER D 155 31.38 -1.59 5.66
CA SER D 155 32.45 -1.90 4.68
C SER D 155 33.71 -1.06 4.89
N SER D 156 34.83 -1.52 4.33
CA SER D 156 36.09 -0.74 4.29
C SER D 156 36.15 0.09 3.00
N GLY D 157 35.01 0.70 2.68
CA GLY D 157 34.93 1.52 1.50
C GLY D 157 34.69 0.67 0.29
N ILE D 158 35.41 1.00 -0.77
CA ILE D 158 35.26 0.34 -2.07
C ILE D 158 36.56 -0.37 -2.37
N LYS D 159 36.46 -1.41 -3.16
CA LYS D 159 37.63 -2.16 -3.55
C LYS D 159 38.66 -1.33 -4.27
N SER D 160 39.91 -1.62 -3.94
CA SER D 160 41.05 -0.87 -4.43
C SER D 160 41.31 -0.88 -5.93
N ILE D 161 40.68 -1.82 -6.64
CA ILE D 161 40.87 -2.04 -8.09
C ILE D 161 40.00 -1.11 -8.96
N LEU D 162 39.19 -0.27 -8.31
CA LEU D 162 38.18 0.53 -8.96
C LEU D 162 38.68 1.91 -9.39
N ASP D 163 37.86 2.60 -10.20
CA ASP D 163 38.06 4.03 -10.48
C ASP D 163 37.50 4.76 -9.27
N VAL D 164 38.40 5.22 -8.40
CA VAL D 164 37.98 5.71 -7.08
C VAL D 164 37.23 7.03 -7.23
N GLU D 165 37.76 7.95 -8.03
CA GLU D 165 37.05 9.20 -8.32
C GLU D 165 35.66 8.99 -8.86
N ALA D 166 35.53 8.19 -9.92
CA ALA D 166 34.21 7.93 -10.52
C ALA D 166 33.26 7.30 -9.52
N THR D 167 33.78 6.33 -8.76
CA THR D 167 32.90 5.61 -7.82
C THR D 167 32.44 6.54 -6.69
N PHE D 168 33.38 7.26 -6.11
CA PHE D 168 33.07 8.19 -5.02
C PHE D 168 32.08 9.24 -5.47
N GLU D 169 32.28 9.77 -6.65
CA GLU D 169 31.32 10.70 -7.22
C GLU D 169 29.93 10.06 -7.43
N LEU D 171 28.52 7.52 -5.86
CA LEU D 171 27.85 7.31 -4.57
C LEU D 171 27.06 8.59 -4.19
N GLU D 172 27.66 9.77 -4.40
CA GLU D 172 26.91 11.03 -4.19
C GLU D 172 25.70 11.15 -5.11
N THR D 173 25.94 10.98 -6.41
CA THR D 173 24.87 11.15 -7.39
C THR D 173 23.66 10.27 -7.08
N LEU D 174 23.92 9.02 -6.71
CA LEU D 174 22.88 8.07 -6.43
C LEU D 174 22.24 8.27 -5.04
N GLU D 175 22.67 9.29 -4.31
CA GLU D 175 22.11 9.63 -3.00
C GLU D 175 22.38 8.58 -1.96
N ILE D 176 23.56 7.97 -2.01
CA ILE D 176 23.94 6.94 -1.07
C ILE D 176 24.72 7.62 0.08
N PRO D 177 24.13 7.70 1.27
CA PRO D 177 24.77 8.36 2.40
C PRO D 177 25.91 7.55 2.96
N LEU D 178 27.03 8.24 3.22
CA LEU D 178 28.27 7.64 3.71
C LEU D 178 28.61 8.32 5.04
N VAL D 179 29.01 7.53 6.02
CA VAL D 179 29.60 8.05 7.27
C VAL D 179 30.81 7.25 7.63
N GLY D 180 31.82 7.97 8.10
CA GLY D 180 33.04 7.38 8.61
C GLY D 180 32.91 6.97 10.06
N PHE D 181 33.15 5.70 10.33
CA PHE D 181 33.21 5.29 11.72
C PHE D 181 34.54 5.77 12.37
N ARG D 182 34.46 6.85 13.15
CA ARG D 182 35.62 7.46 13.82
C ARG D 182 36.74 7.86 12.84
N THR D 183 36.34 8.27 11.68
CA THR D 183 37.21 8.83 10.69
C THR D 183 36.44 9.72 9.73
N ASN D 184 37.15 10.71 9.18
CA ASN D 184 36.65 11.60 8.13
C ASN D 184 37.26 11.26 6.77
N GLU D 185 38.00 10.16 6.70
CA GLU D 185 38.57 9.74 5.46
C GLU D 185 37.90 8.50 4.90
N PHE D 186 37.41 8.62 3.66
CA PHE D 186 36.83 7.52 2.94
C PHE D 186 37.92 6.43 2.75
N PRO D 187 37.72 5.24 3.31
CA PRO D 187 38.74 4.19 3.20
C PRO D 187 38.69 3.52 1.85
N LEU D 188 39.81 2.90 1.51
CA LEU D 188 39.95 2.21 0.24
CA LEU D 188 39.96 2.24 0.25
C LEU D 188 40.48 0.83 0.48
N PHE D 189 39.67 0.02 1.19
CA PHE D 189 39.81 -1.42 1.30
C PHE D 189 41.17 -1.76 1.92
N PHE D 190 42.19 -2.11 1.13
CA PHE D 190 43.54 -2.36 1.69
C PHE D 190 44.16 -1.14 2.36
N SER D 191 43.73 0.05 1.96
CA SER D 191 44.38 1.32 2.36
C SER D 191 43.46 2.16 3.26
N ARG D 192 44.02 2.87 4.22
CA ARG D 192 43.23 3.76 5.08
C ARG D 192 42.95 5.10 4.39
N LYS D 193 43.91 5.61 3.62
CA LYS D 193 43.78 6.98 3.09
C LYS D 193 43.41 6.96 1.63
N SER D 194 42.46 7.83 1.29
CA SER D 194 42.01 8.07 -0.09
C SER D 194 42.17 9.53 -0.47
N GLY D 195 42.35 10.39 0.53
CA GLY D 195 42.25 11.81 0.35
C GLY D 195 40.86 12.36 0.03
N ARG D 196 39.82 11.61 0.35
CA ARG D 196 38.45 12.03 0.09
C ARG D 196 37.73 12.07 1.43
N ARG D 197 37.07 13.19 1.71
CA ARG D 197 36.43 13.41 3.00
C ARG D 197 34.99 12.86 3.04
N VAL D 198 34.66 12.26 4.19
CA VAL D 198 33.32 11.89 4.54
C VAL D 198 32.99 12.51 5.91
N PRO D 199 31.71 12.65 6.22
CA PRO D 199 31.32 13.00 7.58
C PRO D 199 31.68 11.90 8.57
N ARG D 200 32.06 12.28 9.78
CA ARG D 200 32.52 11.34 10.78
C ARG D 200 31.45 11.15 11.83
N ILE D 201 31.28 9.91 12.30
CA ILE D 201 30.52 9.69 13.52
C ILE D 201 31.38 9.00 14.56
N GLU D 202 30.94 9.03 15.81
CA GLU D 202 31.78 8.55 16.92
C GLU D 202 31.39 7.20 17.49
N ASN D 203 30.15 6.78 17.27
CA ASN D 203 29.65 5.59 17.93
C ASN D 203 28.42 5.01 17.21
N VAL D 204 28.05 3.78 17.58
CA VAL D 204 26.92 3.05 17.00
CA VAL D 204 26.94 3.14 16.89
C VAL D 204 25.59 3.82 17.17
N GLU D 205 25.42 4.46 18.31
CA GLU D 205 24.19 5.19 18.58
C GLU D 205 23.95 6.25 17.47
N GLU D 206 25.03 6.91 17.03
CA GLU D 206 24.95 7.92 15.97
C GLU D 206 24.57 7.29 14.65
N VAL D 207 25.13 6.12 14.34
CA VAL D 207 24.71 5.34 13.17
C VAL D 207 23.22 5.04 13.19
N LEU D 208 22.70 4.64 14.35
CA LEU D 208 21.30 4.28 14.44
C LEU D 208 20.35 5.49 14.34
N LYS D 209 20.77 6.66 14.79
CA LYS D 209 19.94 7.87 14.60
C LYS D 209 19.85 8.28 13.13
N ILE D 210 20.95 8.17 12.40
CA ILE D 210 20.92 8.38 10.96
C ILE D 210 20.00 7.38 10.29
N TYR D 211 20.18 6.08 10.60
CA TYR D 211 19.39 5.09 9.93
C TYR D 211 17.86 5.18 10.22
N GLU D 212 17.50 5.44 11.47
CA GLU D 212 16.10 5.62 11.86
C GLU D 212 15.50 6.83 11.21
N SER D 213 16.27 7.89 11.09
CA SER D 213 15.84 9.11 10.36
C SER D 213 15.56 8.84 8.87
N LYS D 215 14.51 5.96 7.65
CA LYS D 215 13.26 5.21 7.64
C LYS D 215 12.07 6.14 7.71
N GLU D 216 12.19 7.11 8.62
CA GLU D 216 11.14 8.07 8.89
C GLU D 216 10.90 8.96 7.68
N GLU D 218 11.41 8.03 4.57
CA GLU D 218 11.29 7.19 3.39
C GLU D 218 12.42 7.41 2.35
N LEU D 219 13.65 7.42 2.86
CA LEU D 219 14.82 7.44 2.03
C LEU D 219 15.28 5.96 1.89
N GLU D 220 15.02 5.39 0.72
CA GLU D 220 15.31 3.98 0.49
C GLU D 220 16.67 3.87 -0.19
N LYS D 221 17.69 3.92 0.66
CA LYS D 221 19.07 3.92 0.23
C LYS D 221 19.84 3.18 1.29
N THR D 222 20.95 2.58 0.89
CA THR D 222 21.85 1.96 1.80
C THR D 222 22.71 2.99 2.49
N LEU D 223 22.82 2.90 3.83
CA LEU D 223 23.77 3.69 4.61
C LEU D 223 25.10 2.95 4.69
N VAL D 225 28.49 2.53 6.33
CA VAL D 225 29.28 2.81 7.51
C VAL D 225 30.67 2.32 7.22
N LEU D 226 31.59 3.28 7.15
CA LEU D 226 32.92 3.07 6.61
C LEU D 226 33.90 2.83 7.74
N ASN D 227 34.54 1.68 7.69
CA ASN D 227 35.42 1.23 8.73
C ASN D 227 36.78 0.88 8.12
N PRO D 228 37.79 1.70 8.35
CA PRO D 228 39.09 1.46 7.77
C PRO D 228 39.79 0.22 8.24
N VAL D 229 40.63 -0.32 7.37
CA VAL D 229 41.53 -1.42 7.78
C VAL D 229 42.42 -0.91 8.95
N PRO D 230 42.71 -1.73 9.97
CA PRO D 230 43.68 -1.33 11.01
C PRO D 230 45.04 -0.94 10.43
N GLU D 231 45.69 0.06 11.02
CA GLU D 231 46.99 0.53 10.47
C GLU D 231 48.00 -0.56 10.33
N GLU D 232 48.01 -1.49 11.28
CA GLU D 232 49.01 -2.56 11.29
C GLU D 232 49.06 -3.35 9.97
N TYR D 233 47.93 -3.44 9.26
CA TYR D 233 47.77 -4.29 8.07
C TYR D 233 47.60 -3.53 6.77
N GLU D 234 47.48 -2.22 6.83
CA GLU D 234 47.16 -1.45 5.63
C GLU D 234 48.31 -1.42 4.64
N ILE D 235 47.96 -1.13 3.40
CA ILE D 235 48.90 -0.96 2.32
C ILE D 235 48.50 0.36 1.65
N PRO D 236 49.45 1.30 1.53
CA PRO D 236 49.15 2.57 0.92
C PRO D 236 48.61 2.36 -0.49
N HIS D 237 47.60 3.14 -0.86
CA HIS D 237 46.94 2.96 -2.14
C HIS D 237 47.92 3.21 -3.27
N ASP D 238 48.91 4.06 -3.07
CA ASP D 238 49.78 4.36 -4.20
C ASP D 238 50.59 3.13 -4.63
N GLU D 239 50.94 2.23 -3.69
CA GLU D 239 51.62 0.99 -4.04
C GLU D 239 50.70 0.08 -4.80
N ILE D 240 49.46 -0.03 -4.33
CA ILE D 240 48.46 -0.86 -4.99
CA ILE D 240 48.47 -0.86 -5.00
C ILE D 240 48.23 -0.38 -6.43
N GLU D 241 48.04 0.93 -6.59
CA GLU D 241 47.87 1.51 -7.93
C GLU D 241 49.06 1.17 -8.85
N ARG D 242 50.27 1.22 -8.28
CA ARG D 242 51.49 0.91 -9.00
C ARG D 242 51.45 -0.52 -9.51
N LEU D 243 51.07 -1.43 -8.63
CA LEU D 243 50.95 -2.83 -9.00
C LEU D 243 49.86 -3.03 -10.08
N LEU D 244 48.70 -2.41 -9.89
CA LEU D 244 47.61 -2.54 -10.88
C LEU D 244 47.97 -2.03 -12.28
N GLU D 245 48.84 -1.01 -12.34
CA GLU D 245 49.29 -0.48 -13.62
C GLU D 245 50.05 -1.51 -14.45
N LYS D 246 50.70 -2.46 -13.78
CA LYS D 246 51.46 -3.53 -14.45
C LYS D 246 50.62 -4.72 -14.98
N ILE D 247 49.33 -4.76 -14.67
CA ILE D 247 48.50 -5.91 -15.02
C ILE D 247 47.68 -5.68 -16.28
N GLU D 248 47.87 -6.55 -17.26
CA GLU D 248 46.99 -6.58 -18.42
C GLU D 248 45.68 -7.20 -17.95
N LEU D 249 44.55 -6.60 -18.31
CA LEU D 249 43.30 -7.14 -17.83
C LEU D 249 42.89 -8.21 -18.82
N GLU D 250 42.94 -9.48 -18.40
CA GLU D 250 42.67 -10.57 -19.32
C GLU D 250 41.21 -10.96 -19.42
N VAL D 251 40.35 -10.40 -18.60
CA VAL D 251 39.00 -10.94 -18.44
C VAL D 251 38.01 -9.79 -18.47
N GLU D 252 36.73 -10.12 -18.47
CA GLU D 252 35.68 -9.12 -18.51
C GLU D 252 34.53 -9.63 -17.66
N GLY D 253 33.57 -8.75 -17.38
CA GLY D 253 32.40 -9.14 -16.59
C GLY D 253 32.74 -9.52 -15.17
N LYS D 254 32.05 -10.52 -14.63
CA LYS D 254 32.20 -10.86 -13.20
C LYS D 254 33.61 -11.35 -12.78
N GLU D 255 34.37 -11.81 -13.76
CA GLU D 255 35.71 -12.32 -13.50
C GLU D 255 36.73 -11.22 -13.16
N VAL D 256 36.40 -9.96 -13.47
CA VAL D 256 37.38 -8.87 -13.34
C VAL D 256 37.93 -8.76 -11.91
N THR D 257 37.01 -8.69 -10.96
CA THR D 257 37.36 -8.49 -9.57
C THR D 257 38.25 -9.60 -8.98
N PRO D 258 37.78 -10.85 -8.97
CA PRO D 258 38.60 -11.97 -8.47
C PRO D 258 39.96 -12.09 -9.18
N PHE D 259 39.97 -11.87 -10.49
CA PHE D 259 41.19 -11.91 -11.28
C PHE D 259 42.24 -10.92 -10.76
N LEU D 260 41.82 -9.68 -10.50
CA LEU D 260 42.75 -8.65 -10.07
C LEU D 260 43.19 -8.84 -8.62
N LEU D 261 42.25 -9.27 -7.79
CA LEU D 261 42.53 -9.52 -6.38
C LEU D 261 43.53 -10.67 -6.23
N LYS D 262 43.38 -11.71 -7.05
CA LYS D 262 44.32 -12.84 -7.01
C LYS D 262 45.74 -12.42 -7.45
N LYS D 263 45.80 -11.61 -8.50
CA LYS D 263 47.06 -11.06 -8.98
C LYS D 263 47.79 -10.23 -7.91
N LEU D 264 47.01 -9.45 -7.15
CA LEU D 264 47.60 -8.62 -6.09
C LEU D 264 48.17 -9.45 -4.95
N VAL D 265 47.45 -10.50 -4.56
CA VAL D 265 47.98 -11.44 -3.53
C VAL D 265 49.33 -11.99 -3.95
N GLU D 266 49.43 -12.35 -5.23
CA GLU D 266 50.70 -12.89 -5.78
C GLU D 266 51.80 -11.85 -5.68
N THR D 268 52.04 -9.07 -3.95
CA THR D 268 52.41 -8.56 -2.62
C THR D 268 52.80 -9.67 -1.68
N ASN D 269 52.99 -10.85 -2.23
CA ASN D 269 53.39 -11.99 -1.42
C ASN D 269 52.48 -12.22 -0.19
N GLY D 270 51.18 -12.07 -0.41
CA GLY D 270 50.18 -12.34 0.62
C GLY D 270 49.79 -11.17 1.49
N ARG D 271 50.46 -10.03 1.34
CA ARG D 271 50.12 -8.86 2.15
C ARG D 271 48.65 -8.44 1.95
N THR D 272 48.13 -8.46 0.71
CA THR D 272 46.77 -8.00 0.49
C THR D 272 45.78 -8.96 1.12
N LEU D 273 46.10 -10.26 1.11
CA LEU D 273 45.23 -11.26 1.73
C LEU D 273 45.13 -11.05 3.23
N LYS D 274 46.28 -10.73 3.85
CA LYS D 274 46.33 -10.45 5.27
C LYS D 274 45.52 -9.21 5.63
N ALA D 275 45.62 -8.17 4.81
CA ALA D 275 44.81 -6.97 5.01
C ALA D 275 43.34 -7.24 4.86
N ASN D 276 43.02 -8.06 3.87
CA ASN D 276 41.64 -8.35 3.52
C ASN D 276 40.98 -9.11 4.70
N LEU D 277 41.69 -10.10 5.22
CA LEU D 277 41.21 -10.87 6.35
C LEU D 277 41.04 -10.02 7.58
N ALA D 278 41.98 -9.11 7.82
CA ALA D 278 41.92 -8.24 9.02
C ALA D 278 40.70 -7.30 8.91
N LEU D 279 40.46 -6.69 7.76
CA LEU D 279 39.33 -5.75 7.62
C LEU D 279 38.00 -6.46 7.69
N LEU D 280 37.93 -7.67 7.12
CA LEU D 280 36.71 -8.45 7.16
C LEU D 280 36.32 -8.75 8.61
N GLU D 281 37.29 -9.18 9.41
CA GLU D 281 37.04 -9.45 10.81
C GLU D 281 36.65 -8.17 11.62
N GLU D 282 37.36 -7.06 11.41
CA GLU D 282 37.00 -5.81 12.10
C GLU D 282 35.59 -5.34 11.69
N ASN D 283 35.25 -5.48 10.41
CA ASN D 283 33.91 -5.15 9.89
C ASN D 283 32.80 -6.01 10.51
N VAL D 284 33.02 -7.30 10.68
CA VAL D 284 32.04 -8.18 11.37
C VAL D 284 31.82 -7.70 12.83
N LYS D 285 32.88 -7.35 13.53
CA LYS D 285 32.75 -6.78 14.89
C LYS D 285 31.84 -5.53 14.90
N LEU D 286 32.12 -4.59 14.02
CA LEU D 286 31.35 -3.35 14.01
C LEU D 286 29.91 -3.60 13.58
N ALA D 287 29.72 -4.41 12.55
CA ALA D 287 28.39 -4.76 12.11
C ALA D 287 27.61 -5.39 13.25
N GLY D 288 28.23 -6.29 13.99
CA GLY D 288 27.63 -6.91 15.17
C GLY D 288 27.17 -5.93 16.25
N GLU D 289 27.99 -4.96 16.55
CA GLU D 289 27.63 -3.93 17.53
C GLU D 289 26.41 -3.13 17.06
N ILE D 290 26.40 -2.80 15.77
CA ILE D 290 25.26 -2.09 15.19
C ILE D 290 23.99 -2.92 15.30
N ALA D 291 24.07 -4.17 14.85
CA ALA D 291 22.92 -5.08 14.87
C ALA D 291 22.34 -5.25 16.27
N VAL D 292 23.20 -5.38 17.28
CA VAL D 292 22.75 -5.65 18.63
C VAL D 292 22.02 -4.43 19.16
N LYS D 293 22.58 -3.24 18.93
CA LYS D 293 21.94 -2.01 19.39
C LYS D 293 20.71 -1.62 18.58
N LEU D 294 20.66 -1.97 17.31
CA LEU D 294 19.47 -1.71 16.50
C LEU D 294 18.22 -2.37 17.08
N LYS D 295 18.38 -3.58 17.56
CA LYS D 295 17.29 -4.30 18.19
C LYS D 295 16.76 -3.62 19.48
N ARG D 296 17.62 -2.89 20.19
CA ARG D 296 17.26 -2.16 21.40
C ARG D 296 16.95 -0.67 21.15
N LYS E 5 -6.80 -1.56 -3.06
CA LYS E 5 -7.67 -0.59 -2.38
C LYS E 5 -8.08 0.48 -3.38
N ILE E 6 -8.62 1.60 -2.88
CA ILE E 6 -9.36 2.56 -3.68
C ILE E 6 -8.42 3.54 -4.33
N HIS E 7 -8.36 3.44 -5.64
CA HIS E 7 -7.46 4.17 -6.47
C HIS E 7 -8.21 5.37 -7.00
N HIS E 8 -7.48 6.25 -7.67
CA HIS E 8 -8.08 7.43 -8.23
C HIS E 8 -8.91 7.09 -9.44
N HIS E 9 -9.82 8.01 -9.75
CA HIS E 9 -10.64 7.92 -10.94
C HIS E 9 -9.99 8.84 -11.97
N HIS E 10 -9.70 8.34 -13.17
CA HIS E 10 -9.07 9.12 -14.25
C HIS E 10 -9.95 10.13 -14.99
N HIS E 11 -9.38 11.30 -15.32
CA HIS E 11 -10.06 12.28 -16.21
C HIS E 11 -9.27 12.60 -17.49
N HIS E 12 -7.98 12.94 -17.38
CA HIS E 12 -7.19 13.38 -18.54
C HIS E 12 -6.60 12.23 -19.36
N VAL E 13 -6.29 11.11 -18.71
CA VAL E 13 -5.63 10.03 -19.38
C VAL E 13 -6.66 8.96 -19.65
N ILE E 14 -7.32 9.10 -20.79
CA ILE E 14 -8.32 8.14 -21.21
C ILE E 14 -7.60 7.01 -21.93
N ILE E 15 -7.81 5.80 -21.43
CA ILE E 15 -7.18 4.63 -21.95
C ILE E 15 -8.29 3.79 -22.54
N GLU E 16 -8.22 3.53 -23.83
CA GLU E 16 -9.15 2.63 -24.44
C GLU E 16 -8.46 1.29 -24.70
N SER E 17 -8.85 0.26 -23.94
CA SER E 17 -8.34 -1.10 -24.10
C SER E 17 -9.34 -1.99 -24.81
N ARG E 18 -8.87 -2.72 -25.80
CA ARG E 18 -9.73 -3.65 -26.50
C ARG E 18 -9.37 -5.06 -26.10
N ILE E 19 -8.76 -5.22 -24.94
CA ILE E 19 -8.24 -6.50 -24.50
C ILE E 19 -9.05 -7.12 -23.36
N GLU E 20 -9.50 -8.36 -23.55
CA GLU E 20 -10.16 -9.11 -22.48
C GLU E 20 -9.14 -9.59 -21.44
N LYS E 21 -9.41 -9.26 -20.17
CA LYS E 21 -8.56 -9.71 -19.05
C LYS E 21 -8.33 -11.23 -19.01
N GLY E 22 -9.31 -12.02 -19.44
CA GLY E 22 -9.24 -13.47 -19.31
C GLY E 22 -8.41 -14.20 -20.37
N LYS E 23 -7.77 -13.47 -21.28
CA LYS E 23 -7.21 -14.09 -22.48
C LYS E 23 -5.79 -13.60 -22.70
N PRO E 24 -4.98 -14.40 -23.38
CA PRO E 24 -3.56 -14.05 -23.62
C PRO E 24 -3.39 -12.79 -24.46
N VAL E 25 -2.34 -12.04 -24.19
CA VAL E 25 -2.06 -10.76 -24.84
C VAL E 25 -0.56 -10.41 -24.96
N VAL E 26 -0.22 -9.82 -26.10
CA VAL E 26 1.11 -9.33 -26.36
C VAL E 26 0.98 -7.86 -26.72
N GLY E 27 1.71 -7.03 -26.04
CA GLY E 27 1.80 -5.61 -26.37
C GLY E 27 2.90 -5.33 -27.39
N GLU E 29 4.79 -1.92 -29.76
CA GLU E 29 4.98 -0.49 -29.96
C GLU E 29 4.43 -0.04 -31.29
N THR E 30 4.26 1.26 -31.44
CA THR E 30 3.85 1.83 -32.72
C THR E 30 4.96 2.41 -33.57
N THR E 31 6.09 2.81 -32.97
CA THR E 31 7.05 3.54 -33.77
C THR E 31 7.70 2.69 -34.86
N VAL E 32 7.86 1.40 -34.63
CA VAL E 32 8.34 0.52 -35.72
C VAL E 32 7.47 0.68 -36.97
N PHE E 33 6.15 0.72 -36.78
CA PHE E 33 5.21 0.80 -37.89
C PHE E 33 5.24 2.18 -38.49
N VAL E 34 5.15 3.18 -37.64
CA VAL E 34 5.08 4.56 -38.11
C VAL E 34 6.42 5.10 -38.58
N HIS E 35 7.46 4.99 -37.77
CA HIS E 35 8.72 5.60 -38.10
C HIS E 35 9.77 4.60 -38.57
N GLY E 36 9.55 3.32 -38.32
CA GLY E 36 10.61 2.33 -38.46
C GLY E 36 10.59 1.53 -39.72
N LEU E 37 9.47 1.54 -40.44
CA LEU E 37 9.34 0.80 -41.68
C LEU E 37 8.60 1.66 -42.70
N PRO E 38 8.86 1.42 -43.98
CA PRO E 38 8.04 2.00 -45.03
C PRO E 38 6.61 1.49 -44.84
N ARG E 39 5.65 2.37 -45.30
CA ARG E 39 4.20 2.14 -45.09
C ARG E 39 3.71 0.77 -45.60
N LYS E 40 4.26 0.36 -46.74
CA LYS E 40 3.80 -0.86 -47.39
C LYS E 40 4.09 -2.07 -46.50
N GLU E 41 5.39 -2.19 -46.15
CA GLU E 41 5.92 -3.24 -45.25
C GLU E 41 5.28 -3.25 -43.87
N ALA E 42 5.07 -2.06 -43.32
CA ALA E 42 4.43 -1.90 -42.02
C ALA E 42 3.01 -2.47 -42.01
N ILE E 43 2.19 -2.13 -43.01
CA ILE E 43 0.82 -2.68 -43.02
C ILE E 43 0.78 -4.20 -43.28
N GLU E 44 1.86 -4.66 -44.07
CA GLU E 44 1.93 -6.10 -44.30
C GLU E 44 2.29 -6.81 -42.99
N LEU E 45 3.20 -6.22 -42.21
CA LEU E 45 3.64 -6.77 -40.91
C LEU E 45 2.50 -6.82 -39.89
N PHE E 46 1.78 -5.70 -39.79
CA PHE E 46 0.64 -5.61 -38.88
C PHE E 46 -0.34 -6.73 -39.18
N ARG E 47 -0.61 -6.91 -40.48
CA ARG E 47 -1.50 -7.94 -40.93
C ARG E 47 -0.91 -9.30 -40.63
N ARG E 48 0.38 -9.47 -40.93
CA ARG E 48 1.03 -10.76 -40.70
C ARG E 48 1.03 -11.08 -39.20
N ALA E 49 1.31 -10.06 -38.37
CA ALA E 49 1.27 -10.20 -36.94
C ALA E 49 -0.12 -10.51 -36.41
N LYS E 50 -1.16 -9.91 -37.04
CA LYS E 50 -2.54 -10.25 -36.69
C LYS E 50 -2.88 -11.68 -37.04
N GLU E 51 -2.45 -12.14 -38.21
CA GLU E 51 -2.63 -13.55 -38.60
C GLU E 51 -2.06 -14.51 -37.55
N ILE E 52 -0.83 -14.25 -37.15
CA ILE E 52 -0.16 -15.06 -36.14
C ILE E 52 -0.95 -15.08 -34.82
N SER E 53 -1.46 -13.92 -34.39
CA SER E 53 -2.26 -13.86 -33.17
C SER E 53 -3.53 -14.75 -33.29
N ARG E 54 -4.13 -14.80 -34.47
CA ARG E 54 -5.29 -15.70 -34.71
C ARG E 54 -4.88 -17.19 -34.74
N GLU E 55 -3.73 -17.50 -35.34
CA GLU E 55 -3.19 -18.87 -35.35
C GLU E 55 -2.84 -19.38 -33.95
N LYS E 56 -2.20 -18.52 -33.15
CA LYS E 56 -1.69 -18.94 -31.84
C LYS E 56 -2.69 -18.75 -30.72
N GLY E 57 -3.70 -17.92 -30.95
CA GLY E 57 -4.72 -17.65 -29.93
C GLY E 57 -4.28 -16.64 -28.88
N PHE E 58 -3.68 -15.55 -29.32
CA PHE E 58 -3.48 -14.43 -28.44
C PHE E 58 -4.01 -13.15 -29.06
N GLN E 59 -4.11 -12.12 -28.23
CA GLN E 59 -4.54 -10.78 -28.69
C GLN E 59 -3.30 -9.93 -28.95
N LEU E 60 -3.16 -9.43 -30.19
CA LEU E 60 -2.05 -8.53 -30.50
C LEU E 60 -2.48 -7.12 -30.13
N ALA E 61 -1.81 -6.53 -29.14
CA ALA E 61 -2.19 -5.21 -28.68
C ALA E 61 -1.17 -4.18 -29.15
N VAL E 62 -1.35 -3.66 -30.36
CA VAL E 62 -0.49 -2.56 -30.80
C VAL E 62 -0.94 -1.29 -30.08
N ILE E 63 0.02 -0.63 -29.43
CA ILE E 63 -0.23 0.45 -28.54
C ILE E 63 0.26 1.72 -29.17
N GLY E 64 -0.62 2.72 -29.16
CA GLY E 64 -0.24 4.07 -29.56
C GLY E 64 -1.21 5.08 -29.03
N ILE E 65 -0.97 6.34 -29.37
CA ILE E 65 -1.78 7.47 -28.91
C ILE E 65 -2.40 8.19 -30.11
N LEU E 66 -3.74 8.27 -30.11
CA LEU E 66 -4.53 8.84 -31.19
C LEU E 66 -5.24 10.09 -30.68
N LYS E 67 -4.71 11.25 -31.10
CA LYS E 67 -5.20 12.55 -30.58
C LYS E 67 -5.30 12.59 -29.03
N GLY E 68 -4.25 12.14 -28.37
CA GLY E 68 -4.17 12.20 -26.91
C GLY E 68 -4.80 11.05 -26.16
N LYS E 69 -5.49 10.16 -26.88
CA LYS E 69 -6.08 8.99 -26.25
C LYS E 69 -5.11 7.84 -26.40
N ILE E 70 -4.83 7.16 -25.30
CA ILE E 70 -4.03 5.94 -25.33
C ILE E 70 -4.92 4.79 -25.80
N VAL E 71 -4.50 4.09 -26.86
CA VAL E 71 -5.23 2.93 -27.31
C VAL E 71 -4.35 1.69 -27.27
N ALA E 72 -4.87 0.64 -26.65
CA ALA E 72 -4.20 -0.66 -26.62
C ALA E 72 -5.03 -1.61 -27.46
N GLY E 73 -4.47 -1.98 -28.60
CA GLY E 73 -5.16 -2.81 -29.57
C GLY E 73 -5.65 -1.99 -30.75
N SER E 75 -6.33 -0.66 -34.59
CA SER E 75 -6.74 -1.32 -35.85
C SER E 75 -5.85 -0.85 -37.00
N GLU E 76 -5.84 -1.58 -38.13
CA GLU E 76 -5.00 -1.15 -39.27
C GLU E 76 -5.44 0.21 -39.85
N GLU E 77 -6.73 0.51 -39.66
CA GLU E 77 -7.29 1.79 -40.09
C GLU E 77 -6.69 2.94 -39.29
N GLU E 78 -6.62 2.74 -37.99
CA GLU E 78 -6.05 3.71 -37.09
C GLU E 78 -4.56 3.90 -37.36
N LEU E 79 -3.84 2.80 -37.53
CA LEU E 79 -2.43 2.85 -37.90
C LEU E 79 -2.22 3.63 -39.22
N GLU E 80 -3.04 3.36 -40.23
CA GLU E 80 -2.93 4.05 -41.52
C GLU E 80 -3.18 5.56 -41.35
N ALA E 81 -4.19 5.89 -40.54
CA ALA E 81 -4.51 7.30 -40.25
C ALA E 81 -3.37 8.01 -39.56
N ARG E 84 -0.76 8.77 -42.02
CA ARG E 84 -1.15 9.91 -42.86
C ARG E 84 -1.19 11.24 -42.09
N GLU E 85 -1.76 11.23 -40.90
CA GLU E 85 -1.90 12.46 -40.11
C GLU E 85 -0.57 12.82 -39.45
N GLY E 86 0.33 11.83 -39.36
CA GLY E 86 1.63 12.04 -38.73
C GLY E 86 1.47 11.86 -37.23
N ALA E 87 2.60 11.52 -36.58
CA ALA E 87 2.63 11.28 -35.14
C ALA E 87 4.05 11.42 -34.59
N ASP E 88 4.18 12.03 -33.40
CA ASP E 88 5.47 12.14 -32.74
C ASP E 88 6.01 10.78 -32.29
N LYS E 89 7.34 10.63 -32.25
CA LYS E 89 7.98 9.46 -31.64
C LYS E 89 8.12 9.74 -30.14
N VAL E 90 7.54 8.88 -29.29
CA VAL E 90 7.51 9.16 -27.86
C VAL E 90 8.04 8.02 -27.05
N GLY E 91 8.98 8.35 -26.15
CA GLY E 91 9.33 7.51 -25.05
C GLY E 91 8.47 7.89 -23.86
N THR E 92 8.81 7.31 -22.72
CA THR E 92 8.00 7.44 -21.53
C THR E 92 7.75 8.88 -21.13
N ARG E 93 8.80 9.69 -21.14
CA ARG E 93 8.67 11.04 -20.60
C ARG E 93 7.83 11.94 -21.50
N GLU E 94 7.67 11.55 -22.78
CA GLU E 94 6.88 12.36 -23.71
C GLU E 94 5.38 12.01 -23.74
N ILE E 95 4.99 10.92 -23.07
CA ILE E 95 3.59 10.52 -23.02
C ILE E 95 2.71 11.63 -22.42
N PRO E 96 3.06 12.18 -21.27
CA PRO E 96 2.19 13.20 -20.67
C PRO E 96 1.98 14.43 -21.56
N ILE E 97 3.01 14.78 -22.33
CA ILE E 97 2.99 15.98 -23.18
C ILE E 97 1.99 15.77 -24.34
N VAL E 98 2.10 14.64 -25.01
CA VAL E 98 1.20 14.35 -26.11
C VAL E 98 -0.23 14.11 -25.65
N VAL E 99 -0.41 13.49 -24.48
CA VAL E 99 -1.76 13.28 -23.94
C VAL E 99 -2.42 14.61 -23.63
N ALA E 100 -1.70 15.49 -22.96
CA ALA E 100 -2.22 16.83 -22.63
C ALA E 100 -2.62 17.58 -23.88
N GLU E 101 -1.72 17.59 -24.86
CA GLU E 101 -1.91 18.36 -26.11
C GLU E 101 -2.87 17.77 -27.16
N GLY E 102 -3.34 16.55 -26.93
CA GLY E 102 -4.25 15.86 -27.84
C GLY E 102 -3.60 15.47 -29.16
N LYS E 103 -2.34 15.08 -29.11
CA LYS E 103 -1.57 14.71 -30.31
C LYS E 103 -1.52 13.20 -30.59
N ASN E 104 -1.34 12.83 -31.85
CA ASN E 104 -0.93 11.47 -32.21
C ASN E 104 0.49 11.24 -31.74
N ALA E 105 0.78 10.03 -31.28
CA ALA E 105 2.14 9.66 -30.97
C ALA E 105 2.36 8.17 -31.15
N ALA E 106 3.54 7.83 -31.65
CA ALA E 106 3.97 6.44 -31.80
C ALA E 106 4.95 6.12 -30.68
N THR E 107 4.69 5.03 -29.94
CA THR E 107 5.47 4.69 -28.77
C THR E 107 6.71 3.91 -29.14
N THR E 108 7.78 4.18 -28.41
CA THR E 108 8.99 3.36 -28.43
C THR E 108 8.85 2.24 -27.42
N VAL E 109 9.90 1.44 -27.27
CA VAL E 109 9.91 0.40 -26.24
C VAL E 109 9.61 0.94 -24.82
N SER E 110 10.27 2.03 -24.44
CA SER E 110 10.13 2.53 -23.08
C SER E 110 8.65 2.86 -22.80
N ALA E 111 8.06 3.62 -23.69
CA ALA E 111 6.67 4.02 -23.54
C ALA E 111 5.74 2.82 -23.60
N THR E 112 6.05 1.85 -24.43
CA THR E 112 5.21 0.67 -24.57
C THR E 112 5.22 -0.19 -23.32
N ILE E 113 6.41 -0.41 -22.75
CA ILE E 113 6.50 -1.18 -21.49
C ILE E 113 5.77 -0.42 -20.38
N PHE E 114 6.01 0.86 -20.28
CA PHE E 114 5.41 1.72 -19.28
C PHE E 114 3.89 1.60 -19.31
N LEU E 115 3.30 1.76 -20.49
CA LEU E 115 1.87 1.67 -20.60
C LEU E 115 1.33 0.26 -20.39
N SER E 116 2.02 -0.74 -20.93
CA SER E 116 1.60 -2.11 -20.78
C SER E 116 1.42 -2.46 -19.30
N ARG E 117 2.40 -2.03 -18.51
CA ARG E 117 2.45 -2.28 -17.08
C ARG E 117 1.26 -1.65 -16.36
N ARG E 118 0.66 -0.60 -16.92
CA ARG E 118 -0.52 0.05 -16.33
C ARG E 118 -1.85 -0.50 -16.81
N ILE E 119 -1.84 -1.38 -17.80
CA ILE E 119 -3.07 -1.96 -18.31
C ILE E 119 -3.08 -3.48 -18.35
N GLY E 120 -2.24 -4.11 -17.55
CA GLY E 120 -2.36 -5.52 -17.36
C GLY E 120 -1.70 -6.32 -18.47
N ILE E 121 -0.82 -5.71 -19.27
CA ILE E 121 -0.08 -6.46 -20.32
C ILE E 121 1.33 -6.78 -19.84
N GLU E 122 1.72 -8.05 -19.90
CA GLU E 122 2.99 -8.51 -19.31
C GLU E 122 4.04 -8.90 -20.33
N VAL E 123 3.62 -9.30 -21.52
CA VAL E 123 4.55 -9.66 -22.60
C VAL E 123 4.50 -8.55 -23.68
N VAL E 124 5.67 -8.06 -24.07
CA VAL E 124 5.82 -7.01 -25.06
C VAL E 124 6.85 -7.52 -26.09
N VAL E 125 6.62 -7.12 -27.33
CA VAL E 125 7.48 -7.56 -28.42
C VAL E 125 8.05 -6.37 -29.19
N THR E 126 9.33 -6.47 -29.57
CA THR E 126 9.94 -5.47 -30.40
C THR E 126 10.96 -6.13 -31.32
N GLY E 127 11.61 -5.34 -32.17
CA GLY E 127 12.72 -5.82 -33.00
C GLY E 127 14.03 -5.77 -32.25
N GLY E 128 14.39 -4.56 -31.84
CA GLY E 128 15.58 -4.32 -31.05
C GLY E 128 15.37 -3.13 -30.12
N THR E 129 15.99 -3.16 -28.95
CA THR E 129 15.86 -2.04 -28.04
C THR E 129 16.90 -0.97 -28.37
N GLY E 130 16.64 0.21 -27.83
CA GLY E 130 17.63 1.27 -27.77
C GLY E 130 18.69 0.89 -26.75
N GLY E 131 19.69 1.76 -26.60
CA GLY E 131 20.77 1.57 -25.63
C GLY E 131 21.65 2.81 -25.50
N VAL E 132 22.94 2.57 -25.30
CA VAL E 132 23.97 3.56 -25.21
C VAL E 132 24.57 3.80 -26.59
N HIS E 133 24.47 5.03 -27.06
CA HIS E 133 24.98 5.37 -28.41
C HIS E 133 26.47 5.60 -28.36
N PRO E 134 27.15 5.51 -29.49
CA PRO E 134 28.52 5.94 -29.56
C PRO E 134 28.73 7.31 -28.91
N GLY E 135 29.81 7.42 -28.15
CA GLY E 135 30.10 8.63 -27.39
C GLY E 135 29.66 8.53 -25.93
N ARG E 136 28.71 7.63 -25.66
CA ARG E 136 28.21 7.25 -24.35
C ARG E 136 27.49 8.37 -23.57
N VAL E 137 27.08 9.44 -24.24
CA VAL E 137 26.34 10.54 -23.61
CA VAL E 137 26.30 10.48 -23.55
C VAL E 137 24.83 10.37 -23.88
N ASP E 138 24.52 9.88 -25.08
CA ASP E 138 23.17 9.66 -25.59
C ASP E 138 22.75 8.23 -25.20
N VAL E 139 21.76 8.13 -24.32
CA VAL E 139 21.30 6.83 -23.79
C VAL E 139 19.77 6.74 -23.81
N SER E 140 19.24 5.66 -24.40
CA SER E 140 17.82 5.50 -24.56
C SER E 140 17.06 5.41 -23.22
N GLN E 141 15.90 6.07 -23.14
CA GLN E 141 14.91 5.77 -22.11
C GLN E 141 14.54 4.26 -21.98
N ASP E 142 14.69 3.47 -23.04
CA ASP E 142 14.50 2.03 -22.97
C ASP E 142 15.24 1.39 -21.82
N LEU E 143 16.49 1.81 -21.59
CA LEU E 143 17.28 1.24 -20.49
C LEU E 143 16.71 1.59 -19.15
N THR E 144 16.33 2.85 -19.00
CA THR E 144 15.71 3.31 -17.77
C THR E 144 14.40 2.57 -17.50
N GLU E 145 13.61 2.38 -18.54
CA GLU E 145 12.31 1.76 -18.36
C GLU E 145 12.48 0.30 -17.93
N SER E 147 14.85 -0.96 -16.36
CA SER E 147 15.39 -1.04 -15.01
CA SER E 147 15.41 -0.98 -15.00
C SER E 147 14.33 -0.65 -13.95
N SER E 148 13.16 -0.24 -14.41
CA SER E 148 12.08 0.27 -13.59
C SER E 148 10.77 -0.50 -13.62
N SER E 149 10.50 -1.25 -14.70
CA SER E 149 9.18 -1.79 -14.95
C SER E 149 9.31 -3.26 -15.25
N ARG E 150 8.45 -4.07 -14.67
CA ARG E 150 8.52 -5.50 -14.93
C ARG E 150 7.62 -5.91 -16.11
N ALA E 151 8.20 -6.73 -16.94
CA ALA E 151 7.55 -7.26 -18.14
C ALA E 151 8.47 -8.32 -18.74
N VAL E 152 7.94 -9.11 -19.65
CA VAL E 152 8.78 -10.00 -20.48
C VAL E 152 8.85 -9.31 -21.84
N LEU E 153 10.06 -8.94 -22.26
CA LEU E 153 10.30 -8.31 -23.55
C LEU E 153 10.99 -9.27 -24.49
N VAL E 154 10.33 -9.59 -25.60
CA VAL E 154 10.96 -10.39 -26.66
C VAL E 154 11.56 -9.41 -27.63
N SER E 155 12.84 -9.63 -27.92
CA SER E 155 13.58 -8.79 -28.89
C SER E 155 14.73 -9.56 -29.47
N SER E 156 15.32 -9.02 -30.51
CA SER E 156 16.54 -9.57 -31.11
C SER E 156 17.76 -8.77 -30.62
N GLY E 157 17.74 -8.44 -29.34
CA GLY E 157 18.84 -7.79 -28.67
C GLY E 157 18.72 -6.29 -28.82
N ILE E 158 19.83 -5.64 -29.05
CA ILE E 158 19.89 -4.20 -29.11
C ILE E 158 20.22 -3.83 -30.52
N LYS E 159 19.78 -2.65 -30.91
CA LYS E 159 20.06 -2.19 -32.23
C LYS E 159 21.55 -2.12 -32.53
N SER E 160 21.86 -2.44 -33.78
CA SER E 160 23.22 -2.50 -34.34
C SER E 160 24.03 -1.17 -34.34
N ILE E 161 23.31 -0.05 -34.25
CA ILE E 161 23.90 1.30 -34.33
C ILE E 161 24.57 1.79 -33.02
N LEU E 162 24.46 0.97 -31.98
CA LEU E 162 24.74 1.42 -30.62
C LEU E 162 26.19 1.13 -30.23
N ASP E 163 26.60 1.69 -29.10
CA ASP E 163 27.84 1.26 -28.44
C ASP E 163 27.54 -0.07 -27.71
N VAL E 164 27.89 -1.18 -28.35
CA VAL E 164 27.48 -2.47 -27.89
C VAL E 164 28.10 -2.83 -26.51
N GLU E 165 29.40 -2.62 -26.35
CA GLU E 165 30.02 -2.86 -25.04
C GLU E 165 29.37 -2.04 -23.91
N ALA E 166 29.16 -0.76 -24.15
CA ALA E 166 28.60 0.11 -23.11
C ALA E 166 27.18 -0.29 -22.78
N THR E 167 26.44 -0.67 -23.82
CA THR E 167 25.06 -1.09 -23.61
C THR E 167 25.03 -2.38 -22.82
N PHE E 168 25.80 -3.36 -23.28
CA PHE E 168 25.84 -4.65 -22.60
C PHE E 168 26.26 -4.53 -21.12
N GLU E 169 27.28 -3.72 -20.86
CA GLU E 169 27.69 -3.43 -19.50
C GLU E 169 26.59 -2.71 -18.71
N LEU E 171 23.26 -2.91 -19.10
CA LEU E 171 22.22 -3.90 -18.82
C LEU E 171 22.53 -4.64 -17.52
N GLU E 172 23.80 -5.04 -17.33
CA GLU E 172 24.24 -5.63 -16.07
C GLU E 172 24.05 -4.63 -14.90
N THR E 173 24.64 -3.45 -15.03
CA THR E 173 24.62 -2.46 -14.00
C THR E 173 23.19 -2.17 -13.49
N LEU E 174 22.26 -2.04 -14.41
CA LEU E 174 20.90 -1.67 -14.10
C LEU E 174 20.08 -2.88 -13.62
N GLU E 175 20.71 -4.05 -13.54
CA GLU E 175 20.06 -5.27 -13.05
C GLU E 175 18.97 -5.83 -13.96
N ILE E 176 19.18 -5.71 -15.28
CA ILE E 176 18.22 -6.17 -16.27
C ILE E 176 18.63 -7.61 -16.69
N PRO E 177 17.82 -8.61 -16.25
CA PRO E 177 18.15 -9.99 -16.54
C PRO E 177 17.91 -10.30 -18.00
N LEU E 178 18.82 -11.09 -18.53
CA LEU E 178 18.84 -11.53 -19.93
C LEU E 178 18.84 -13.05 -20.06
N VAL E 179 18.11 -13.57 -21.05
CA VAL E 179 18.15 -14.99 -21.38
C VAL E 179 18.09 -15.12 -22.89
N GLY E 180 18.93 -16.01 -23.40
CA GLY E 180 18.89 -16.39 -24.80
C GLY E 180 17.87 -17.47 -25.09
N PHE E 181 17.00 -17.21 -26.03
CA PHE E 181 16.07 -18.20 -26.45
C PHE E 181 16.77 -19.16 -27.39
N ARG E 182 17.12 -20.34 -26.87
CA ARG E 182 17.87 -21.36 -27.57
C ARG E 182 19.16 -20.84 -28.20
N THR E 183 19.86 -20.01 -27.43
CA THR E 183 21.14 -19.51 -27.83
C THR E 183 21.92 -19.07 -26.59
N ASN E 184 23.26 -19.15 -26.66
CA ASN E 184 24.11 -18.59 -25.60
C ASN E 184 24.79 -17.30 -26.03
N GLU E 185 24.37 -16.74 -27.16
CA GLU E 185 25.01 -15.52 -27.71
C GLU E 185 24.07 -14.33 -27.80
N PHE E 186 24.51 -13.21 -27.23
CA PHE E 186 23.72 -11.97 -27.16
C PHE E 186 23.53 -11.50 -28.60
N PRO E 187 22.30 -11.44 -29.10
CA PRO E 187 22.06 -11.04 -30.48
C PRO E 187 22.12 -9.52 -30.70
N LEU E 188 22.48 -9.14 -31.92
CA LEU E 188 22.61 -7.72 -32.28
C LEU E 188 21.73 -7.42 -33.49
N PHE E 189 20.43 -7.62 -33.32
CA PHE E 189 19.44 -7.09 -34.25
C PHE E 189 19.63 -7.78 -35.60
N PHE E 190 20.26 -7.12 -36.58
CA PHE E 190 20.52 -7.73 -37.91
C PHE E 190 21.46 -8.96 -37.85
N SER E 191 22.30 -9.02 -36.81
CA SER E 191 23.33 -10.04 -36.71
C SER E 191 23.12 -10.88 -35.49
N ARG E 192 23.50 -12.13 -35.54
CA ARG E 192 23.58 -12.92 -34.31
C ARG E 192 24.94 -12.83 -33.56
N LYS E 193 26.01 -12.40 -34.24
CA LYS E 193 27.37 -12.47 -33.68
C LYS E 193 27.70 -11.24 -32.88
N SER E 194 27.84 -11.41 -31.58
CA SER E 194 28.37 -10.37 -30.70
C SER E 194 29.64 -10.80 -29.98
N GLY E 195 29.87 -12.10 -29.89
CA GLY E 195 30.91 -12.65 -29.04
C GLY E 195 30.60 -12.54 -27.55
N ARG E 196 29.35 -12.31 -27.15
CA ARG E 196 29.00 -12.05 -25.73
C ARG E 196 28.02 -13.12 -25.25
N ARG E 197 28.36 -13.81 -24.18
CA ARG E 197 27.59 -14.92 -23.70
C ARG E 197 26.41 -14.49 -22.82
N VAL E 198 25.27 -15.12 -23.03
CA VAL E 198 24.11 -15.01 -22.17
C VAL E 198 23.67 -16.43 -21.80
N PRO E 199 22.98 -16.58 -20.69
CA PRO E 199 22.41 -17.89 -20.34
C PRO E 199 21.38 -18.32 -21.38
N ARG E 200 21.31 -19.63 -21.60
CA ARG E 200 20.43 -20.19 -22.62
C ARG E 200 19.21 -20.83 -21.94
N ILE E 201 18.02 -20.55 -22.45
CA ILE E 201 16.88 -21.33 -22.07
C ILE E 201 16.33 -22.09 -23.29
N GLU E 202 15.65 -23.18 -23.02
CA GLU E 202 15.24 -24.11 -24.08
C GLU E 202 13.82 -23.94 -24.56
N ASN E 203 12.96 -23.44 -23.69
CA ASN E 203 11.57 -23.38 -24.01
C ASN E 203 10.85 -22.28 -23.22
N VAL E 204 9.61 -22.06 -23.63
CA VAL E 204 8.79 -21.03 -23.02
C VAL E 204 8.50 -21.25 -21.53
N GLU E 205 8.37 -22.52 -21.15
CA GLU E 205 8.18 -22.89 -19.72
C GLU E 205 9.35 -22.37 -18.84
N GLU E 206 10.59 -22.44 -19.34
CA GLU E 206 11.77 -21.94 -18.62
C GLU E 206 11.75 -20.44 -18.47
N VAL E 207 11.31 -19.72 -19.52
CA VAL E 207 11.08 -18.27 -19.44
C VAL E 207 10.12 -17.93 -18.31
N LEU E 208 8.99 -18.65 -18.27
CA LEU E 208 7.95 -18.34 -17.28
C LEU E 208 8.41 -18.67 -15.84
N LYS E 209 9.22 -19.69 -15.64
CA LYS E 209 9.79 -19.96 -14.30
C LYS E 209 10.64 -18.78 -13.79
N ILE E 210 11.49 -18.25 -14.67
CA ILE E 210 12.33 -17.13 -14.33
C ILE E 210 11.45 -15.93 -14.01
N TYR E 211 10.49 -15.62 -14.87
CA TYR E 211 9.61 -14.48 -14.72
C TYR E 211 8.80 -14.55 -13.44
N GLU E 212 8.20 -15.70 -13.18
CA GLU E 212 7.45 -15.90 -11.94
C GLU E 212 8.35 -15.77 -10.68
N SER E 213 9.60 -16.25 -10.74
CA SER E 213 10.55 -16.06 -9.64
C SER E 213 10.81 -14.57 -9.42
N LYS E 215 8.69 -12.04 -10.03
CA LYS E 215 7.55 -11.55 -9.31
C LYS E 215 7.59 -11.94 -7.84
N GLU E 216 7.92 -13.19 -7.54
CA GLU E 216 7.94 -13.66 -6.12
C GLU E 216 8.95 -12.89 -5.29
N GLU E 218 9.93 -9.83 -5.88
CA GLU E 218 9.76 -8.39 -6.09
C GLU E 218 10.96 -7.73 -6.82
N LEU E 219 11.45 -8.37 -7.88
CA LEU E 219 12.44 -7.78 -8.73
C LEU E 219 11.69 -7.07 -9.84
N GLU E 220 11.61 -5.74 -9.78
CA GLU E 220 10.86 -4.95 -10.79
C GLU E 220 11.80 -4.50 -11.91
N LYS E 221 11.97 -5.42 -12.88
CA LYS E 221 12.88 -5.29 -13.98
C LYS E 221 12.27 -6.01 -15.17
N THR E 222 12.63 -5.59 -16.38
CA THR E 222 12.23 -6.30 -17.57
C THR E 222 13.14 -7.50 -17.79
N LEU E 223 12.54 -8.65 -18.08
CA LEU E 223 13.26 -9.81 -18.54
C LEU E 223 13.39 -9.74 -20.06
N VAL E 225 14.08 -11.50 -23.20
CA VAL E 225 14.18 -12.79 -23.88
C VAL E 225 14.74 -12.52 -25.27
N LEU E 226 15.94 -13.02 -25.49
CA LEU E 226 16.71 -12.65 -26.68
C LEU E 226 16.53 -13.69 -27.78
N ASN E 227 15.97 -13.27 -28.91
CA ASN E 227 15.68 -14.12 -30.04
C ASN E 227 16.47 -13.62 -31.27
N PRO E 228 17.52 -14.33 -31.66
CA PRO E 228 18.32 -13.89 -32.80
C PRO E 228 17.55 -13.92 -34.12
N VAL E 229 18.01 -13.07 -35.02
CA VAL E 229 17.48 -13.02 -36.35
C VAL E 229 17.62 -14.43 -36.94
N PRO E 230 16.63 -14.86 -37.72
CA PRO E 230 16.76 -16.13 -38.41
C PRO E 230 18.04 -16.20 -39.24
N GLU E 231 18.68 -17.36 -39.17
CA GLU E 231 19.97 -17.61 -39.82
C GLU E 231 19.99 -17.24 -41.31
N GLU E 232 18.86 -17.45 -42.01
CA GLU E 232 18.73 -17.10 -43.44
C GLU E 232 18.97 -15.62 -43.75
N TYR E 233 18.62 -14.75 -42.80
CA TYR E 233 18.57 -13.29 -43.02
C TYR E 233 19.68 -12.54 -42.33
N GLU E 234 20.64 -13.26 -41.78
CA GLU E 234 21.61 -12.62 -40.94
C GLU E 234 22.64 -11.84 -41.76
N ILE E 235 23.06 -10.73 -41.17
CA ILE E 235 24.06 -9.86 -41.71
C ILE E 235 25.14 -9.73 -40.64
N PRO E 236 26.38 -10.16 -40.94
CA PRO E 236 27.50 -10.05 -39.99
C PRO E 236 27.72 -8.67 -39.36
N HIS E 237 27.69 -8.58 -38.03
CA HIS E 237 27.79 -7.29 -37.33
C HIS E 237 28.96 -6.41 -37.79
N ASP E 238 30.07 -7.05 -38.12
CA ASP E 238 31.30 -6.33 -38.49
C ASP E 238 31.18 -5.60 -39.84
N GLU E 239 30.55 -6.21 -40.84
CA GLU E 239 30.24 -5.49 -42.07
C GLU E 239 29.42 -4.22 -41.76
N ILE E 240 28.36 -4.41 -40.99
CA ILE E 240 27.49 -3.32 -40.55
C ILE E 240 28.27 -2.21 -39.80
N GLU E 241 29.15 -2.61 -38.88
CA GLU E 241 30.11 -1.68 -38.23
C GLU E 241 30.94 -0.85 -39.22
N ARG E 242 31.43 -1.50 -40.26
CA ARG E 242 32.27 -0.86 -41.27
C ARG E 242 31.47 0.17 -42.07
N LEU E 243 30.21 -0.14 -42.32
CA LEU E 243 29.31 0.82 -42.98
C LEU E 243 29.00 2.00 -42.05
N LEU E 244 28.63 1.71 -40.81
CA LEU E 244 28.32 2.78 -39.84
C LEU E 244 29.48 3.76 -39.66
N GLU E 245 30.72 3.29 -39.81
CA GLU E 245 31.89 4.20 -39.74
C GLU E 245 31.85 5.34 -40.77
N LYS E 246 31.49 5.01 -42.00
CA LYS E 246 31.54 5.97 -43.10
C LYS E 246 30.41 7.03 -43.08
N ILE E 247 29.43 6.86 -42.18
CA ILE E 247 28.26 7.75 -42.10
C ILE E 247 28.47 8.89 -41.09
N GLU E 248 28.30 10.13 -41.55
CA GLU E 248 28.29 11.28 -40.63
C GLU E 248 26.91 11.39 -39.98
N LEU E 249 26.88 11.35 -38.65
CA LEU E 249 25.67 11.61 -37.89
C LEU E 249 25.34 13.10 -37.98
N GLU E 250 24.37 13.44 -38.81
CA GLU E 250 24.02 14.83 -39.09
C GLU E 250 22.83 15.28 -38.26
N VAL E 251 22.44 14.48 -37.27
CA VAL E 251 21.29 14.78 -36.43
C VAL E 251 21.56 14.42 -34.95
N GLU E 252 20.60 14.72 -34.10
CA GLU E 252 20.72 14.38 -32.67
C GLU E 252 19.34 14.10 -32.11
N GLY E 253 19.32 13.72 -30.82
CA GLY E 253 18.07 13.39 -30.18
C GLY E 253 17.41 12.18 -30.83
N LYS E 254 16.10 12.24 -30.92
CA LYS E 254 15.30 11.06 -31.29
C LYS E 254 15.49 10.68 -32.75
N GLU E 255 16.00 11.62 -33.55
CA GLU E 255 16.23 11.40 -34.98
C GLU E 255 17.37 10.42 -35.31
N VAL E 256 18.24 10.15 -34.32
CA VAL E 256 19.47 9.40 -34.58
C VAL E 256 19.20 8.00 -35.11
N THR E 257 18.41 7.24 -34.37
CA THR E 257 18.15 5.85 -34.70
C THR E 257 17.49 5.68 -36.08
N PRO E 258 16.42 6.42 -36.40
CA PRO E 258 15.83 6.37 -37.75
C PRO E 258 16.74 6.88 -38.88
N PHE E 259 17.43 7.98 -38.59
CA PHE E 259 18.39 8.53 -39.50
C PHE E 259 19.39 7.46 -39.94
N LEU E 260 19.98 6.80 -38.95
CA LEU E 260 21.01 5.79 -39.20
C LEU E 260 20.47 4.51 -39.86
N LEU E 261 19.30 4.06 -39.41
CA LEU E 261 18.68 2.87 -40.00
C LEU E 261 18.32 3.06 -41.48
N LYS E 262 17.71 4.18 -41.83
CA LYS E 262 17.34 4.45 -43.24
C LYS E 262 18.57 4.53 -44.16
N LYS E 263 19.66 5.03 -43.59
CA LYS E 263 20.96 5.08 -44.26
C LYS E 263 21.54 3.67 -44.50
N LEU E 264 21.35 2.75 -43.56
CA LEU E 264 21.77 1.34 -43.72
C LEU E 264 20.99 0.58 -44.82
N VAL E 265 19.66 0.74 -44.84
CA VAL E 265 18.85 0.19 -45.97
C VAL E 265 19.42 0.65 -47.28
N GLU E 266 19.65 1.96 -47.34
CA GLU E 266 20.18 2.56 -48.52
C GLU E 266 21.50 1.92 -48.90
N THR E 268 22.76 -0.91 -48.00
CA THR E 268 22.67 -2.36 -48.20
C THR E 268 21.65 -2.78 -49.25
N ASN E 269 21.21 -1.87 -50.12
CA ASN E 269 20.20 -2.18 -51.12
C ASN E 269 19.04 -3.01 -50.54
N GLY E 270 18.48 -2.54 -49.42
CA GLY E 270 17.34 -3.19 -48.78
C GLY E 270 17.60 -4.44 -47.93
N ARG E 271 18.85 -4.85 -47.76
CA ARG E 271 19.14 -6.11 -47.04
C ARG E 271 18.65 -5.99 -45.60
N THR E 272 19.12 -4.96 -44.91
CA THR E 272 18.79 -4.76 -43.52
C THR E 272 17.28 -4.76 -43.26
N LEU E 273 16.50 -4.33 -44.26
CA LEU E 273 15.04 -4.24 -44.14
C LEU E 273 14.40 -5.62 -44.11
N LYS E 274 14.76 -6.47 -45.07
CA LYS E 274 14.24 -7.83 -45.13
C LYS E 274 14.51 -8.57 -43.81
N ALA E 275 15.70 -8.39 -43.27
CA ALA E 275 16.05 -9.00 -42.00
C ALA E 275 15.15 -8.48 -40.89
N ASN E 276 14.95 -7.15 -40.86
CA ASN E 276 14.12 -6.50 -39.86
C ASN E 276 12.74 -7.10 -39.81
N LEU E 277 12.15 -7.29 -40.98
CA LEU E 277 10.80 -7.86 -41.13
C LEU E 277 10.79 -9.32 -40.69
N ALA E 278 11.89 -10.02 -40.98
CA ALA E 278 12.02 -11.43 -40.60
C ALA E 278 12.13 -11.63 -39.07
N LEU E 279 12.94 -10.81 -38.42
CA LEU E 279 13.13 -10.94 -37.00
C LEU E 279 11.88 -10.42 -36.28
N LEU E 280 11.25 -9.37 -36.80
CA LEU E 280 10.02 -8.89 -36.21
C LEU E 280 8.95 -9.96 -36.20
N GLU E 281 8.79 -10.65 -37.32
CA GLU E 281 7.79 -11.73 -37.42
C GLU E 281 8.11 -12.91 -36.51
N GLU E 282 9.38 -13.33 -36.46
CA GLU E 282 9.77 -14.42 -35.54
C GLU E 282 9.61 -14.00 -34.07
N ASN E 283 9.96 -12.75 -33.78
CA ASN E 283 9.78 -12.25 -32.44
C ASN E 283 8.31 -12.26 -32.00
N VAL E 284 7.38 -11.86 -32.88
CA VAL E 284 5.93 -11.95 -32.59
C VAL E 284 5.48 -13.38 -32.29
N LYS E 285 5.97 -14.34 -33.05
CA LYS E 285 5.60 -15.73 -32.83
C LYS E 285 6.04 -16.17 -31.41
N LEU E 286 7.27 -15.82 -31.01
CA LEU E 286 7.79 -16.24 -29.70
C LEU E 286 7.04 -15.57 -28.54
N ALA E 287 6.80 -14.26 -28.66
CA ALA E 287 6.06 -13.52 -27.67
C ALA E 287 4.66 -14.09 -27.52
N GLY E 288 4.07 -14.43 -28.64
CA GLY E 288 2.77 -15.10 -28.68
C GLY E 288 2.78 -16.38 -27.86
N GLU E 289 3.74 -17.26 -28.11
CA GLU E 289 3.84 -18.53 -27.38
C GLU E 289 3.98 -18.27 -25.87
N ILE E 290 4.75 -17.26 -25.51
CA ILE E 290 4.95 -16.94 -24.11
C ILE E 290 3.68 -16.45 -23.47
N ALA E 291 2.98 -15.58 -24.16
CA ALA E 291 1.75 -14.98 -23.64
C ALA E 291 0.63 -16.02 -23.40
N VAL E 292 0.53 -16.97 -24.34
CA VAL E 292 -0.45 -18.03 -24.27
C VAL E 292 -0.19 -18.88 -23.02
N LYS E 293 1.05 -19.26 -22.81
CA LYS E 293 1.41 -20.08 -21.65
C LYS E 293 1.42 -19.30 -20.36
N LEU E 294 1.72 -18.00 -20.39
CA LEU E 294 1.67 -17.17 -19.18
C LEU E 294 0.27 -17.26 -18.53
N LYS E 295 -0.76 -17.18 -19.36
CA LYS E 295 -2.17 -17.24 -18.92
C LYS E 295 -2.55 -18.50 -18.15
N ARG E 296 -1.98 -19.62 -18.55
CA ARG E 296 -2.03 -20.82 -17.72
C ARG E 296 -0.93 -20.68 -16.66
N LYS F 5 -4.64 4.39 5.43
CA LYS F 5 -3.74 3.26 5.90
C LYS F 5 -2.63 3.76 6.87
N ILE F 6 -2.31 2.92 7.85
CA ILE F 6 -1.63 3.39 9.04
C ILE F 6 -0.12 3.50 8.90
N HIS F 7 0.33 4.72 8.98
CA HIS F 7 1.74 5.02 8.81
C HIS F 7 2.41 5.13 10.17
N HIS F 8 3.74 5.18 10.14
CA HIS F 8 4.53 5.32 11.35
C HIS F 8 4.37 6.70 11.96
N HIS F 9 4.66 6.79 13.25
CA HIS F 9 4.65 8.06 13.94
C HIS F 9 6.09 8.49 14.01
N HIS F 10 6.38 9.71 13.57
CA HIS F 10 7.73 10.20 13.60
C HIS F 10 8.26 10.50 15.00
N HIS F 11 9.54 10.22 15.28
CA HIS F 11 10.26 10.68 16.50
C HIS F 11 11.47 11.57 16.20
N HIS F 12 12.38 11.09 15.33
CA HIS F 12 13.62 11.81 15.05
C HIS F 12 13.45 12.94 14.07
N VAL F 13 12.57 12.75 13.10
CA VAL F 13 12.47 13.69 12.02
C VAL F 13 11.28 14.58 12.34
N ILE F 14 11.59 15.75 12.89
CA ILE F 14 10.61 16.79 13.21
C ILE F 14 10.49 17.69 12.01
N ILE F 15 9.28 17.80 11.47
CA ILE F 15 9.01 18.71 10.40
C ILE F 15 8.04 19.74 10.96
N GLU F 16 8.45 20.99 10.95
CA GLU F 16 7.57 22.04 11.34
C GLU F 16 7.18 22.73 10.06
N SER F 17 5.92 22.58 9.68
CA SER F 17 5.38 23.19 8.48
C SER F 17 4.54 24.40 8.84
N ARG F 18 4.75 25.48 8.11
CA ARG F 18 3.98 26.67 8.34
C ARG F 18 3.11 26.97 7.15
N ILE F 19 2.69 25.90 6.48
CA ILE F 19 1.89 25.99 5.28
CA ILE F 19 1.87 25.99 5.28
C ILE F 19 0.44 25.60 5.58
N GLU F 20 -0.51 26.41 5.11
CA GLU F 20 -1.92 25.99 5.14
C GLU F 20 -2.23 25.11 3.90
N LYS F 21 -2.83 23.95 4.13
CA LYS F 21 -3.09 22.98 3.05
C LYS F 21 -4.11 23.49 2.02
N GLY F 22 -4.92 24.48 2.42
CA GLY F 22 -5.94 25.10 1.56
C GLY F 22 -5.56 26.44 0.95
N LYS F 23 -4.30 26.82 1.05
CA LYS F 23 -3.77 28.01 0.36
C LYS F 23 -2.68 27.51 -0.60
N PRO F 24 -2.51 28.14 -1.76
CA PRO F 24 -1.46 27.71 -2.68
C PRO F 24 -0.05 27.82 -2.06
N VAL F 25 0.88 26.97 -2.49
CA VAL F 25 2.23 26.95 -1.90
C VAL F 25 3.28 26.62 -2.96
N VAL F 26 4.41 27.34 -2.88
CA VAL F 26 5.58 27.14 -3.70
C VAL F 26 6.72 26.89 -2.72
N GLY F 27 7.37 25.75 -2.85
CA GLY F 27 8.62 25.43 -2.13
C GLY F 27 9.84 26.06 -2.74
N GLU F 29 14.35 26.33 -2.15
CA GLU F 29 15.58 25.88 -1.48
C GLU F 29 16.19 26.97 -0.59
N THR F 30 17.09 26.57 0.30
CA THR F 30 17.84 27.54 1.07
C THR F 30 19.26 27.78 0.58
N THR F 31 19.86 26.88 -0.18
CA THR F 31 21.26 27.09 -0.50
C THR F 31 21.45 28.30 -1.39
N VAL F 32 20.49 28.59 -2.26
CA VAL F 32 20.60 29.86 -3.04
C VAL F 32 20.83 31.08 -2.12
N PHE F 33 20.11 31.13 -1.00
CA PHE F 33 20.23 32.25 -0.08
C PHE F 33 21.51 32.23 0.73
N VAL F 34 21.97 31.05 1.12
CA VAL F 34 23.07 30.90 2.09
C VAL F 34 24.44 30.77 1.44
N HIS F 35 24.49 30.03 0.35
CA HIS F 35 25.75 29.72 -0.36
C HIS F 35 25.80 30.32 -1.76
N GLY F 36 24.66 30.67 -2.36
CA GLY F 36 24.61 31.01 -3.79
C GLY F 36 24.49 32.48 -4.12
N LEU F 37 24.40 33.33 -3.06
CA LEU F 37 24.30 34.76 -3.21
C LEU F 37 25.00 35.52 -2.03
N PRO F 38 25.45 36.74 -2.26
CA PRO F 38 25.93 37.55 -1.13
C PRO F 38 24.74 37.84 -0.21
N ARG F 39 24.99 38.01 1.09
CA ARG F 39 23.94 38.22 2.10
C ARG F 39 22.93 39.33 1.78
N LYS F 40 23.42 40.46 1.30
CA LYS F 40 22.54 41.64 1.08
C LYS F 40 21.49 41.31 0.03
N GLU F 41 21.95 40.77 -1.09
CA GLU F 41 21.09 40.45 -2.21
C GLU F 41 20.21 39.26 -1.83
N ALA F 42 20.76 38.30 -1.08
CA ALA F 42 19.98 37.14 -0.62
C ALA F 42 18.74 37.59 0.19
N ILE F 43 18.92 38.49 1.15
CA ILE F 43 17.79 38.99 1.99
C ILE F 43 16.82 39.84 1.18
N GLU F 44 17.37 40.65 0.29
CA GLU F 44 16.56 41.49 -0.55
C GLU F 44 15.70 40.55 -1.42
N LEU F 45 16.29 39.45 -1.90
CA LEU F 45 15.54 38.51 -2.74
C LEU F 45 14.39 37.85 -1.97
N PHE F 46 14.70 37.38 -0.76
CA PHE F 46 13.73 36.76 0.12
C PHE F 46 12.54 37.66 0.35
N ARG F 47 12.81 38.93 0.65
CA ARG F 47 11.76 39.93 0.90
C ARG F 47 10.92 40.17 -0.34
N ARG F 48 11.57 40.24 -1.51
CA ARG F 48 10.87 40.43 -2.78
C ARG F 48 9.96 39.25 -3.11
N ALA F 49 10.49 38.06 -2.88
CA ALA F 49 9.72 36.85 -3.11
C ALA F 49 8.51 36.82 -2.19
N LYS F 50 8.69 37.23 -0.94
CA LYS F 50 7.54 37.31 -0.03
C LYS F 50 6.52 38.30 -0.54
N GLU F 51 6.99 39.44 -1.02
CA GLU F 51 6.11 40.49 -1.57
C GLU F 51 5.28 39.90 -2.76
N ILE F 52 5.95 39.19 -3.66
CA ILE F 52 5.28 38.54 -4.80
C ILE F 52 4.27 37.49 -4.36
N SER F 53 4.60 36.71 -3.34
CA SER F 53 3.64 35.74 -2.79
C SER F 53 2.37 36.45 -2.28
N ARG F 54 2.54 37.61 -1.67
CA ARG F 54 1.40 38.37 -1.19
C ARG F 54 0.61 38.99 -2.35
N GLU F 55 1.32 39.57 -3.31
CA GLU F 55 0.70 40.12 -4.52
C GLU F 55 -0.12 39.06 -5.26
N LYS F 56 0.41 37.83 -5.41
CA LYS F 56 -0.27 36.78 -6.20
C LYS F 56 -1.18 35.84 -5.41
N GLY F 57 -1.08 35.83 -4.08
CA GLY F 57 -1.94 34.98 -3.24
C GLY F 57 -1.47 33.55 -3.05
N PHE F 58 -0.15 33.37 -2.89
CA PHE F 58 0.40 32.08 -2.57
C PHE F 58 1.35 32.17 -1.39
N GLN F 59 1.65 31.01 -0.78
CA GLN F 59 2.60 30.90 0.33
C GLN F 59 3.96 30.53 -0.24
N LEU F 60 4.98 31.32 0.07
CA LEU F 60 6.34 30.95 -0.30
C LEU F 60 6.94 30.19 0.87
N ALA F 61 7.19 28.92 0.65
CA ALA F 61 7.71 28.05 1.72
C ALA F 61 9.19 27.80 1.45
N VAL F 62 10.04 28.67 2.01
CA VAL F 62 11.50 28.44 1.99
C VAL F 62 11.80 27.31 2.98
N ILE F 63 12.48 26.28 2.49
CA ILE F 63 12.75 25.04 3.22
C ILE F 63 14.19 24.98 3.66
N GLY F 64 14.42 24.75 4.94
CA GLY F 64 15.78 24.59 5.44
C GLY F 64 15.74 23.72 6.68
N ILE F 65 16.92 23.44 7.20
CA ILE F 65 17.08 22.65 8.42
C ILE F 65 17.76 23.54 9.46
N LEU F 66 17.05 23.75 10.57
CA LEU F 66 17.55 24.57 11.68
C LEU F 66 17.82 23.64 12.88
N LYS F 67 19.11 23.51 13.20
CA LYS F 67 19.58 22.61 14.26
C LYS F 67 18.87 21.26 14.24
N GLY F 68 18.81 20.67 13.05
CA GLY F 68 18.26 19.34 12.86
C GLY F 68 16.78 19.28 12.62
N LYS F 69 16.06 20.40 12.83
CA LYS F 69 14.62 20.45 12.62
C LYS F 69 14.34 20.93 11.19
N ILE F 70 13.52 20.20 10.44
CA ILE F 70 13.13 20.61 9.08
C ILE F 70 12.03 21.64 9.15
N VAL F 71 12.25 22.81 8.55
CA VAL F 71 11.27 23.89 8.61
C VAL F 71 10.86 24.20 7.19
N ALA F 72 9.56 24.13 6.94
CA ALA F 72 8.99 24.56 5.66
C ALA F 72 8.23 25.83 5.90
N GLY F 73 8.79 26.94 5.38
CA GLY F 73 8.27 28.26 5.62
C GLY F 73 9.12 29.03 6.63
N SER F 75 11.27 32.05 8.30
CA SER F 75 11.18 33.49 8.38
C SER F 75 12.50 34.15 8.02
N GLU F 76 12.45 35.46 7.77
CA GLU F 76 13.65 36.25 7.49
C GLU F 76 14.66 36.08 8.63
N GLU F 77 14.13 36.11 9.85
CA GLU F 77 14.94 36.03 11.06
C GLU F 77 15.71 34.71 11.14
N GLU F 78 15.01 33.64 10.77
CA GLU F 78 15.63 32.32 10.73
C GLU F 78 16.69 32.22 9.67
N LEU F 79 16.43 32.79 8.50
CA LEU F 79 17.41 32.81 7.43
C LEU F 79 18.66 33.58 7.83
N GLU F 80 18.43 34.73 8.42
CA GLU F 80 19.54 35.54 8.93
C GLU F 80 20.39 34.74 9.93
N ALA F 81 19.73 34.03 10.84
CA ALA F 81 20.42 33.29 11.88
C ALA F 81 21.20 32.15 11.25
N ARG F 84 24.38 33.76 9.74
CA ARG F 84 25.45 34.10 10.65
C ARG F 84 25.96 32.87 11.43
N GLU F 85 25.12 31.87 11.68
CA GLU F 85 25.55 30.66 12.38
C GLU F 85 26.32 29.71 11.46
N GLY F 86 26.04 29.77 10.17
CA GLY F 86 26.56 28.80 9.21
C GLY F 86 25.64 27.60 9.02
N ALA F 87 25.68 26.98 7.84
CA ALA F 87 24.88 25.81 7.55
C ALA F 87 25.55 25.02 6.45
N ASP F 88 25.55 23.70 6.60
CA ASP F 88 26.02 22.80 5.53
C ASP F 88 25.12 22.88 4.32
N LYS F 89 25.69 22.73 3.13
CA LYS F 89 24.93 22.58 1.92
C LYS F 89 24.53 21.09 1.82
N VAL F 90 23.24 20.81 1.70
CA VAL F 90 22.77 19.44 1.69
C VAL F 90 21.88 19.10 0.50
N GLY F 91 22.22 18.02 -0.20
CA GLY F 91 21.29 17.34 -1.07
C GLY F 91 20.57 16.28 -0.29
N THR F 92 19.82 15.48 -1.01
CA THR F 92 18.99 14.47 -0.37
C THR F 92 19.69 13.56 0.60
N ARG F 93 20.86 13.02 0.20
CA ARG F 93 21.50 11.95 1.02
C ARG F 93 22.07 12.49 2.31
N GLU F 94 22.26 13.82 2.37
CA GLU F 94 22.79 14.50 3.54
C GLU F 94 21.72 14.88 4.58
N ILE F 95 20.45 14.80 4.19
CA ILE F 95 19.39 15.13 5.15
C ILE F 95 19.48 14.32 6.44
N PRO F 96 19.57 13.00 6.36
CA PRO F 96 19.58 12.20 7.58
C PRO F 96 20.73 12.49 8.53
N ILE F 97 21.87 12.86 7.95
CA ILE F 97 23.10 13.10 8.67
CA ILE F 97 23.06 13.06 8.77
C ILE F 97 22.91 14.37 9.53
N VAL F 98 22.46 15.44 8.86
CA VAL F 98 22.28 16.74 9.55
C VAL F 98 21.09 16.71 10.54
N VAL F 99 20.02 15.99 10.20
CA VAL F 99 18.95 15.78 11.16
C VAL F 99 19.46 15.08 12.42
N ALA F 100 20.19 13.98 12.26
CA ALA F 100 20.68 13.22 13.41
C ALA F 100 21.69 14.02 14.21
N GLU F 101 22.49 14.84 13.54
CA GLU F 101 23.51 15.63 14.21
C GLU F 101 23.00 16.95 14.78
N GLY F 102 21.77 17.35 14.49
CA GLY F 102 21.24 18.61 15.00
C GLY F 102 21.93 19.82 14.40
N LYS F 103 22.30 19.74 13.13
CA LYS F 103 22.99 20.85 12.47
C LYS F 103 22.07 21.70 11.64
N ASN F 104 22.46 22.95 11.42
CA ASN F 104 21.82 23.76 10.39
C ASN F 104 22.17 23.21 9.01
N ALA F 105 21.26 23.28 8.06
CA ALA F 105 21.57 22.92 6.67
C ALA F 105 20.72 23.68 5.67
N ALA F 106 21.36 24.10 4.58
CA ALA F 106 20.71 24.71 3.46
C ALA F 106 20.53 23.67 2.36
N THR F 107 19.29 23.53 1.91
CA THR F 107 18.93 22.51 0.91
C THR F 107 19.20 22.95 -0.52
N THR F 108 19.63 21.99 -1.34
CA THR F 108 19.67 22.21 -2.79
C THR F 108 18.30 21.80 -3.35
N VAL F 109 18.18 21.80 -4.68
CA VAL F 109 16.99 21.33 -5.36
C VAL F 109 16.62 19.89 -4.97
N SER F 110 17.59 18.99 -4.96
CA SER F 110 17.29 17.60 -4.67
C SER F 110 16.60 17.48 -3.27
N ALA F 111 17.18 18.08 -2.25
CA ALA F 111 16.61 17.95 -0.92
C ALA F 111 15.25 18.66 -0.81
N THR F 112 15.13 19.77 -1.55
CA THR F 112 13.90 20.56 -1.47
C THR F 112 12.74 19.78 -2.09
N ILE F 113 12.99 19.22 -3.27
CA ILE F 113 11.97 18.40 -3.96
C ILE F 113 11.64 17.18 -3.11
N PHE F 114 12.68 16.50 -2.61
CA PHE F 114 12.50 15.33 -1.74
C PHE F 114 11.59 15.64 -0.52
N LEU F 115 11.92 16.69 0.20
CA LEU F 115 11.11 17.11 1.33
C LEU F 115 9.73 17.64 0.93
N SER F 116 9.64 18.41 -0.15
CA SER F 116 8.36 18.95 -0.60
C SER F 116 7.38 17.79 -0.87
N ARG F 117 7.92 16.72 -1.44
CA ARG F 117 7.11 15.55 -1.77
C ARG F 117 6.52 14.90 -0.52
N ARG F 118 7.21 15.04 0.60
CA ARG F 118 6.77 14.43 1.84
C ARG F 118 5.89 15.30 2.69
N ILE F 119 5.75 16.57 2.33
CA ILE F 119 4.89 17.44 3.09
C ILE F 119 3.79 18.08 2.27
N GLY F 120 3.58 17.59 1.05
CA GLY F 120 2.45 17.99 0.23
C GLY F 120 2.64 19.25 -0.58
N ILE F 121 3.89 19.65 -0.80
CA ILE F 121 4.16 20.76 -1.69
C ILE F 121 4.46 20.23 -3.10
N GLU F 122 3.73 20.73 -4.10
CA GLU F 122 3.78 20.20 -5.45
C GLU F 122 4.53 21.08 -6.42
N VAL F 123 4.68 22.36 -6.10
CA VAL F 123 5.39 23.30 -6.95
C VAL F 123 6.67 23.77 -6.23
N VAL F 124 7.81 23.72 -6.93
CA VAL F 124 9.10 24.14 -6.39
C VAL F 124 9.74 25.10 -7.38
N VAL F 125 10.42 26.11 -6.85
CA VAL F 125 11.08 27.10 -7.67
C VAL F 125 12.59 27.10 -7.39
N THR F 126 13.37 27.23 -8.45
CA THR F 126 14.81 27.47 -8.30
C THR F 126 15.27 28.44 -9.40
N GLY F 127 16.55 28.71 -9.41
CA GLY F 127 17.20 29.48 -10.48
C GLY F 127 17.60 28.56 -11.60
N GLY F 128 18.58 27.71 -11.33
CA GLY F 128 18.96 26.64 -12.29
C GLY F 128 19.30 25.39 -11.53
N THR F 129 19.04 24.22 -12.12
CA THR F 129 19.37 22.97 -11.47
C THR F 129 20.82 22.62 -11.67
N GLY F 130 21.27 21.66 -10.87
CA GLY F 130 22.53 21.02 -11.08
C GLY F 130 22.42 20.04 -12.24
N GLY F 131 23.51 19.33 -12.48
CA GLY F 131 23.54 18.40 -13.58
C GLY F 131 24.86 17.67 -13.64
N VAL F 132 25.24 17.33 -14.87
CA VAL F 132 26.54 16.76 -15.16
C VAL F 132 27.57 17.83 -15.33
N HIS F 133 28.61 17.77 -14.51
CA HIS F 133 29.73 18.71 -14.61
C HIS F 133 30.74 18.30 -15.69
N PRO F 134 31.53 19.26 -16.17
CA PRO F 134 32.62 18.92 -17.09
C PRO F 134 33.47 17.80 -16.54
N GLY F 135 33.81 16.87 -17.42
CA GLY F 135 34.46 15.60 -17.04
C GLY F 135 33.50 14.43 -16.93
N ARG F 136 32.23 14.74 -16.74
CA ARG F 136 31.13 13.75 -16.72
C ARG F 136 31.12 12.71 -15.61
N VAL F 137 31.88 12.96 -14.55
CA VAL F 137 31.91 12.07 -13.39
C VAL F 137 31.16 12.66 -12.19
N ASP F 138 31.24 13.96 -12.07
CA ASP F 138 30.57 14.74 -11.01
C ASP F 138 29.17 15.06 -11.51
N VAL F 139 28.18 14.43 -10.92
CA VAL F 139 26.78 14.54 -11.35
C VAL F 139 25.88 14.83 -10.18
N SER F 140 25.10 15.91 -10.30
CA SER F 140 24.25 16.34 -9.20
C SER F 140 23.20 15.31 -8.78
N GLN F 141 22.98 15.21 -7.45
CA GLN F 141 21.78 14.50 -6.94
C GLN F 141 20.49 15.08 -7.48
N ASP F 142 20.53 16.32 -7.93
CA ASP F 142 19.32 16.93 -8.54
C ASP F 142 18.73 16.05 -9.63
N LEU F 143 19.59 15.47 -10.49
CA LEU F 143 19.09 14.60 -11.57
C LEU F 143 18.45 13.31 -11.03
N THR F 144 19.12 12.66 -10.10
CA THR F 144 18.54 11.50 -9.43
C THR F 144 17.20 11.82 -8.81
N GLU F 145 17.10 12.96 -8.12
CA GLU F 145 15.87 13.29 -7.45
C GLU F 145 14.70 13.55 -8.42
N SER F 147 14.37 12.25 -11.23
CA SER F 147 14.00 10.99 -11.87
CA SER F 147 14.08 10.96 -11.84
C SER F 147 13.27 10.07 -10.89
N SER F 148 13.13 10.52 -9.63
CA SER F 148 12.57 9.69 -8.55
C SER F 148 11.33 10.30 -7.93
N SER F 149 11.13 11.61 -8.07
CA SER F 149 10.12 12.31 -7.28
C SER F 149 9.32 13.25 -8.12
N ARG F 150 8.03 13.25 -7.84
CA ARG F 150 7.11 14.08 -8.64
C ARG F 150 6.85 15.43 -8.02
N ALA F 151 7.02 16.46 -8.86
CA ALA F 151 6.78 17.84 -8.53
C ALA F 151 6.76 18.64 -9.84
N VAL F 152 6.28 19.87 -9.78
CA VAL F 152 6.50 20.83 -10.88
C VAL F 152 7.62 21.74 -10.42
N LEU F 153 8.71 21.75 -11.18
CA LEU F 153 9.87 22.60 -10.87
C LEU F 153 9.98 23.69 -11.94
N VAL F 154 9.88 24.95 -11.49
CA VAL F 154 10.18 26.12 -12.33
C VAL F 154 11.67 26.45 -12.18
N SER F 155 12.39 26.45 -13.30
CA SER F 155 13.79 26.83 -13.33
C SER F 155 14.11 27.49 -14.66
N SER F 156 15.27 28.10 -14.71
CA SER F 156 15.81 28.67 -15.94
C SER F 156 16.79 27.68 -16.55
N GLY F 157 16.40 26.41 -16.56
CA GLY F 157 17.23 25.35 -17.14
C GLY F 157 18.22 24.87 -16.12
N ILE F 158 19.46 24.66 -16.57
CA ILE F 158 20.52 24.13 -15.74
C ILE F 158 21.59 25.20 -15.60
N LYS F 159 22.39 25.07 -14.56
CA LYS F 159 23.44 26.04 -14.34
C LYS F 159 24.48 26.06 -15.45
N SER F 160 24.93 27.28 -15.74
CA SER F 160 25.82 27.55 -16.83
C SER F 160 27.19 26.91 -16.73
N ILE F 161 27.53 26.39 -15.56
CA ILE F 161 28.85 25.78 -15.28
C ILE F 161 28.93 24.29 -15.66
N LEU F 162 27.82 23.75 -16.14
CA LEU F 162 27.69 22.32 -16.38
C LEU F 162 28.12 21.93 -17.79
N ASP F 163 28.28 20.62 -18.01
CA ASP F 163 28.40 20.03 -19.32
C ASP F 163 26.98 20.00 -19.88
N VAL F 164 26.69 20.96 -20.75
CA VAL F 164 25.33 21.18 -21.22
C VAL F 164 24.79 19.99 -22.01
N GLU F 165 25.54 19.53 -23.01
CA GLU F 165 25.17 18.36 -23.81
C GLU F 165 24.91 17.10 -22.92
N ALA F 166 25.85 16.76 -22.06
CA ALA F 166 25.67 15.56 -21.20
C ALA F 166 24.47 15.67 -20.28
N THR F 167 24.26 16.87 -19.73
CA THR F 167 23.11 17.08 -18.85
C THR F 167 21.78 16.97 -19.60
N PHE F 168 21.70 17.62 -20.73
CA PHE F 168 20.48 17.61 -21.54
C PHE F 168 20.13 16.19 -21.99
N GLU F 169 21.14 15.45 -22.44
CA GLU F 169 20.93 14.05 -22.77
C GLU F 169 20.47 13.21 -21.57
N LEU F 171 18.86 14.14 -18.91
CA LEU F 171 17.50 14.50 -18.57
C LEU F 171 16.55 13.59 -19.35
N GLU F 172 16.83 13.38 -20.64
CA GLU F 172 16.03 12.47 -21.47
C GLU F 172 16.11 11.05 -20.96
N THR F 173 17.32 10.57 -20.76
CA THR F 173 17.54 9.17 -20.35
C THR F 173 16.78 8.86 -19.09
N LEU F 174 16.84 9.77 -18.14
CA LEU F 174 16.17 9.59 -16.85
C LEU F 174 14.63 9.80 -16.88
N GLU F 175 14.07 10.05 -18.07
CA GLU F 175 12.65 10.22 -18.29
C GLU F 175 12.07 11.47 -17.57
N ILE F 176 12.86 12.54 -17.56
CA ILE F 176 12.47 13.78 -16.95
C ILE F 176 11.85 14.72 -18.00
N PRO F 177 10.54 14.89 -17.96
CA PRO F 177 9.87 15.72 -18.95
C PRO F 177 10.17 17.20 -18.74
N LEU F 178 10.44 17.83 -19.87
CA LEU F 178 10.78 19.25 -20.02
C LEU F 178 9.76 19.96 -20.91
N VAL F 179 9.33 21.15 -20.50
CA VAL F 179 8.51 22.01 -21.36
C VAL F 179 9.01 23.47 -21.22
N GLY F 180 9.11 24.18 -22.33
CA GLY F 180 9.45 25.59 -22.30
C GLY F 180 8.21 26.43 -22.10
N PHE F 181 8.26 27.36 -21.15
CA PHE F 181 7.18 28.29 -20.96
C PHE F 181 7.31 29.36 -22.04
N ARG F 182 6.39 29.31 -23.00
CA ARG F 182 6.39 30.14 -24.18
C ARG F 182 7.75 30.26 -24.86
N THR F 183 8.46 29.16 -24.92
CA THR F 183 9.67 29.08 -25.71
C THR F 183 9.94 27.64 -26.12
N ASN F 184 10.57 27.45 -27.27
CA ASN F 184 11.08 26.15 -27.69
C ASN F 184 12.57 26.01 -27.42
N GLU F 185 13.15 26.96 -26.69
CA GLU F 185 14.58 26.95 -26.44
C GLU F 185 14.90 26.56 -25.02
N PHE F 186 15.68 25.47 -24.85
CA PHE F 186 16.13 25.06 -23.55
C PHE F 186 17.01 26.21 -22.98
N PRO F 187 16.60 26.84 -21.89
CA PRO F 187 17.36 27.95 -21.32
C PRO F 187 18.60 27.48 -20.57
N LEU F 188 19.58 28.36 -20.46
CA LEU F 188 20.82 28.05 -19.81
C LEU F 188 21.16 29.11 -18.77
N PHE F 189 20.29 29.25 -17.76
CA PHE F 189 20.58 30.03 -16.55
C PHE F 189 20.85 31.52 -16.90
N PHE F 190 22.12 31.96 -16.94
CA PHE F 190 22.45 33.34 -17.38
C PHE F 190 22.06 33.64 -18.86
N SER F 191 21.89 32.59 -19.65
CA SER F 191 21.71 32.69 -21.09
C SER F 191 20.30 32.19 -21.49
N ARG F 192 19.71 32.83 -22.46
CA ARG F 192 18.43 32.39 -22.98
C ARG F 192 18.59 31.18 -23.91
N LYS F 193 19.64 31.18 -24.72
CA LYS F 193 19.82 30.17 -25.75
C LYS F 193 20.93 29.20 -25.39
N SER F 194 20.63 27.93 -25.63
CA SER F 194 21.55 26.81 -25.47
C SER F 194 21.81 26.15 -26.82
N GLY F 195 20.86 26.24 -27.75
CA GLY F 195 20.93 25.52 -29.00
C GLY F 195 20.09 24.25 -28.96
N ARG F 196 19.47 23.97 -27.82
CA ARG F 196 18.66 22.75 -27.63
C ARG F 196 17.18 23.13 -27.62
N ARG F 197 16.41 22.31 -28.31
CA ARG F 197 14.97 22.46 -28.47
C ARG F 197 14.18 21.68 -27.43
N VAL F 198 13.12 22.30 -26.90
CA VAL F 198 12.12 21.64 -26.06
C VAL F 198 10.72 21.94 -26.57
N PRO F 199 9.74 21.11 -26.20
CA PRO F 199 8.35 21.42 -26.53
C PRO F 199 7.89 22.68 -25.83
N ARG F 200 7.14 23.51 -26.53
CA ARG F 200 6.71 24.77 -25.99
C ARG F 200 5.28 24.61 -25.47
N ILE F 201 4.98 25.22 -24.33
CA ILE F 201 3.59 25.40 -23.90
C ILE F 201 3.26 26.88 -23.72
N GLU F 202 1.98 27.21 -23.70
CA GLU F 202 1.57 28.61 -23.78
C GLU F 202 1.06 29.21 -22.47
N ASN F 203 0.67 28.38 -21.51
CA ASN F 203 0.12 28.92 -20.28
C ASN F 203 0.14 27.93 -19.16
N VAL F 204 -0.17 28.40 -17.95
CA VAL F 204 -0.16 27.53 -16.76
C VAL F 204 -1.16 26.37 -16.87
N GLU F 205 -2.26 26.60 -17.58
CA GLU F 205 -3.24 25.53 -17.81
C GLU F 205 -2.66 24.30 -18.52
N GLU F 206 -1.83 24.54 -19.52
CA GLU F 206 -1.11 23.50 -20.21
C GLU F 206 -0.20 22.73 -19.27
N VAL F 207 0.55 23.45 -18.44
CA VAL F 207 1.39 22.84 -17.47
C VAL F 207 0.58 21.92 -16.58
N LEU F 208 -0.57 22.37 -16.09
CA LEU F 208 -1.37 21.57 -15.16
C LEU F 208 -1.97 20.35 -15.82
N LYS F 209 -2.29 20.45 -17.11
CA LYS F 209 -2.79 19.29 -17.85
C LYS F 209 -1.72 18.18 -17.97
N ILE F 210 -0.47 18.59 -18.20
CA ILE F 210 0.66 17.65 -18.27
C ILE F 210 0.85 16.98 -16.90
N TYR F 211 0.90 17.80 -15.85
CA TYR F 211 1.18 17.36 -14.49
C TYR F 211 0.09 16.43 -14.01
N GLU F 212 -1.17 16.76 -14.25
CA GLU F 212 -2.29 15.89 -13.87
C GLU F 212 -2.29 14.58 -14.61
N SER F 213 -1.91 14.59 -15.89
CA SER F 213 -1.76 13.36 -16.68
C SER F 213 -0.70 12.45 -16.12
N LYS F 215 0.26 12.39 -12.96
CA LYS F 215 -0.32 11.74 -11.78
C LYS F 215 -1.19 10.58 -12.16
N GLU F 216 -2.12 10.77 -13.11
CA GLU F 216 -3.02 9.70 -13.52
C GLU F 216 -2.30 8.47 -14.07
N GLU F 218 0.70 7.49 -13.18
CA GLU F 218 1.73 7.09 -12.20
C GLU F 218 3.17 7.26 -12.72
N LEU F 219 3.44 8.42 -13.30
CA LEU F 219 4.77 8.78 -13.73
C LEU F 219 5.38 9.65 -12.64
N GLU F 220 6.26 9.03 -11.87
CA GLU F 220 6.88 9.67 -10.71
C GLU F 220 8.20 10.34 -11.12
N LYS F 221 8.06 11.52 -11.70
CA LYS F 221 9.18 12.26 -12.23
C LYS F 221 8.87 13.73 -11.99
N THR F 222 9.90 14.55 -11.94
CA THR F 222 9.69 16.00 -11.87
C THR F 222 9.41 16.58 -13.27
N LEU F 223 8.41 17.45 -13.39
CA LEU F 223 8.18 18.20 -14.61
C LEU F 223 8.97 19.53 -14.54
N VAL F 225 9.51 22.99 -15.80
CA VAL F 225 8.91 24.10 -16.53
C VAL F 225 10.00 25.13 -16.67
N LEU F 226 10.39 25.36 -17.91
CA LEU F 226 11.59 26.11 -18.23
C LEU F 226 11.28 27.57 -18.50
N ASN F 227 11.86 28.47 -17.71
CA ASN F 227 11.55 29.88 -17.82
C ASN F 227 12.87 30.68 -18.02
N PRO F 228 13.13 31.17 -19.23
CA PRO F 228 14.41 31.85 -19.51
C PRO F 228 14.60 33.14 -18.75
N VAL F 229 15.86 33.44 -18.41
CA VAL F 229 16.22 34.75 -17.86
C VAL F 229 15.67 35.92 -18.73
N PRO F 230 15.19 37.02 -18.14
CA PRO F 230 14.81 38.20 -18.92
C PRO F 230 15.92 38.70 -19.88
N GLU F 231 15.49 39.10 -21.08
CA GLU F 231 16.43 39.51 -22.10
C GLU F 231 17.34 40.63 -21.64
N GLU F 232 16.78 41.52 -20.84
CA GLU F 232 17.51 42.70 -20.37
C GLU F 232 18.82 42.35 -19.66
N TYR F 233 18.86 41.20 -18.98
CA TYR F 233 19.98 40.82 -18.13
C TYR F 233 20.75 39.65 -18.69
N GLU F 234 20.35 39.11 -19.82
CA GLU F 234 20.97 37.86 -20.25
C GLU F 234 22.42 38.09 -20.70
N ILE F 235 23.23 37.05 -20.56
CA ILE F 235 24.62 37.04 -21.01
C ILE F 235 24.76 35.86 -21.95
N PRO F 236 25.37 36.06 -23.11
CA PRO F 236 25.53 34.95 -24.06
C PRO F 236 26.42 33.84 -23.50
N HIS F 237 26.04 32.59 -23.71
CA HIS F 237 26.79 31.48 -23.13
C HIS F 237 28.25 31.42 -23.60
N ASP F 238 28.54 31.83 -24.84
CA ASP F 238 29.92 31.84 -25.33
C ASP F 238 30.82 32.67 -24.42
N GLU F 239 30.28 33.78 -23.89
CA GLU F 239 31.03 34.67 -23.01
C GLU F 239 31.27 34.00 -21.65
N ILE F 240 30.25 33.38 -21.09
CA ILE F 240 30.41 32.60 -19.85
C ILE F 240 31.42 31.46 -20.00
N GLU F 241 31.32 30.75 -21.12
CA GLU F 241 32.22 29.64 -21.39
C GLU F 241 33.69 30.07 -21.47
N ARG F 242 33.97 31.22 -22.06
CA ARG F 242 35.32 31.74 -22.14
C ARG F 242 35.85 32.08 -20.76
N LEU F 243 34.99 32.63 -19.90
CA LEU F 243 35.40 32.97 -18.54
C LEU F 243 35.72 31.69 -17.79
N LEU F 244 34.86 30.71 -17.90
CA LEU F 244 35.02 29.47 -17.17
C LEU F 244 36.29 28.74 -17.59
N GLU F 245 36.69 28.88 -18.84
CA GLU F 245 37.95 28.29 -19.35
C GLU F 245 39.16 28.90 -18.69
N LYS F 246 39.00 30.09 -18.10
CA LYS F 246 40.08 30.77 -17.39
C LYS F 246 40.16 30.51 -15.89
N ILE F 247 39.23 29.76 -15.31
CA ILE F 247 39.15 29.66 -13.86
C ILE F 247 39.72 28.31 -13.44
N GLU F 248 40.75 28.27 -12.58
CA GLU F 248 41.26 27.01 -12.02
C GLU F 248 40.29 26.54 -10.96
N LEU F 249 39.86 25.30 -11.08
CA LEU F 249 38.92 24.75 -10.13
C LEU F 249 39.69 24.27 -8.90
N GLU F 250 39.63 25.06 -7.85
CA GLU F 250 40.47 24.84 -6.67
C GLU F 250 39.79 23.97 -5.62
N VAL F 251 38.54 23.53 -5.88
CA VAL F 251 37.73 22.80 -4.94
C VAL F 251 37.03 21.63 -5.62
N GLU F 252 36.40 20.80 -4.80
CA GLU F 252 35.70 19.64 -5.29
C GLU F 252 34.42 19.42 -4.51
N GLY F 253 33.61 18.49 -4.98
CA GLY F 253 32.35 18.19 -4.30
C GLY F 253 31.35 19.33 -4.31
N LYS F 254 30.67 19.50 -3.19
CA LYS F 254 29.60 20.53 -3.05
C LYS F 254 30.07 21.97 -3.20
N GLU F 255 31.34 22.19 -2.94
CA GLU F 255 31.96 23.53 -3.09
C GLU F 255 32.04 24.01 -4.53
N VAL F 256 32.03 23.11 -5.52
CA VAL F 256 32.28 23.46 -6.94
C VAL F 256 31.33 24.55 -7.42
N THR F 257 30.04 24.35 -7.26
CA THR F 257 29.05 25.29 -7.77
C THR F 257 29.16 26.72 -7.17
N PRO F 258 29.08 26.88 -5.85
CA PRO F 258 29.28 28.20 -5.24
C PRO F 258 30.65 28.82 -5.53
N PHE F 259 31.70 28.00 -5.60
CA PHE F 259 33.01 28.54 -5.94
C PHE F 259 33.00 29.24 -7.32
N LEU F 260 32.47 28.54 -8.31
CA LEU F 260 32.49 29.02 -9.68
C LEU F 260 31.50 30.17 -9.87
N LEU F 261 30.33 30.11 -9.22
CA LEU F 261 29.40 31.26 -9.32
C LEU F 261 30.04 32.57 -8.80
N LYS F 262 30.76 32.46 -7.68
CA LYS F 262 31.46 33.58 -7.05
C LYS F 262 32.53 34.13 -7.94
N LYS F 263 33.34 33.25 -8.55
CA LYS F 263 34.35 33.71 -9.53
C LYS F 263 33.74 34.45 -10.72
N LEU F 264 32.60 33.96 -11.20
CA LEU F 264 31.94 34.63 -12.34
C LEU F 264 31.38 35.99 -11.95
N VAL F 265 30.86 36.12 -10.73
CA VAL F 265 30.44 37.46 -10.24
C VAL F 265 31.64 38.41 -10.25
N GLU F 266 32.77 37.94 -9.75
CA GLU F 266 33.96 38.78 -9.69
C GLU F 266 34.40 39.14 -11.12
N THR F 268 32.71 39.19 -13.95
CA THR F 268 31.76 39.96 -14.75
C THR F 268 31.30 41.26 -14.07
N ASN F 269 32.03 41.66 -13.04
CA ASN F 269 31.70 42.87 -12.25
C ASN F 269 30.23 42.99 -11.84
N GLY F 270 29.71 41.83 -11.39
CA GLY F 270 28.37 41.72 -10.83
C GLY F 270 27.29 41.43 -11.85
N ARG F 271 27.65 41.31 -13.13
CA ARG F 271 26.60 41.12 -14.15
C ARG F 271 25.94 39.75 -14.04
N THR F 272 26.71 38.70 -13.70
CA THR F 272 26.07 37.38 -13.57
C THR F 272 25.14 37.37 -12.37
N LEU F 273 25.53 38.09 -11.30
CA LEU F 273 24.70 38.21 -10.10
C LEU F 273 23.38 38.90 -10.38
N LYS F 274 23.40 40.00 -11.14
CA LYS F 274 22.17 40.67 -11.54
CA LYS F 274 22.17 40.66 -11.51
C LYS F 274 21.25 39.74 -12.34
N ALA F 275 21.81 39.01 -13.30
CA ALA F 275 21.05 38.04 -14.10
C ALA F 275 20.41 36.98 -13.22
N ASN F 276 21.23 36.42 -12.32
CA ASN F 276 20.80 35.37 -11.38
C ASN F 276 19.59 35.87 -10.57
N LEU F 277 19.69 37.10 -10.06
CA LEU F 277 18.61 37.67 -9.26
C LEU F 277 17.34 37.91 -10.08
N ALA F 278 17.51 38.39 -11.31
CA ALA F 278 16.36 38.63 -12.19
C ALA F 278 15.62 37.34 -12.52
N LEU F 279 16.37 36.27 -12.83
CA LEU F 279 15.72 35.01 -13.20
C LEU F 279 15.04 34.37 -11.97
N LEU F 280 15.64 34.51 -10.81
CA LEU F 280 15.02 34.02 -9.58
C LEU F 280 13.70 34.70 -9.32
N GLU F 281 13.65 36.01 -9.47
CA GLU F 281 12.43 36.73 -9.19
C GLU F 281 11.32 36.38 -10.19
N GLU F 282 11.68 36.30 -11.47
CA GLU F 282 10.72 35.93 -12.52
C GLU F 282 10.26 34.48 -12.34
N ASN F 283 11.16 33.60 -11.93
CA ASN F 283 10.77 32.21 -11.68
C ASN F 283 9.79 32.12 -10.52
N VAL F 284 9.98 32.93 -9.49
CA VAL F 284 9.05 32.94 -8.35
C VAL F 284 7.65 33.33 -8.83
N LYS F 285 7.60 34.33 -9.71
CA LYS F 285 6.34 34.77 -10.28
C LYS F 285 5.61 33.62 -11.00
N LEU F 286 6.31 32.92 -11.88
CA LEU F 286 5.68 31.86 -12.65
C LEU F 286 5.25 30.69 -11.76
N ALA F 287 6.11 30.31 -10.81
CA ALA F 287 5.82 29.20 -9.91
C ALA F 287 4.56 29.54 -9.11
N GLY F 288 4.48 30.80 -8.65
CA GLY F 288 3.29 31.27 -7.94
C GLY F 288 1.99 31.11 -8.73
N GLU F 289 2.02 31.48 -10.02
CA GLU F 289 0.85 31.37 -10.92
C GLU F 289 0.44 29.89 -11.09
N ILE F 290 1.44 29.00 -11.19
CA ILE F 290 1.17 27.55 -11.27
C ILE F 290 0.53 27.06 -9.99
N ALA F 291 1.10 27.45 -8.86
CA ALA F 291 0.59 26.97 -7.55
C ALA F 291 -0.86 27.46 -7.30
N VAL F 292 -1.14 28.69 -7.66
CA VAL F 292 -2.49 29.25 -7.50
C VAL F 292 -3.50 28.47 -8.34
N LYS F 293 -3.20 28.25 -9.61
CA LYS F 293 -4.09 27.47 -10.47
C LYS F 293 -4.17 25.99 -10.10
N LEU F 294 -3.07 25.41 -9.64
CA LEU F 294 -3.08 24.04 -9.18
C LEU F 294 -4.11 23.85 -8.05
N LYS F 295 -4.05 24.76 -7.10
CA LYS F 295 -4.83 24.71 -5.87
C LYS F 295 -6.34 24.81 -6.18
N ARG F 296 -6.70 25.46 -7.28
CA ARG F 296 -8.03 25.32 -7.87
C ARG F 296 -8.06 24.07 -8.75
#